data_6WSW
# 
_entry.id   6WSW 
# 
_audit_conform.dict_name       mmcif_pdbx.dic 
_audit_conform.dict_version    5.380 
_audit_conform.dict_location   http://mmcif.pdb.org/dictionaries/ascii/mmcif_pdbx.dic 
# 
loop_
_database_2.database_id 
_database_2.database_code 
_database_2.pdbx_database_accession 
_database_2.pdbx_DOI 
PDB   6WSW         pdb_00006wsw 10.2210/pdb6wsw/pdb 
WWPDB D_1000248892 ?            ?                   
# 
_pdbx_database_status.status_code                     REL 
_pdbx_database_status.status_code_sf                  REL 
_pdbx_database_status.status_code_mr                  ? 
_pdbx_database_status.entry_id                        6WSW 
_pdbx_database_status.recvd_initial_deposition_date   2020-05-01 
_pdbx_database_status.SG_entry                        N 
_pdbx_database_status.deposit_site                    RCSB 
_pdbx_database_status.process_site                    RCSB 
_pdbx_database_status.status_code_cs                  ? 
_pdbx_database_status.status_code_nmr_data            ? 
_pdbx_database_status.methods_development_category    ? 
_pdbx_database_status.pdb_format_compatible           Y 
# 
loop_
_audit_author.name 
_audit_author.pdbx_ordinal 
_audit_author.identifier_ORCID 
'Simmons, C.R.'      1 0000-0002-2290-6132 
'MacCulloch, T.'     2 0000-0001-5875-3361 
'Stephanopoulos, N.' 3 0000-0001-7859-410X 
'Yan, H.'            4 0000-0001-7397-9852 
# 
_citation.abstract                  ? 
_citation.abstract_id_CAS           ? 
_citation.book_id_ISBN              ? 
_citation.book_publisher            ? 
_citation.book_publisher_city       ? 
_citation.book_title                ? 
_citation.coordinate_linkage        ? 
_citation.country                   UK 
_citation.database_id_Medline       ? 
_citation.details                   ? 
_citation.id                        primary 
_citation.journal_abbrev            'Nat Commun' 
_citation.journal_id_ASTM           ? 
_citation.journal_id_CSD            ? 
_citation.journal_id_ISSN           2041-1723 
_citation.journal_full              ? 
_citation.journal_issue             ? 
_citation.journal_volume            13 
_citation.language                  ? 
_citation.page_first                3112 
_citation.page_last                 3112 
_citation.title                     'The influence of Holliday junction sequence and dynamics on DNA crystal self-assembly.' 
_citation.year                      2022 
_citation.database_id_CSD           ? 
_citation.pdbx_database_id_DOI      10.1038/s41467-022-30779-6 
_citation.pdbx_database_id_PubMed   35662248 
_citation.unpublished_flag          ? 
# 
loop_
_citation_author.citation_id 
_citation_author.name 
_citation_author.ordinal 
_citation_author.identifier_ORCID 
primary 'Simmons, C.R.'      1  ?                   
primary 'MacCulloch, T.'     2  ?                   
primary 'Krepl, M.'          3  0000-0002-9833-4281 
primary 'Matthies, M.'       4  ?                   
primary 'Buchberger, A.'     5  ?                   
primary 'Crawford, I.'       6  ?                   
primary 'Sponer, J.'         7  0000-0001-6558-6186 
primary 'Sulc, P.'           8  0000-0003-1565-6769 
primary 'Stephanopoulos, N.' 9  0000-0001-7859-410X 
primary 'Yan, H.'            10 0000-0001-7397-9852 
# 
_cell.angle_alpha                  90.000 
_cell.angle_alpha_esd              ? 
_cell.angle_beta                   90.000 
_cell.angle_beta_esd               ? 
_cell.angle_gamma                  120.000 
_cell.angle_gamma_esd              ? 
_cell.entry_id                     6WSW 
_cell.details                      ? 
_cell.formula_units_Z              ? 
_cell.length_a                     69.033 
_cell.length_a_esd                 ? 
_cell.length_b                     69.033 
_cell.length_b_esd                 ? 
_cell.length_c                     59.371 
_cell.length_c_esd                 ? 
_cell.volume                       ? 
_cell.volume_esd                   ? 
_cell.Z_PDB                        3 
_cell.reciprocal_angle_alpha       ? 
_cell.reciprocal_angle_beta        ? 
_cell.reciprocal_angle_gamma       ? 
_cell.reciprocal_angle_alpha_esd   ? 
_cell.reciprocal_angle_beta_esd    ? 
_cell.reciprocal_angle_gamma_esd   ? 
_cell.reciprocal_length_a          ? 
_cell.reciprocal_length_b          ? 
_cell.reciprocal_length_c          ? 
_cell.reciprocal_length_a_esd      ? 
_cell.reciprocal_length_b_esd      ? 
_cell.reciprocal_length_c_esd      ? 
_cell.pdbx_unique_axis             ? 
# 
_symmetry.entry_id                         6WSW 
_symmetry.cell_setting                     ? 
_symmetry.Int_Tables_number                145 
_symmetry.space_group_name_Hall            ? 
_symmetry.space_group_name_H-M             'P 32' 
_symmetry.pdbx_full_space_group_name_H-M   ? 
# 
loop_
_entity.id 
_entity.type 
_entity.src_method 
_entity.pdbx_description 
_entity.formula_weight 
_entity.pdbx_number_of_molecules 
_entity.pdbx_ec 
_entity.pdbx_mutation 
_entity.pdbx_fragment 
_entity.details 
1 polymer     syn 
;DNA (5'-D(*AP*AP*GP*CP*AP*GP*AP*CP*CP*TP*GP*AP*CP*TP*GP*CP*AP*CP*TP*CP*A)-3')
;
6401.164 1 ? ? ? ? 
2 polymer     syn 
;DNA (5'-D(P*AP*GP*TP*CP*A)-3')
;
1504.037 1 ? ? ? ? 
3 polymer     syn 
;DNA (5'-D(*TP*CP*TP*GP*AP*GP*TP*GP*C)-3')
;
2746.809 1 ? ? ? ? 
4 polymer     syn 
;DNA (5'-D(P*GP*GP*TP*CP*TP*GP*C)-3')
;
2129.409 1 ? ? ? ? 
5 non-polymer syn 'CACODYLATE ION'                                                                136.989  2 ? ? ? ? 
6 non-polymer syn 'MAGNESIUM ION'                                                                 24.305   1 ? ? ? ? 
# 
loop_
_entity_poly.entity_id 
_entity_poly.type 
_entity_poly.nstd_linkage 
_entity_poly.nstd_monomer 
_entity_poly.pdbx_seq_one_letter_code 
_entity_poly.pdbx_seq_one_letter_code_can 
_entity_poly.pdbx_strand_id 
_entity_poly.pdbx_target_identifier 
1 polydeoxyribonucleotide no no 
;(DA)(DA)(DG)(DC)(DA)(DG)(DA)(DC)(DC)(DT)(DG)(DA)(DC)(DT)(DG)(DC)(DA)(DC)(DT)(DC)
(DA)
;
AAGCAGACCTGACTGCACTCA A ? 
2 polydeoxyribonucleotide no no '(DA)(DG)(DT)(DC)(DA)'                                                                  AGTCA B ? 
3 polydeoxyribonucleotide no no '(DT)(DC)(DT)(DG)(DA)(DG)(DT)(DG)(DC)'                                                  TCTGAGTGC 
C ? 
4 polydeoxyribonucleotide no no '(DG)(DG)(DT)(DC)(DT)(DG)(DC)'                                                          GGTCTGC D 
? 
# 
loop_
_entity_poly_seq.entity_id 
_entity_poly_seq.num 
_entity_poly_seq.mon_id 
_entity_poly_seq.hetero 
1 1  DA n 
1 2  DA n 
1 3  DG n 
1 4  DC n 
1 5  DA n 
1 6  DG n 
1 7  DA n 
1 8  DC n 
1 9  DC n 
1 10 DT n 
1 11 DG n 
1 12 DA n 
1 13 DC n 
1 14 DT n 
1 15 DG n 
1 16 DC n 
1 17 DA n 
1 18 DC n 
1 19 DT n 
1 20 DC n 
1 21 DA n 
2 1  DA n 
2 2  DG n 
2 3  DT n 
2 4  DC n 
2 5  DA n 
3 1  DT n 
3 2  DC n 
3 3  DT n 
3 4  DG n 
3 5  DA n 
3 6  DG n 
3 7  DT n 
3 8  DG n 
3 9  DC n 
4 1  DG n 
4 2  DG n 
4 3  DT n 
4 4  DC n 
4 5  DT n 
4 6  DG n 
4 7  DC n 
# 
loop_
_pdbx_entity_src_syn.entity_id 
_pdbx_entity_src_syn.pdbx_src_id 
_pdbx_entity_src_syn.pdbx_alt_source_flag 
_pdbx_entity_src_syn.pdbx_beg_seq_num 
_pdbx_entity_src_syn.pdbx_end_seq_num 
_pdbx_entity_src_syn.organism_scientific 
_pdbx_entity_src_syn.organism_common_name 
_pdbx_entity_src_syn.ncbi_taxonomy_id 
_pdbx_entity_src_syn.details 
1 1 sample 1 21 'synthetic construct' ? 32630 ? 
2 1 sample 1 5  'synthetic construct' ? 32630 ? 
3 1 sample 1 9  'synthetic construct' ? 32630 ? 
4 1 sample 1 7  'synthetic construct' ? 32630 ? 
# 
loop_
_struct_ref.id 
_struct_ref.db_name 
_struct_ref.db_code 
_struct_ref.pdbx_db_accession 
_struct_ref.pdbx_db_isoform 
_struct_ref.entity_id 
_struct_ref.pdbx_seq_one_letter_code 
_struct_ref.pdbx_align_begin 
1 PDB 6WSW 6WSW ? 1 ? 1 
2 PDB 6WSW 6WSW ? 2 ? 1 
3 PDB 6WSW 6WSW ? 3 ? 1 
4 PDB 6WSW 6WSW ? 4 ? 1 
# 
loop_
_struct_ref_seq.align_id 
_struct_ref_seq.ref_id 
_struct_ref_seq.pdbx_PDB_id_code 
_struct_ref_seq.pdbx_strand_id 
_struct_ref_seq.seq_align_beg 
_struct_ref_seq.pdbx_seq_align_beg_ins_code 
_struct_ref_seq.seq_align_end 
_struct_ref_seq.pdbx_seq_align_end_ins_code 
_struct_ref_seq.pdbx_db_accession 
_struct_ref_seq.db_align_beg 
_struct_ref_seq.pdbx_db_align_beg_ins_code 
_struct_ref_seq.db_align_end 
_struct_ref_seq.pdbx_db_align_end_ins_code 
_struct_ref_seq.pdbx_auth_seq_align_beg 
_struct_ref_seq.pdbx_auth_seq_align_end 
1 1 6WSW A 1 ? 21 ? 6WSW 1  ? 21 ? 1  21 
2 2 6WSW B 1 ? 5  ? 6WSW 1  ? 5  ? 1  5  
3 3 6WSW C 1 ? 9  ? 6WSW 1  ? 9  ? 1  9  
4 4 6WSW D 1 ? 7  ? 6WSW 10 ? 16 ? 10 16 
# 
loop_
_chem_comp.id 
_chem_comp.type 
_chem_comp.mon_nstd_flag 
_chem_comp.name 
_chem_comp.pdbx_synonyms 
_chem_comp.formula 
_chem_comp.formula_weight 
CAC non-polymer   . 'CACODYLATE ION'                     dimethylarsinate 'C2 H6 As O2 -1'  136.989 
DA  'DNA linking' y "2'-DEOXYADENOSINE-5'-MONOPHOSPHATE" ?                'C10 H14 N5 O6 P' 331.222 
DC  'DNA linking' y "2'-DEOXYCYTIDINE-5'-MONOPHOSPHATE"  ?                'C9 H14 N3 O7 P'  307.197 
DG  'DNA linking' y "2'-DEOXYGUANOSINE-5'-MONOPHOSPHATE" ?                'C10 H14 N5 O7 P' 347.221 
DT  'DNA linking' y "THYMIDINE-5'-MONOPHOSPHATE"         ?                'C10 H15 N2 O8 P' 322.208 
MG  non-polymer   . 'MAGNESIUM ION'                      ?                'Mg 2'            24.305  
# 
_exptl.absorpt_coefficient_mu     ? 
_exptl.absorpt_correction_T_max   ? 
_exptl.absorpt_correction_T_min   ? 
_exptl.absorpt_correction_type    ? 
_exptl.absorpt_process_details    ? 
_exptl.entry_id                   6WSW 
_exptl.crystals_number            1 
_exptl.details                    ? 
_exptl.method                     'X-RAY DIFFRACTION' 
_exptl.method_details             ? 
# 
_exptl_crystal.colour                      ? 
_exptl_crystal.density_diffrn              ? 
_exptl_crystal.density_Matthews            6.39 
_exptl_crystal.density_method              ? 
_exptl_crystal.density_percent_sol         80.75 
_exptl_crystal.description                 ? 
_exptl_crystal.F_000                       ? 
_exptl_crystal.id                          1 
_exptl_crystal.preparation                 ? 
_exptl_crystal.size_max                    ? 
_exptl_crystal.size_mid                    ? 
_exptl_crystal.size_min                    ? 
_exptl_crystal.size_rad                    ? 
_exptl_crystal.colour_lustre               ? 
_exptl_crystal.colour_modifier             ? 
_exptl_crystal.colour_primary              ? 
_exptl_crystal.density_meas                ? 
_exptl_crystal.density_meas_esd            ? 
_exptl_crystal.density_meas_gt             ? 
_exptl_crystal.density_meas_lt             ? 
_exptl_crystal.density_meas_temp           ? 
_exptl_crystal.density_meas_temp_esd       ? 
_exptl_crystal.density_meas_temp_gt        ? 
_exptl_crystal.density_meas_temp_lt        ? 
_exptl_crystal.pdbx_crystal_image_url      ? 
_exptl_crystal.pdbx_crystal_image_format   ? 
_exptl_crystal.pdbx_mosaicity              ? 
_exptl_crystal.pdbx_mosaicity_esd          ? 
# 
_exptl_crystal_grow.apparatus       ? 
_exptl_crystal_grow.atmosphere      ? 
_exptl_crystal_grow.crystal_id      1 
_exptl_crystal_grow.details         ? 
_exptl_crystal_grow.method          'VAPOR DIFFUSION, SITTING DROP' 
_exptl_crystal_grow.method_ref      ? 
_exptl_crystal_grow.pH              ? 
_exptl_crystal_grow.pressure        ? 
_exptl_crystal_grow.pressure_esd    ? 
_exptl_crystal_grow.seeding         ? 
_exptl_crystal_grow.seeding_ref     ? 
_exptl_crystal_grow.temp            298 
_exptl_crystal_grow.temp_details    'temperature gradient generated from 60 to 25 C at 0.3 degrees per hour' 
_exptl_crystal_grow.temp_esd        ? 
_exptl_crystal_grow.time            ? 
_exptl_crystal_grow.pdbx_details    
;0.5 mL of 0.05 M Cacodylate pH 7.0 with18 mM MgCl2, 2.25 mM spermine, 0.9 mM CoH18N6, and 4.5% MPD was added to the reservoir with 2 uL added to the drop containing 4 uL of DNA stock
;
_exptl_crystal_grow.pdbx_pH_range   ? 
# 
_diffrn.ambient_environment              ? 
_diffrn.ambient_temp                     100 
_diffrn.ambient_temp_details             ? 
_diffrn.ambient_temp_esd                 ? 
_diffrn.crystal_id                       1 
_diffrn.crystal_support                  ? 
_diffrn.crystal_treatment                ? 
_diffrn.details                          ? 
_diffrn.id                               1 
_diffrn.ambient_pressure                 ? 
_diffrn.ambient_pressure_esd             ? 
_diffrn.ambient_pressure_gt              ? 
_diffrn.ambient_pressure_lt              ? 
_diffrn.ambient_temp_gt                  ? 
_diffrn.ambient_temp_lt                  ? 
_diffrn.pdbx_serial_crystal_experiment   N 
# 
_diffrn_detector.details                      ? 
_diffrn_detector.detector                     PIXEL 
_diffrn_detector.diffrn_id                    1 
_diffrn_detector.type                         'DECTRIS PILATUS3 6M' 
_diffrn_detector.area_resol_mean              ? 
_diffrn_detector.dtime                        ? 
_diffrn_detector.pdbx_frames_total            ? 
_diffrn_detector.pdbx_collection_time_total   ? 
_diffrn_detector.pdbx_collection_date         2018-04-15 
_diffrn_detector.pdbx_frequency               ? 
# 
_diffrn_radiation.collimation                      ? 
_diffrn_radiation.diffrn_id                        1 
_diffrn_radiation.filter_edge                      ? 
_diffrn_radiation.inhomogeneity                    ? 
_diffrn_radiation.monochromator                    ? 
_diffrn_radiation.polarisn_norm                    ? 
_diffrn_radiation.polarisn_ratio                   ? 
_diffrn_radiation.probe                            ? 
_diffrn_radiation.type                             ? 
_diffrn_radiation.xray_symbol                      ? 
_diffrn_radiation.wavelength_id                    1 
_diffrn_radiation.pdbx_monochromatic_or_laue_m_l   M 
_diffrn_radiation.pdbx_wavelength_list             ? 
_diffrn_radiation.pdbx_wavelength                  ? 
_diffrn_radiation.pdbx_diffrn_protocol             'SINGLE WAVELENGTH' 
_diffrn_radiation.pdbx_analyzer                    ? 
_diffrn_radiation.pdbx_scattering_type             x-ray 
# 
_diffrn_radiation_wavelength.id           1 
_diffrn_radiation_wavelength.wavelength   0.92 
_diffrn_radiation_wavelength.wt           1.0 
# 
_diffrn_source.current                     ? 
_diffrn_source.details                     ? 
_diffrn_source.diffrn_id                   1 
_diffrn_source.power                       ? 
_diffrn_source.size                        ? 
_diffrn_source.source                      SYNCHROTRON 
_diffrn_source.target                      ? 
_diffrn_source.type                        'ALS BEAMLINE 5.0.2' 
_diffrn_source.voltage                     ? 
_diffrn_source.take-off_angle              ? 
_diffrn_source.pdbx_wavelength_list        0.92 
_diffrn_source.pdbx_wavelength             ? 
_diffrn_source.pdbx_synchrotron_beamline   5.0.2 
_diffrn_source.pdbx_synchrotron_site       ALS 
# 
_reflns.B_iso_Wilson_estimate            121.700 
_reflns.entry_id                         6WSW 
_reflns.data_reduction_details           ? 
_reflns.data_reduction_method            ? 
_reflns.d_resolution_high                3.100 
_reflns.d_resolution_low                 50.000 
_reflns.details                          ? 
_reflns.limit_h_max                      ? 
_reflns.limit_h_min                      ? 
_reflns.limit_k_max                      ? 
_reflns.limit_k_min                      ? 
_reflns.limit_l_max                      ? 
_reflns.limit_l_min                      ? 
_reflns.number_all                       ? 
_reflns.number_obs                       4917 
_reflns.observed_criterion               ? 
_reflns.observed_criterion_F_max         ? 
_reflns.observed_criterion_F_min         ? 
_reflns.observed_criterion_I_max         ? 
_reflns.observed_criterion_I_min         ? 
_reflns.observed_criterion_sigma_F       ? 
_reflns.observed_criterion_sigma_I       ? 
_reflns.percent_possible_obs             87.300 
_reflns.R_free_details                   ? 
_reflns.Rmerge_F_all                     ? 
_reflns.Rmerge_F_obs                     ? 
_reflns.Friedel_coverage                 ? 
_reflns.number_gt                        ? 
_reflns.threshold_expression             ? 
_reflns.pdbx_redundancy                  9.400 
_reflns.pdbx_Rmerge_I_obs                0.067 
_reflns.pdbx_Rmerge_I_all                ? 
_reflns.pdbx_Rsym_value                  ? 
_reflns.pdbx_netI_over_av_sigmaI         ? 
_reflns.pdbx_netI_over_sigmaI            7.000 
_reflns.pdbx_res_netI_over_av_sigmaI_2   ? 
_reflns.pdbx_res_netI_over_sigmaI_2      ? 
_reflns.pdbx_chi_squared                 1.024 
_reflns.pdbx_scaling_rejects             ? 
_reflns.pdbx_d_res_high_opt              ? 
_reflns.pdbx_d_res_low_opt               ? 
_reflns.pdbx_d_res_opt_method            ? 
_reflns.phase_calculation_details        ? 
_reflns.pdbx_Rrim_I_all                  0.070 
_reflns.pdbx_Rpim_I_all                  0.022 
_reflns.pdbx_d_opt                       ? 
_reflns.pdbx_number_measured_all         ? 
_reflns.pdbx_diffrn_id                   1 
_reflns.pdbx_ordinal                     1 
_reflns.pdbx_CC_half                     0.99 
_reflns.pdbx_CC_star                     ? 
_reflns.pdbx_R_split                     ? 
# 
loop_
_reflns_shell.d_res_high 
_reflns_shell.d_res_low 
_reflns_shell.meanI_over_sigI_all 
_reflns_shell.meanI_over_sigI_obs 
_reflns_shell.number_measured_all 
_reflns_shell.number_measured_obs 
_reflns_shell.number_possible 
_reflns_shell.number_unique_all 
_reflns_shell.number_unique_obs 
_reflns_shell.percent_possible_all 
_reflns_shell.percent_possible_obs 
_reflns_shell.Rmerge_F_all 
_reflns_shell.Rmerge_F_obs 
_reflns_shell.Rmerge_I_all 
_reflns_shell.Rmerge_I_obs 
_reflns_shell.meanI_over_sigI_gt 
_reflns_shell.meanI_over_uI_all 
_reflns_shell.meanI_over_uI_gt 
_reflns_shell.number_measured_gt 
_reflns_shell.number_unique_gt 
_reflns_shell.percent_possible_gt 
_reflns_shell.Rmerge_F_gt 
_reflns_shell.Rmerge_I_gt 
_reflns_shell.pdbx_redundancy 
_reflns_shell.pdbx_Rsym_value 
_reflns_shell.pdbx_chi_squared 
_reflns_shell.pdbx_netI_over_sigmaI_all 
_reflns_shell.pdbx_netI_over_sigmaI_obs 
_reflns_shell.pdbx_Rrim_I_all 
_reflns_shell.pdbx_Rpim_I_all 
_reflns_shell.pdbx_rejects 
_reflns_shell.pdbx_ordinal 
_reflns_shell.pdbx_diffrn_id 
_reflns_shell.pdbx_CC_half 
_reflns_shell.pdbx_CC_star 
_reflns_shell.pdbx_R_split 
3.100 3.150  ? ? ? ? ? ? 136 50.600  ? ? ? ? 0.769 ? ? ? ? ? ? ? ? 6.400  ? 0.480 ? ? 0.825 0.292 ? 1  1 0.825 ? ? 
3.150 3.210  ? ? ? ? ? ? 148 56.900  ? ? ? ? 0.301 ? ? ? ? ? ? ? ? 6.700  ? 0.551 ? ? 0.323 0.115 ? 2  1 0.983 ? ? 
3.210 3.270  ? ? ? ? ? ? 176 59.900  ? ? ? ? 0.121 ? ? ? ? ? ? ? ? 8.000  ? 0.841 ? ? 0.128 0.039 ? 3  1 0.997 ? ? 
3.270 3.340  ? ? ? ? ? ? 212 70.200  ? ? ? ? 0.652 ? ? ? ? ? ? ? ? 8.200  ? 0.458 ? ? 0.690 0.221 ? 4  1 0.920 ? ? 
3.340 3.410  ? ? ? ? ? ? 200 73.500  ? ? ? ? 0.399 ? ? ? ? ? ? ? ? 9.000  ? 0.528 ? ? 0.420 0.131 ? 5  1 0.981 ? ? 
3.410 3.490  ? ? ? ? ? ? 226 75.300  ? ? ? ? 0.396 ? ? ? ? ? ? ? ? 8.600  ? 0.497 ? ? 0.419 0.133 ? 6  1 0.979 ? ? 
3.490 3.580  ? ? ? ? ? ? 214 82.000  ? ? ? ? 0.310 ? ? ? ? ? ? ? ? 9.100  ? 0.490 ? ? 0.327 0.103 ? 7  1 0.984 ? ? 
3.580 3.680  ? ? ? ? ? ? 249 87.100  ? ? ? ? 0.581 ? ? ? ? ? ? ? ? 8.600  ? 0.463 ? ? 0.615 0.197 ? 8  1 0.964 ? ? 
3.680 3.780  ? ? ? ? ? ? 272 92.500  ? ? ? ? 0.612 ? ? ? ? ? ? ? ? 8.500  ? 0.442 ? ? 0.649 0.215 ? 9  1 0.940 ? ? 
3.780 3.910  ? ? ? ? ? ? 270 97.500  ? ? ? ? 0.350 ? ? ? ? ? ? ? ? 8.900  ? 0.522 ? ? 0.370 0.120 ? 10 1 0.981 ? ? 
3.910 4.040  ? ? ? ? ? ? 269 98.900  ? ? ? ? 0.272 ? ? ? ? ? ? ? ? 9.100  ? 0.550 ? ? 0.287 0.092 ? 11 1 0.986 ? ? 
4.040 4.210  ? ? ? ? ? ? 274 100.000 ? ? ? ? 0.230 ? ? ? ? ? ? ? ? 10.200 ? 0.598 ? ? 0.242 0.073 ? 12 1 0.989 ? ? 
4.210 4.400  ? ? ? ? ? ? 293 100.000 ? ? ? ? 0.217 ? ? ? ? ? ? ? ? 10.500 ? 0.547 ? ? 0.228 0.069 ? 13 1 0.988 ? ? 
4.400 4.630  ? ? ? ? ? ? 280 100.000 ? ? ? ? 0.178 ? ? ? ? ? ? ? ? 10.400 ? 0.607 ? ? 0.187 0.057 ? 14 1 0.993 ? ? 
4.630 4.920  ? ? ? ? ? ? 290 100.000 ? ? ? ? 0.125 ? ? ? ? ? ? ? ? 10.100 ? 0.934 ? ? 0.132 0.041 ? 15 1 0.992 ? ? 
4.920 5.300  ? ? ? ? ? ? 283 100.000 ? ? ? ? 0.104 ? ? ? ? ? ? ? ? 9.900  ? 1.331 ? ? 0.109 0.035 ? 16 1 0.995 ? ? 
5.300 5.830  ? ? ? ? ? ? 275 100.000 ? ? ? ? 0.089 ? ? ? ? ? ? ? ? 10.800 ? 1.846 ? ? 0.093 0.028 ? 17 1 0.997 ? ? 
5.830 6.670  ? ? ? ? ? ? 282 100.000 ? ? ? ? 0.084 ? ? ? ? ? ? ? ? 10.600 ? 1.928 ? ? 0.089 0.027 ? 18 1 0.996 ? ? 
6.670 8.400  ? ? ? ? ? ? 289 100.000 ? ? ? ? 0.058 ? ? ? ? ? ? ? ? 9.900  ? 2.389 ? ? 0.061 0.019 ? 19 1 0.999 ? ? 
8.400 50.000 ? ? ? ? ? ? 279 98.900  ? ? ? ? 0.038 ? ? ? ? ? ? ? ? 10.100 ? 2.458 ? ? 0.040 0.013 ? 20 1 0.999 ? ? 
# 
_refine.aniso_B[1][1]                            ? 
_refine.aniso_B[1][2]                            ? 
_refine.aniso_B[1][3]                            ? 
_refine.aniso_B[2][2]                            ? 
_refine.aniso_B[2][3]                            ? 
_refine.aniso_B[3][3]                            ? 
_refine.B_iso_max                                268.190 
_refine.B_iso_mean                               145.7309 
_refine.B_iso_min                                77.940 
_refine.correlation_coeff_Fo_to_Fc               ? 
_refine.correlation_coeff_Fo_to_Fc_free          ? 
_refine.details                                  ? 
_refine.diff_density_max                         ? 
_refine.diff_density_max_esd                     ? 
_refine.diff_density_min                         ? 
_refine.diff_density_min_esd                     ? 
_refine.diff_density_rms                         ? 
_refine.diff_density_rms_esd                     ? 
_refine.entry_id                                 6WSW 
_refine.pdbx_refine_id                           'X-RAY DIFFRACTION' 
_refine.ls_abs_structure_details                 ? 
_refine.ls_abs_structure_Flack                   ? 
_refine.ls_abs_structure_Flack_esd               ? 
_refine.ls_abs_structure_Rogers                  ? 
_refine.ls_abs_structure_Rogers_esd              ? 
_refine.ls_d_res_high                            3.1200 
_refine.ls_d_res_low                             34.5170 
_refine.ls_extinction_coef                       ? 
_refine.ls_extinction_coef_esd                   ? 
_refine.ls_extinction_expression                 ? 
_refine.ls_extinction_method                     ? 
_refine.ls_goodness_of_fit_all                   ? 
_refine.ls_goodness_of_fit_all_esd               ? 
_refine.ls_goodness_of_fit_obs                   ? 
_refine.ls_goodness_of_fit_obs_esd               ? 
_refine.ls_hydrogen_treatment                    ? 
_refine.ls_matrix_type                           ? 
_refine.ls_number_constraints                    ? 
_refine.ls_number_parameters                     ? 
_refine.ls_number_reflns_all                     ? 
_refine.ls_number_reflns_obs                     4814 
_refine.ls_number_reflns_R_free                  489 
_refine.ls_number_reflns_R_work                  ? 
_refine.ls_number_restraints                     ? 
_refine.ls_percent_reflns_obs                    85.7300 
_refine.ls_percent_reflns_R_free                 10.1600 
_refine.ls_R_factor_all                          ? 
_refine.ls_R_factor_obs                          0.2381 
_refine.ls_R_factor_R_free                       0.2779 
_refine.ls_R_factor_R_free_error                 ? 
_refine.ls_R_factor_R_free_error_details         ? 
_refine.ls_R_factor_R_work                       0.2339 
_refine.ls_R_Fsqd_factor_obs                     ? 
_refine.ls_R_I_factor_obs                        ? 
_refine.ls_redundancy_reflns_all                 ? 
_refine.ls_redundancy_reflns_obs                 ? 
_refine.ls_restrained_S_all                      ? 
_refine.ls_restrained_S_obs                      ? 
_refine.ls_shift_over_esd_max                    ? 
_refine.ls_shift_over_esd_mean                   ? 
_refine.ls_structure_factor_coef                 ? 
_refine.ls_weighting_details                     ? 
_refine.ls_weighting_scheme                      ? 
_refine.ls_wR_factor_all                         ? 
_refine.ls_wR_factor_obs                         ? 
_refine.ls_wR_factor_R_free                      ? 
_refine.ls_wR_factor_R_work                      ? 
_refine.occupancy_max                            ? 
_refine.occupancy_min                            ? 
_refine.solvent_model_details                    ? 
_refine.solvent_model_param_bsol                 ? 
_refine.solvent_model_param_ksol                 ? 
_refine.pdbx_R_complete                          ? 
_refine.ls_R_factor_gt                           ? 
_refine.ls_goodness_of_fit_gt                    ? 
_refine.ls_goodness_of_fit_ref                   ? 
_refine.ls_shift_over_su_max                     ? 
_refine.ls_shift_over_su_max_lt                  ? 
_refine.ls_shift_over_su_mean                    ? 
_refine.ls_shift_over_su_mean_lt                 ? 
_refine.pdbx_ls_sigma_I                          ? 
_refine.pdbx_ls_sigma_F                          1.990 
_refine.pdbx_ls_sigma_Fsqd                       ? 
_refine.pdbx_data_cutoff_high_absF               ? 
_refine.pdbx_data_cutoff_high_rms_absF           ? 
_refine.pdbx_data_cutoff_low_absF                ? 
_refine.pdbx_isotropic_thermal_model             ? 
_refine.pdbx_ls_cross_valid_method               THROUGHOUT 
_refine.pdbx_method_to_determine_struct          'MOLECULAR REPLACEMENT' 
_refine.pdbx_starting_model                      5KEK 
_refine.pdbx_stereochemistry_target_values       ? 
_refine.pdbx_R_Free_selection_details            ? 
_refine.pdbx_stereochem_target_val_spec_case     ? 
_refine.pdbx_overall_ESU_R                       ? 
_refine.pdbx_overall_ESU_R_Free                  ? 
_refine.pdbx_solvent_vdw_probe_radii             1.1100 
_refine.pdbx_solvent_ion_probe_radii             ? 
_refine.pdbx_solvent_shrinkage_radii             0.9000 
_refine.pdbx_real_space_R                        ? 
_refine.pdbx_density_correlation                 ? 
_refine.pdbx_pd_number_of_powder_patterns        ? 
_refine.pdbx_pd_number_of_points                 ? 
_refine.pdbx_pd_meas_number_of_points            ? 
_refine.pdbx_pd_proc_ls_prof_R_factor            ? 
_refine.pdbx_pd_proc_ls_prof_wR_factor           ? 
_refine.pdbx_pd_Marquardt_correlation_coeff      ? 
_refine.pdbx_pd_Fsqrd_R_factor                   ? 
_refine.pdbx_pd_ls_matrix_band_width             ? 
_refine.pdbx_overall_phase_error                 47.9600 
_refine.pdbx_overall_SU_R_free_Cruickshank_DPI   ? 
_refine.pdbx_overall_SU_R_free_Blow_DPI          ? 
_refine.pdbx_overall_SU_R_Blow_DPI               ? 
_refine.pdbx_TLS_residual_ADP_flag               ? 
_refine.pdbx_diffrn_id                           1 
_refine.overall_SU_B                             ? 
_refine.overall_SU_ML                            0.4500 
_refine.overall_SU_R_Cruickshank_DPI             ? 
_refine.overall_SU_R_free                        ? 
_refine.overall_FOM_free_R_set                   ? 
_refine.overall_FOM_work_R_set                   ? 
_refine.pdbx_average_fsc_overall                 ? 
_refine.pdbx_average_fsc_work                    ? 
_refine.pdbx_average_fsc_free                    ? 
# 
_refine_hist.pdbx_refine_id                   'X-RAY DIFFRACTION' 
_refine_hist.cycle_id                         final 
_refine_hist.details                          ? 
_refine_hist.d_res_high                       3.1200 
_refine_hist.d_res_low                        34.5170 
_refine_hist.number_atoms_solvent             0 
_refine_hist.number_atoms_total               857 
_refine_hist.number_reflns_all                ? 
_refine_hist.number_reflns_obs                ? 
_refine_hist.number_reflns_R_free             ? 
_refine_hist.number_reflns_R_work             ? 
_refine_hist.R_factor_all                     ? 
_refine_hist.R_factor_obs                     ? 
_refine_hist.R_factor_R_free                  ? 
_refine_hist.R_factor_R_work                  ? 
_refine_hist.pdbx_number_residues_total       42 
_refine_hist.pdbx_B_iso_mean_ligand           145.44 
_refine_hist.pdbx_B_iso_mean_solvent          ? 
_refine_hist.pdbx_number_atoms_protein        0 
_refine_hist.pdbx_number_atoms_nucleic_acid   854 
_refine_hist.pdbx_number_atoms_ligand         3 
_refine_hist.pdbx_number_atoms_lipid          ? 
_refine_hist.pdbx_number_atoms_carb           ? 
_refine_hist.pdbx_pseudo_atom_details         ? 
# 
loop_
_refine_ls_restr.pdbx_refine_id 
_refine_ls_restr.criterion 
_refine_ls_restr.dev_ideal 
_refine_ls_restr.dev_ideal_target 
_refine_ls_restr.number 
_refine_ls_restr.rejects 
_refine_ls_restr.type 
_refine_ls_restr.weight 
_refine_ls_restr.pdbx_restraint_function 
'X-RAY DIFFRACTION' ? 0.004  ? 955  ? f_bond_d           ? ? 
'X-RAY DIFFRACTION' ? 0.660  ? 1465 ? f_angle_d          ? ? 
'X-RAY DIFFRACTION' ? 0.031  ? 166  ? f_chiral_restr     ? ? 
'X-RAY DIFFRACTION' ? 0.004  ? 42   ? f_plane_restr      ? ? 
'X-RAY DIFFRACTION' ? 35.413 ? 406  ? f_dihedral_angle_d ? ? 
# 
loop_
_refine_ls_shell.pdbx_refine_id 
_refine_ls_shell.d_res_high 
_refine_ls_shell.d_res_low 
_refine_ls_shell.number_reflns_all 
_refine_ls_shell.number_reflns_obs 
_refine_ls_shell.number_reflns_R_free 
_refine_ls_shell.number_reflns_R_work 
_refine_ls_shell.percent_reflns_obs 
_refine_ls_shell.percent_reflns_R_free 
_refine_ls_shell.R_factor_all 
_refine_ls_shell.R_factor_obs 
_refine_ls_shell.R_factor_R_free 
_refine_ls_shell.R_factor_R_free_error 
_refine_ls_shell.R_factor_R_work 
_refine_ls_shell.redundancy_reflns_all 
_refine_ls_shell.redundancy_reflns_obs 
_refine_ls_shell.wR_factor_all 
_refine_ls_shell.wR_factor_obs 
_refine_ls_shell.wR_factor_R_free 
_refine_ls_shell.wR_factor_R_work 
_refine_ls_shell.pdbx_R_complete 
_refine_ls_shell.pdbx_total_number_of_bins_used 
_refine_ls_shell.pdbx_phase_error 
_refine_ls_shell.pdbx_fsc_work 
_refine_ls_shell.pdbx_fsc_free 
'X-RAY DIFFRACTION' 3.12   3.5708 . . 123 1030 62.0000  . . . 0.3769 0.0000 0.3389 . . . . . . . . . . . 
'X-RAY DIFFRACTION' 3.5708 4.4973 . . 173 1605 95.0000  . . . 0.3408 0.0000 0.3456 . . . . . . . . . . . 
'X-RAY DIFFRACTION' 4.4973 34.517 . . 193 1690 100.0000 . . . 0.2513 0.0000 0.1953 . . . . . . . . . . . 
# 
_struct.entry_id                     6WSW 
_struct.title                        
'Self-assembly of a 3D DNA crystal lattice (4x5 duplex version) containing the J21 immobile Holliday junction' 
_struct.pdbx_model_details           ? 
_struct.pdbx_formula_weight          ? 
_struct.pdbx_formula_weight_method   ? 
_struct.pdbx_model_type_details      ? 
_struct.pdbx_CASP_flag               N 
# 
_struct_keywords.entry_id        6WSW 
_struct_keywords.text            
'Structural DNA nanotechnology, immobile Holliday junctions, 3D DNA self-assembly, designer DNA crystals, DNA' 
_struct_keywords.pdbx_keywords   DNA 
# 
loop_
_struct_asym.id 
_struct_asym.pdbx_blank_PDB_chainid_flag 
_struct_asym.pdbx_modified 
_struct_asym.entity_id 
_struct_asym.details 
A N N 1 ? 
B N N 2 ? 
C N N 3 ? 
D N N 4 ? 
E N N 5 ? 
F N N 6 ? 
G N N 5 ? 
# 
loop_
_struct_conn.id 
_struct_conn.conn_type_id 
_struct_conn.pdbx_leaving_atom_flag 
_struct_conn.pdbx_PDB_id 
_struct_conn.ptnr1_label_asym_id 
_struct_conn.ptnr1_label_comp_id 
_struct_conn.ptnr1_label_seq_id 
_struct_conn.ptnr1_label_atom_id 
_struct_conn.pdbx_ptnr1_label_alt_id 
_struct_conn.pdbx_ptnr1_PDB_ins_code 
_struct_conn.pdbx_ptnr1_standard_comp_id 
_struct_conn.ptnr1_symmetry 
_struct_conn.ptnr2_label_asym_id 
_struct_conn.ptnr2_label_comp_id 
_struct_conn.ptnr2_label_seq_id 
_struct_conn.ptnr2_label_atom_id 
_struct_conn.pdbx_ptnr2_label_alt_id 
_struct_conn.pdbx_ptnr2_PDB_ins_code 
_struct_conn.ptnr1_auth_asym_id 
_struct_conn.ptnr1_auth_comp_id 
_struct_conn.ptnr1_auth_seq_id 
_struct_conn.ptnr2_auth_asym_id 
_struct_conn.ptnr2_auth_comp_id 
_struct_conn.ptnr2_auth_seq_id 
_struct_conn.ptnr2_symmetry 
_struct_conn.pdbx_ptnr3_label_atom_id 
_struct_conn.pdbx_ptnr3_label_seq_id 
_struct_conn.pdbx_ptnr3_label_comp_id 
_struct_conn.pdbx_ptnr3_label_asym_id 
_struct_conn.pdbx_ptnr3_label_alt_id 
_struct_conn.pdbx_ptnr3_PDB_ins_code 
_struct_conn.details 
_struct_conn.pdbx_dist_value 
_struct_conn.pdbx_value_order 
_struct_conn.pdbx_role 
hydrog1  hydrog ? ? A DG 3  N1 ? ? ? 1_555 D DC 7 N3 ? ? A DG 3  D DC 16 1_555 ? ? ? ? ? ? WATSON-CRICK ? ? ? 
hydrog2  hydrog ? ? A DG 3  N2 ? ? ? 1_555 D DC 7 O2 ? ? A DG 3  D DC 16 1_555 ? ? ? ? ? ? WATSON-CRICK ? ? ? 
hydrog3  hydrog ? ? A DG 3  O6 ? ? ? 1_555 D DC 7 N4 ? ? A DG 3  D DC 16 1_555 ? ? ? ? ? ? WATSON-CRICK ? ? ? 
hydrog4  hydrog ? ? A DC 4  N3 ? ? ? 1_555 D DG 6 N1 ? ? A DC 4  D DG 15 1_555 ? ? ? ? ? ? WATSON-CRICK ? ? ? 
hydrog5  hydrog ? ? A DC 4  N4 ? ? ? 1_555 D DG 6 O6 ? ? A DC 4  D DG 15 1_555 ? ? ? ? ? ? WATSON-CRICK ? ? ? 
hydrog6  hydrog ? ? A DC 4  O2 ? ? ? 1_555 D DG 6 N2 ? ? A DC 4  D DG 15 1_555 ? ? ? ? ? ? WATSON-CRICK ? ? ? 
hydrog7  hydrog ? ? A DA 5  N1 ? ? ? 1_555 D DT 5 N3 ? ? A DA 5  D DT 14 1_555 ? ? ? ? ? ? WATSON-CRICK ? ? ? 
hydrog8  hydrog ? ? A DA 5  N6 ? ? ? 1_555 D DT 5 O4 ? ? A DA 5  D DT 14 1_555 ? ? ? ? ? ? WATSON-CRICK ? ? ? 
hydrog9  hydrog ? ? A DG 6  N1 ? ? ? 1_555 D DC 4 N3 ? ? A DG 6  D DC 13 1_555 ? ? ? ? ? ? WATSON-CRICK ? ? ? 
hydrog10 hydrog ? ? A DG 6  N2 ? ? ? 1_555 D DC 4 O2 ? ? A DG 6  D DC 13 1_555 ? ? ? ? ? ? WATSON-CRICK ? ? ? 
hydrog11 hydrog ? ? A DG 6  O6 ? ? ? 1_555 D DC 4 N4 ? ? A DG 6  D DC 13 1_555 ? ? ? ? ? ? WATSON-CRICK ? ? ? 
hydrog12 hydrog ? ? A DA 7  N1 ? ? ? 1_555 D DT 3 N3 ? ? A DA 7  D DT 12 1_555 ? ? ? ? ? ? WATSON-CRICK ? ? ? 
hydrog13 hydrog ? ? A DA 7  N6 ? ? ? 1_555 D DT 3 O4 ? ? A DA 7  D DT 12 1_555 ? ? ? ? ? ? WATSON-CRICK ? ? ? 
hydrog14 hydrog ? ? A DC 8  N3 ? ? ? 1_555 D DG 2 N1 ? ? A DC 8  D DG 11 1_555 ? ? ? ? ? ? WATSON-CRICK ? ? ? 
hydrog15 hydrog ? ? A DC 8  N4 ? ? ? 1_555 D DG 2 O6 ? ? A DC 8  D DG 11 1_555 ? ? ? ? ? ? WATSON-CRICK ? ? ? 
hydrog16 hydrog ? ? A DC 8  O2 ? ? ? 1_555 D DG 2 N2 ? ? A DC 8  D DG 11 1_555 ? ? ? ? ? ? WATSON-CRICK ? ? ? 
hydrog17 hydrog ? ? A DC 9  N3 ? ? ? 1_555 D DG 1 N1 ? ? A DC 9  D DG 10 1_555 ? ? ? ? ? ? WATSON-CRICK ? ? ? 
hydrog18 hydrog ? ? A DC 9  N4 ? ? ? 1_555 D DG 1 O6 ? ? A DC 9  D DG 10 1_555 ? ? ? ? ? ? WATSON-CRICK ? ? ? 
hydrog19 hydrog ? ? A DC 9  O2 ? ? ? 1_555 D DG 1 N2 ? ? A DC 9  D DG 10 1_555 ? ? ? ? ? ? WATSON-CRICK ? ? ? 
hydrog20 hydrog ? ? A DT 10 N3 ? ? ? 1_555 B DA 5 N1 ? ? A DT 10 B DA 5  1_555 ? ? ? ? ? ? WATSON-CRICK ? ? ? 
hydrog21 hydrog ? ? A DT 10 O4 ? ? ? 1_555 B DA 5 N6 ? ? A DT 10 B DA 5  1_555 ? ? ? ? ? ? WATSON-CRICK ? ? ? 
hydrog22 hydrog ? ? A DG 11 N1 ? ? ? 1_555 B DC 4 N3 ? ? A DG 11 B DC 4  1_555 ? ? ? ? ? ? WATSON-CRICK ? ? ? 
hydrog23 hydrog ? ? A DG 11 N2 ? ? ? 1_555 B DC 4 O2 ? ? A DG 11 B DC 4  1_555 ? ? ? ? ? ? WATSON-CRICK ? ? ? 
hydrog24 hydrog ? ? A DG 11 O6 ? ? ? 1_555 B DC 4 N4 ? ? A DG 11 B DC 4  1_555 ? ? ? ? ? ? WATSON-CRICK ? ? ? 
hydrog25 hydrog ? ? A DA 12 N1 ? ? ? 1_555 B DT 3 N3 ? ? A DA 12 B DT 3  1_555 ? ? ? ? ? ? WATSON-CRICK ? ? ? 
hydrog26 hydrog ? ? A DA 12 N6 ? ? ? 1_555 B DT 3 O4 ? ? A DA 12 B DT 3  1_555 ? ? ? ? ? ? WATSON-CRICK ? ? ? 
hydrog27 hydrog ? ? A DC 13 N3 ? ? ? 1_555 B DG 2 N1 ? ? A DC 13 B DG 2  1_555 ? ? ? ? ? ? WATSON-CRICK ? ? ? 
hydrog28 hydrog ? ? A DC 13 N4 ? ? ? 1_555 B DG 2 O6 ? ? A DC 13 B DG 2  1_555 ? ? ? ? ? ? WATSON-CRICK ? ? ? 
hydrog29 hydrog ? ? A DC 13 O2 ? ? ? 1_555 B DG 2 N2 ? ? A DC 13 B DG 2  1_555 ? ? ? ? ? ? WATSON-CRICK ? ? ? 
hydrog30 hydrog ? ? A DT 14 N3 ? ? ? 1_555 B DA 1 N1 ? ? A DT 14 B DA 1  1_555 ? ? ? ? ? ? WATSON-CRICK ? ? ? 
hydrog31 hydrog ? ? A DT 14 O4 ? ? ? 1_555 B DA 1 N6 ? ? A DT 14 B DA 1  1_555 ? ? ? ? ? ? WATSON-CRICK ? ? ? 
hydrog32 hydrog ? ? A DG 15 N1 ? ? ? 1_555 C DC 9 N3 ? ? A DG 15 C DC 9  1_555 ? ? ? ? ? ? WATSON-CRICK ? ? ? 
hydrog33 hydrog ? ? A DG 15 N2 ? ? ? 1_555 C DC 9 O2 ? ? A DG 15 C DC 9  1_555 ? ? ? ? ? ? WATSON-CRICK ? ? ? 
hydrog34 hydrog ? ? A DG 15 O6 ? ? ? 1_555 C DC 9 N4 ? ? A DG 15 C DC 9  1_555 ? ? ? ? ? ? WATSON-CRICK ? ? ? 
hydrog35 hydrog ? ? A DC 16 N3 ? ? ? 1_555 C DG 8 N1 ? ? A DC 16 C DG 8  1_555 ? ? ? ? ? ? WATSON-CRICK ? ? ? 
hydrog36 hydrog ? ? A DC 16 N4 ? ? ? 1_555 C DG 8 O6 ? ? A DC 16 C DG 8  1_555 ? ? ? ? ? ? WATSON-CRICK ? ? ? 
hydrog37 hydrog ? ? A DC 16 O2 ? ? ? 1_555 C DG 8 N2 ? ? A DC 16 C DG 8  1_555 ? ? ? ? ? ? WATSON-CRICK ? ? ? 
hydrog38 hydrog ? ? A DA 17 N1 ? ? ? 1_555 C DT 7 N3 ? ? A DA 17 C DT 7  1_555 ? ? ? ? ? ? WATSON-CRICK ? ? ? 
hydrog39 hydrog ? ? A DA 17 N6 ? ? ? 1_555 C DT 7 O4 ? ? A DA 17 C DT 7  1_555 ? ? ? ? ? ? WATSON-CRICK ? ? ? 
hydrog40 hydrog ? ? A DC 18 N3 ? ? ? 1_555 C DG 6 N1 ? ? A DC 18 C DG 6  1_555 ? ? ? ? ? ? WATSON-CRICK ? ? ? 
hydrog41 hydrog ? ? A DC 18 N4 ? ? ? 1_555 C DG 6 O6 ? ? A DC 18 C DG 6  1_555 ? ? ? ? ? ? WATSON-CRICK ? ? ? 
hydrog42 hydrog ? ? A DC 18 O2 ? ? ? 1_555 C DG 6 N2 ? ? A DC 18 C DG 6  1_555 ? ? ? ? ? ? WATSON-CRICK ? ? ? 
hydrog43 hydrog ? ? A DT 19 N3 ? ? ? 1_555 C DA 5 N1 ? ? A DT 19 C DA 5  1_555 ? ? ? ? ? ? WATSON-CRICK ? ? ? 
hydrog44 hydrog ? ? A DT 19 O4 ? ? ? 1_555 C DA 5 N6 ? ? A DT 19 C DA 5  1_555 ? ? ? ? ? ? WATSON-CRICK ? ? ? 
hydrog45 hydrog ? ? A DC 20 N4 ? ? ? 1_555 C DG 4 O6 ? ? A DC 20 C DG 4  1_555 ? ? ? ? ? ? 'DC-DG PAIR' ? ? ? 
# 
_struct_conn_type.id          hydrog 
_struct_conn_type.criteria    ? 
_struct_conn_type.reference   ? 
# 
_struct_site.id                   AC1 
_struct_site.pdbx_evidence_code   Software 
_struct_site.pdbx_auth_asym_id    B 
_struct_site.pdbx_auth_comp_id    CAC 
_struct_site.pdbx_auth_seq_id     101 
_struct_site.pdbx_auth_ins_code   ? 
_struct_site.pdbx_num_residues    1 
_struct_site.details              'binding site for residue CAC B 101' 
# 
_struct_site_gen.id                   1 
_struct_site_gen.site_id              AC1 
_struct_site_gen.pdbx_num_res         1 
_struct_site_gen.label_comp_id        DA 
_struct_site_gen.label_asym_id        B 
_struct_site_gen.label_seq_id         1 
_struct_site_gen.pdbx_auth_ins_code   ? 
_struct_site_gen.auth_comp_id         DA 
_struct_site_gen.auth_asym_id         B 
_struct_site_gen.auth_seq_id          1 
_struct_site_gen.label_atom_id        . 
_struct_site_gen.label_alt_id         ? 
_struct_site_gen.symmetry             1_555 
_struct_site_gen.details              ? 
# 
_atom_sites.entry_id                    6WSW 
_atom_sites.Cartn_transf_matrix[1][1]   ? 
_atom_sites.Cartn_transf_matrix[1][2]   ? 
_atom_sites.Cartn_transf_matrix[1][3]   ? 
_atom_sites.Cartn_transf_matrix[2][1]   ? 
_atom_sites.Cartn_transf_matrix[2][2]   ? 
_atom_sites.Cartn_transf_matrix[2][3]   ? 
_atom_sites.Cartn_transf_matrix[3][1]   ? 
_atom_sites.Cartn_transf_matrix[3][2]   ? 
_atom_sites.Cartn_transf_matrix[3][3]   ? 
_atom_sites.Cartn_transf_vector[1]      ? 
_atom_sites.Cartn_transf_vector[2]      ? 
_atom_sites.Cartn_transf_vector[3]      ? 
_atom_sites.fract_transf_matrix[1][1]   -0.00892559 
_atom_sites.fract_transf_matrix[1][2]   0.00675603 
_atom_sites.fract_transf_matrix[1][3]   0.01242875 
_atom_sites.fract_transf_matrix[2][1]   -0.00405255 
_atom_sites.fract_transf_matrix[2][2]   0.01622177 
_atom_sites.fract_transf_matrix[2][3]   -0.00047295 
_atom_sites.fract_transf_matrix[3][1]   -0.01423664 
_atom_sites.fract_transf_matrix[3][2]   -0.00379457 
_atom_sites.fract_transf_matrix[3][3]   -0.00816125 
_atom_sites.fract_transf_vector[1]      0.032699 
_atom_sites.fract_transf_vector[2]      -0.048815 
_atom_sites.fract_transf_vector[3]      -0.166111 
_atom_sites.solution_primary            ? 
_atom_sites.solution_secondary          ? 
_atom_sites.solution_hydrogens          ? 
_atom_sites.special_details             ? 
# 
loop_
_atom_type.symbol 
AS 
C  
MG 
N  
O  
P  
# 
loop_
_atom_site.group_PDB 
_atom_site.id 
_atom_site.type_symbol 
_atom_site.label_atom_id 
_atom_site.label_alt_id 
_atom_site.label_comp_id 
_atom_site.label_asym_id 
_atom_site.label_entity_id 
_atom_site.label_seq_id 
_atom_site.pdbx_PDB_ins_code 
_atom_site.Cartn_x 
_atom_site.Cartn_y 
_atom_site.Cartn_z 
_atom_site.occupancy 
_atom_site.B_iso_or_equiv 
_atom_site.pdbx_formal_charge 
_atom_site.auth_seq_id 
_atom_site.auth_comp_id 
_atom_site.auth_asym_id 
_atom_site.auth_atom_id 
_atom_site.pdbx_PDB_model_num 
ATOM   1   O  "O5'" . DA  A 1 1  ? 19.526  -21.474 -19.349 1.00 193.81 ? 1   DA  A "O5'" 1 
ATOM   2   C  "C5'" . DA  A 1 1  ? 19.566  -22.831 -18.924 1.00 191.34 ? 1   DA  A "C5'" 1 
ATOM   3   C  "C4'" . DA  A 1 1  ? 18.542  -23.660 -19.680 1.00 192.98 ? 1   DA  A "C4'" 1 
ATOM   4   O  "O4'" . DA  A 1 1  ? 18.752  -25.060 -19.390 1.00 189.05 ? 1   DA  A "O4'" 1 
ATOM   5   C  "C3'" . DA  A 1 1  ? 17.089  -23.353 -19.333 1.00 195.74 ? 1   DA  A "C3'" 1 
ATOM   6   O  "O3'" . DA  A 1 1  ? 16.554  -22.461 -20.310 1.00 202.75 ? 1   DA  A "O3'" 1 
ATOM   7   C  "C2'" . DA  A 1 1  ? 16.397  -24.716 -19.388 1.00 190.44 ? 1   DA  A "C2'" 1 
ATOM   8   C  "C1'" . DA  A 1 1  ? 17.526  -25.707 -19.123 1.00 189.18 ? 1   DA  A "C1'" 1 
ATOM   9   N  N9    . DA  A 1 1  ? 17.574  -26.230 -17.761 1.00 186.62 ? 1   DA  A N9    1 
ATOM   10  C  C8    . DA  A 1 1  ? 18.585  -26.065 -16.857 1.00 184.51 ? 1   DA  A C8    1 
ATOM   11  N  N7    . DA  A 1 1  ? 18.375  -26.662 -15.711 1.00 183.83 ? 1   DA  A N7    1 
ATOM   12  C  C5    . DA  A 1 1  ? 17.144  -27.276 -15.876 1.00 186.66 ? 1   DA  A C5    1 
ATOM   13  C  C6    . DA  A 1 1  ? 16.362  -28.073 -15.019 1.00 187.15 ? 1   DA  A C6    1 
ATOM   14  N  N6    . DA  A 1 1  ? 16.732  -28.396 -13.775 1.00 183.44 ? 1   DA  A N6    1 
ATOM   15  N  N1    . DA  A 1 1  ? 15.180  -28.525 -15.490 1.00 187.21 ? 1   DA  A N1    1 
ATOM   16  C  C2    . DA  A 1 1  ? 14.816  -28.198 -16.737 1.00 187.71 ? 1   DA  A C2    1 
ATOM   17  N  N3    . DA  A 1 1  ? 15.467  -27.457 -17.634 1.00 183.74 ? 1   DA  A N3    1 
ATOM   18  C  C4    . DA  A 1 1  ? 16.636  -27.023 -17.136 1.00 185.21 ? 1   DA  A C4    1 
ATOM   19  P  P     . DA  A 1 2  ? 15.093  -21.814 -20.123 1.00 203.49 ? 2   DA  A P     1 
ATOM   20  O  OP1   . DA  A 1 2  ? 15.005  -20.654 -21.038 1.00 201.86 ? 2   DA  A OP1   1 
ATOM   21  O  OP2   . DA  A 1 2  ? 14.860  -21.628 -18.674 1.00 195.95 ? 2   DA  A OP2   1 
ATOM   22  O  "O5'" . DA  A 1 2  ? 14.097  -22.947 -20.654 1.00 192.85 ? 2   DA  A "O5'" 1 
ATOM   23  C  "C5'" . DA  A 1 2  ? 12.706  -22.689 -20.721 1.00 186.57 ? 2   DA  A "C5'" 1 
ATOM   24  C  "C4'" . DA  A 1 2  ? 11.921  -23.775 -20.013 1.00 183.02 ? 2   DA  A "C4'" 1 
ATOM   25  O  "O4'" . DA  A 1 2  ? 12.794  -24.498 -19.102 1.00 183.39 ? 2   DA  A "O4'" 1 
ATOM   26  C  "C3'" . DA  A 1 2  ? 10.747  -23.271 -19.171 1.00 182.96 ? 2   DA  A "C3'" 1 
ATOM   27  O  "O3'" . DA  A 1 2  ? 9.600   -24.081 -19.390 1.00 186.10 ? 2   DA  A "O3'" 1 
ATOM   28  C  "C2'" . DA  A 1 2  ? 11.259  -23.401 -17.739 1.00 183.55 ? 2   DA  A "C2'" 1 
ATOM   29  C  "C1'" . DA  A 1 2  ? 12.164  -24.615 -17.849 1.00 183.67 ? 2   DA  A "C1'" 1 
ATOM   30  N  N9    . DA  A 1 2  ? 13.187  -24.658 -16.810 1.00 186.96 ? 2   DA  A N9    1 
ATOM   31  C  C8    . DA  A 1 2  ? 14.388  -24.008 -16.806 1.00 186.91 ? 2   DA  A C8    1 
ATOM   32  N  N7    . DA  A 1 2  ? 15.104  -24.224 -15.728 1.00 188.87 ? 2   DA  A N7    1 
ATOM   33  C  C5    . DA  A 1 2  ? 14.311  -25.067 -14.968 1.00 196.17 ? 2   DA  A C5    1 
ATOM   34  C  C6    . DA  A 1 2  ? 14.499  -25.664 -13.706 1.00 205.72 ? 2   DA  A C6    1 
ATOM   35  N  N6    . DA  A 1 2  ? 15.598  -25.487 -12.963 1.00 195.98 ? 2   DA  A N6    1 
ATOM   36  N  N1    . DA  A 1 2  ? 13.511  -26.453 -13.235 1.00 204.26 ? 2   DA  A N1    1 
ATOM   37  C  C2    . DA  A 1 2  ? 12.414  -26.630 -13.983 1.00 189.83 ? 2   DA  A C2    1 
ATOM   38  N  N3    . DA  A 1 2  ? 12.125  -26.121 -15.179 1.00 189.84 ? 2   DA  A N3    1 
ATOM   39  C  C4    . DA  A 1 2  ? 13.124  -25.342 -15.620 1.00 189.60 ? 2   DA  A C4    1 
ATOM   40  P  P     . DG  A 1 3  ? 8.181   -23.651 -18.771 1.00 187.44 ? 3   DG  A P     1 
ATOM   41  O  OP1   . DG  A 1 3  ? 7.127   -24.417 -19.472 1.00 178.92 ? 3   DG  A OP1   1 
ATOM   42  O  OP2   . DG  A 1 3  ? 8.133   -22.174 -18.743 1.00 188.94 ? 3   DG  A OP2   1 
ATOM   43  O  "O5'" . DG  A 1 3  ? 8.247   -24.158 -17.259 1.00 181.90 ? 3   DG  A "O5'" 1 
ATOM   44  C  "C5'" . DG  A 1 3  ? 8.420   -25.538 -16.984 1.00 183.02 ? 3   DG  A "C5'" 1 
ATOM   45  C  "C4'" . DG  A 1 3  ? 7.596   -25.958 -15.781 1.00 186.71 ? 3   DG  A "C4'" 1 
ATOM   46  O  "O4'" . DG  A 1 3  ? 8.465   -26.147 -14.640 1.00 187.20 ? 3   DG  A "O4'" 1 
ATOM   47  C  "C3'" . DG  A 1 3  ? 6.546   -24.953 -15.333 1.00 189.94 ? 3   DG  A "C3'" 1 
ATOM   48  O  "O3'" . DG  A 1 3  ? 5.443   -25.633 -14.750 1.00 196.39 ? 3   DG  A "O3'" 1 
ATOM   49  C  "C2'" . DG  A 1 3  ? 7.297   -24.106 -14.307 1.00 186.11 ? 3   DG  A "C2'" 1 
ATOM   50  C  "C1'" . DG  A 1 3  ? 8.277   -25.109 -13.696 1.00 184.04 ? 3   DG  A "C1'" 1 
ATOM   51  N  N9    . DG  A 1 3  ? 9.583   -24.531 -13.392 1.00 182.59 ? 3   DG  A N9    1 
ATOM   52  C  C8    . DG  A 1 3  ? 10.356  -23.754 -14.220 1.00 182.60 ? 3   DG  A C8    1 
ATOM   53  N  N7    . DG  A 1 3  ? 11.484  -23.382 -13.681 1.00 180.14 ? 3   DG  A N7    1 
ATOM   54  C  C5    . DG  A 1 3  ? 11.459  -23.951 -12.413 1.00 181.21 ? 3   DG  A C5    1 
ATOM   55  C  C6    . DG  A 1 3  ? 12.413  -23.895 -11.369 1.00 180.55 ? 3   DG  A C6    1 
ATOM   56  O  O6    . DG  A 1 3  ? 13.506  -23.314 -11.355 1.00 179.06 ? 3   DG  A O6    1 
ATOM   57  N  N1    . DG  A 1 3  ? 11.994  -24.613 -10.249 1.00 181.91 ? 3   DG  A N1    1 
ATOM   58  C  C2    . DG  A 1 3  ? 10.805  -25.299 -10.155 1.00 181.24 ? 3   DG  A C2    1 
ATOM   59  N  N2    . DG  A 1 3  ? 10.567  -25.932 -8.997  1.00 179.46 ? 3   DG  A N2    1 
ATOM   60  N  N3    . DG  A 1 3  ? 9.904   -25.357 -11.125 1.00 182.65 ? 3   DG  A N3    1 
ATOM   61  C  C4    . DG  A 1 3  ? 10.297  -24.665 -12.222 1.00 182.98 ? 3   DG  A C4    1 
ATOM   62  P  P     . DC  A 1 4  ? 4.206   -24.804 -14.147 1.00 201.02 ? 4   DC  A P     1 
ATOM   63  O  OP1   . DC  A 1 4  ? 2.998   -25.646 -14.296 1.00 202.13 ? 4   DC  A OP1   1 
ATOM   64  O  OP2   . DC  A 1 4  ? 4.227   -23.447 -14.740 1.00 213.94 ? 4   DC  A OP2   1 
ATOM   65  O  "O5'" . DC  A 1 4  ? 4.560   -24.687 -12.591 1.00 187.69 ? 4   DC  A "O5'" 1 
ATOM   66  C  "C5'" . DC  A 1 4  ? 4.882   -25.860 -11.858 1.00 185.06 ? 4   DC  A "C5'" 1 
ATOM   67  C  "C4'" . DC  A 1 4  ? 5.303   -25.525 -10.438 1.00 184.77 ? 4   DC  A "C4'" 1 
ATOM   68  O  "O4'" . DC  A 1 4  ? 6.656   -25.019 -10.430 1.00 182.18 ? 4   DC  A "O4'" 1 
ATOM   69  C  "C3'" . DC  A 1 4  ? 4.440   -24.477 -9.730  1.00 187.18 ? 4   DC  A "C3'" 1 
ATOM   70  O  "O3'" . DC  A 1 4  ? 3.920   -25.031 -8.528  1.00 201.56 ? 4   DC  A "O3'" 1 
ATOM   71  C  "C2'" . DC  A 1 4  ? 5.404   -23.309 -9.457  1.00 179.59 ? 4   DC  A "C2'" 1 
ATOM   72  C  "C1'" . DC  A 1 4  ? 6.763   -23.990 -9.479  1.00 179.64 ? 4   DC  A "C1'" 1 
ATOM   73  N  N1    . DC  A 1 4  ? 7.882   -23.100 -9.909  1.00 174.43 ? 4   DC  A N1    1 
ATOM   74  C  C2    . DC  A 1 4  ? 8.951   -22.846 -9.039  1.00 172.47 ? 4   DC  A C2    1 
ATOM   75  O  O2    . DC  A 1 4  ? 8.945   -23.345 -7.905  1.00 170.33 ? 4   DC  A O2    1 
ATOM   76  N  N3    . DC  A 1 4  ? 9.968   -22.048 -9.466  1.00 173.80 ? 4   DC  A N3    1 
ATOM   77  C  C4    . DC  A 1 4  ? 9.938   -21.530 -10.697 1.00 173.13 ? 4   DC  A C4    1 
ATOM   78  N  N4    . DC  A 1 4  ? 10.958  -20.751 -11.077 1.00 170.05 ? 4   DC  A N4    1 
ATOM   79  C  C5    . DC  A 1 4  ? 8.861   -21.785 -11.594 1.00 174.01 ? 4   DC  A C5    1 
ATOM   80  C  C6    . DC  A 1 4  ? 7.869   -22.570 -11.165 1.00 175.59 ? 4   DC  A C6    1 
ATOM   81  P  P     . DA  A 1 5  ? 2.988   -24.155 -7.556  1.00 205.12 ? 5   DA  A P     1 
ATOM   82  O  OP1   . DA  A 1 5  ? 2.005   -25.079 -6.949  1.00 191.95 ? 5   DA  A OP1   1 
ATOM   83  O  OP2   . DA  A 1 5  ? 2.512   -22.967 -8.298  1.00 199.34 ? 5   DA  A OP2   1 
ATOM   84  O  "O5'" . DA  A 1 5  ? 3.994   -23.677 -6.412  1.00 185.52 ? 5   DA  A "O5'" 1 
ATOM   85  C  "C5'" . DA  A 1 5  ? 4.716   -24.645 -5.666  1.00 179.50 ? 5   DA  A "C5'" 1 
ATOM   86  C  "C4'" . DA  A 1 5  ? 5.407   -24.012 -4.472  1.00 178.00 ? 5   DA  A "C4'" 1 
ATOM   87  O  "O4'" . DA  A 1 5  ? 6.588   -23.297 -4.912  1.00 177.68 ? 5   DA  A "O4'" 1 
ATOM   88  C  "C3'" . DA  A 1 5  ? 4.570   -23.005 -3.696  1.00 178.11 ? 5   DA  A "C3'" 1 
ATOM   89  O  "O3'" . DA  A 1 5  ? 4.894   -23.078 -2.315  1.00 184.67 ? 5   DA  A "O3'" 1 
ATOM   90  C  "C2'" . DA  A 1 5  ? 4.994   -21.669 -4.305  1.00 173.34 ? 5   DA  A "C2'" 1 
ATOM   91  C  "C1'" . DA  A 1 5  ? 6.464   -21.919 -4.622  1.00 170.87 ? 5   DA  A "C1'" 1 
ATOM   92  N  N9    . DA  A 1 5  ? 6.945   -21.179 -5.782  1.00 167.00 ? 5   DA  A N9    1 
ATOM   93  C  C8    . DA  A 1 5  ? 6.327   -21.060 -6.996  1.00 167.29 ? 5   DA  A C8    1 
ATOM   94  N  N7    . DA  A 1 5  ? 6.999   -20.342 -7.864  1.00 165.66 ? 5   DA  A N7    1 
ATOM   95  C  C5    . DA  A 1 5  ? 8.141   -19.969 -7.172  1.00 166.64 ? 5   DA  A C5    1 
ATOM   96  C  C6    . DA  A 1 5  ? 9.261   -19.196 -7.538  1.00 164.78 ? 5   DA  A C6    1 
ATOM   97  N  N6    . DA  A 1 5  ? 9.409   -18.640 -8.745  1.00 162.17 ? 5   DA  A N6    1 
ATOM   98  N  N1    . DA  A 1 5  ? 10.228  -19.016 -6.612  1.00 165.25 ? 5   DA  A N1    1 
ATOM   99  C  C2    . DA  A 1 5  ? 10.076  -19.577 -5.405  1.00 164.57 ? 5   DA  A C2    1 
ATOM   100 N  N3    . DA  A 1 5  ? 9.068   -20.320 -4.946  1.00 165.76 ? 5   DA  A N3    1 
ATOM   101 C  C4    . DA  A 1 5  ? 8.126   -20.481 -5.889  1.00 167.07 ? 5   DA  A C4    1 
ATOM   102 P  P     . DG  A 1 6  ? 3.782   -22.743 -1.206  1.00 200.31 ? 6   DG  A P     1 
ATOM   103 O  OP1   . DG  A 1 6  ? 3.578   -23.963 -0.393  1.00 211.64 ? 6   DG  A OP1   1 
ATOM   104 O  OP2   . DG  A 1 6  ? 2.632   -22.123 -1.899  1.00 195.95 ? 6   DG  A OP2   1 
ATOM   105 O  "O5'" . DG  A 1 6  ? 4.482   -21.628 -0.297  1.00 186.54 ? 6   DG  A "O5'" 1 
ATOM   106 C  "C5'" . DG  A 1 6  ? 5.189   -20.559 -0.911  1.00 176.18 ? 6   DG  A "C5'" 1 
ATOM   107 C  "C4'" . DG  A 1 6  ? 6.490   -20.285 -0.182  1.00 174.49 ? 6   DG  A "C4'" 1 
ATOM   108 O  "O4'" . DG  A 1 6  ? 7.532   -20.009 -1.147  1.00 169.27 ? 6   DG  A "O4'" 1 
ATOM   109 C  "C3'" . DG  A 1 6  ? 6.472   -19.069 0.721   1.00 174.21 ? 6   DG  A "C3'" 1 
ATOM   110 O  "O3'" . DG  A 1 6  ? 7.489   -19.186 1.702   1.00 180.56 ? 6   DG  A "O3'" 1 
ATOM   111 C  "C2'" . DG  A 1 6  ? 6.772   -17.944 -0.263  1.00 169.00 ? 6   DG  A "C2'" 1 
ATOM   112 C  "C1'" . DG  A 1 6  ? 7.765   -18.612 -1.217  1.00 164.67 ? 6   DG  A "C1'" 1 
ATOM   113 N  N9    . DG  A 1 6  ? 7.598   -18.194 -2.604  1.00 162.86 ? 6   DG  A N9    1 
ATOM   114 C  C8    . DG  A 1 6  ? 6.535   -18.480 -3.426  1.00 161.13 ? 6   DG  A C8    1 
ATOM   115 N  N7    . DG  A 1 6  ? 6.652   -17.976 -4.621  1.00 158.61 ? 6   DG  A N7    1 
ATOM   116 C  C5    . DG  A 1 6  ? 7.871   -17.309 -4.593  1.00 159.94 ? 6   DG  A C5    1 
ATOM   117 C  C6    . DG  A 1 6  ? 8.529   -16.575 -5.606  1.00 158.26 ? 6   DG  A C6    1 
ATOM   118 O  O6    . DG  A 1 6  ? 8.148   -16.361 -6.763  1.00 155.63 ? 6   DG  A O6    1 
ATOM   119 N  N1    . DG  A 1 6  ? 9.749   -16.063 -5.167  1.00 157.46 ? 6   DG  A N1    1 
ATOM   120 C  C2    . DG  A 1 6  ? 10.270  -16.245 -3.907  1.00 159.41 ? 6   DG  A C2    1 
ATOM   121 N  N2    . DG  A 1 6  ? 11.460  -15.671 -3.659  1.00 158.39 ? 6   DG  A N2    1 
ATOM   122 N  N3    . DG  A 1 6  ? 9.658   -16.929 -2.944  1.00 160.55 ? 6   DG  A N3    1 
ATOM   123 C  C4    . DG  A 1 6  ? 8.469   -17.436 -3.359  1.00 161.92 ? 6   DG  A C4    1 
ATOM   124 P  P     . DA  A 1 7  ? 7.553   -18.149 2.927   1.00 199.27 ? 7   DA  A P     1 
ATOM   125 O  OP1   . DA  A 1 7  ? 8.342   -18.784 4.007   1.00 214.84 ? 7   DA  A OP1   1 
ATOM   126 O  OP2   . DA  A 1 7  ? 6.173   -17.690 3.198   1.00 210.18 ? 7   DA  A OP2   1 
ATOM   127 O  "O5'" . DA  A 1 7  ? 8.379   -16.913 2.337   1.00 180.48 ? 7   DA  A "O5'" 1 
ATOM   128 C  "C5'" . DA  A 1 7  ? 9.638   -17.137 1.718   1.00 175.41 ? 7   DA  A "C5'" 1 
ATOM   129 C  "C4'" . DA  A 1 7  ? 10.317  -15.822 1.378   1.00 174.28 ? 7   DA  A "C4'" 1 
ATOM   130 O  "O4'" . DA  A 1 7  ? 10.193  -15.556 -0.041  1.00 168.97 ? 7   DA  A "O4'" 1 
ATOM   131 C  "C3'" . DA  A 1 7  ? 9.759   -14.601 2.106   1.00 173.14 ? 7   DA  A "C3'" 1 
ATOM   132 O  "O3'" . DA  A 1 7  ? 10.815  -13.882 2.715   1.00 180.19 ? 7   DA  A "O3'" 1 
ATOM   133 C  "C2'" . DA  A 1 7  ? 9.066   -13.785 1.007   1.00 162.77 ? 7   DA  A "C2'" 1 
ATOM   134 C  "C1'" . DA  A 1 7  ? 9.793   -14.222 -0.258  1.00 163.36 ? 7   DA  A "C1'" 1 
ATOM   135 N  N9    . DA  A 1 7  ? 8.942   -14.211 -1.445  1.00 157.90 ? 7   DA  A N9    1 
ATOM   136 C  C8    . DA  A 1 7  ? 7.734   -14.835 -1.581  1.00 157.82 ? 7   DA  A C8    1 
ATOM   137 N  N7    . DA  A 1 7  ? 7.186   -14.679 -2.761  1.00 154.83 ? 7   DA  A N7    1 
ATOM   138 C  C5    . DA  A 1 7  ? 8.099   -13.904 -3.456  1.00 152.13 ? 7   DA  A C5    1 
ATOM   139 C  C6    . DA  A 1 7  ? 8.096   -13.393 -4.768  1.00 145.83 ? 7   DA  A C6    1 
ATOM   140 N  N6    . DA  A 1 7  ? 7.101   -13.608 -5.629  1.00 143.46 ? 7   DA  A N6    1 
ATOM   141 N  N1    . DA  A 1 7  ? 9.156   -12.651 -5.160  1.00 142.66 ? 7   DA  A N1    1 
ATOM   142 C  C2    . DA  A 1 7  ? 10.153  -12.442 -4.287  1.00 148.01 ? 7   DA  A C2    1 
ATOM   143 N  N3    . DA  A 1 7  ? 10.266  -12.870 -3.022  1.00 152.09 ? 7   DA  A N3    1 
ATOM   144 C  C4    . DA  A 1 7  ? 9.193   -13.604 -2.666  1.00 154.10 ? 7   DA  A C4    1 
ATOM   145 P  P     . DC  A 1 8  ? 10.502  -12.556 3.565   1.00 195.50 ? 8   DC  A P     1 
ATOM   146 O  OP1   . DC  A 1 8  ? 11.551  -12.446 4.602   1.00 201.78 ? 8   DC  A OP1   1 
ATOM   147 O  OP2   . DC  A 1 8  ? 9.078   -12.588 3.966   1.00 186.97 ? 8   DC  A OP2   1 
ATOM   148 O  "O5'" . DC  A 1 8  ? 10.689  -11.386 2.496   1.00 173.80 ? 8   DC  A "O5'" 1 
ATOM   149 C  "C5'" . DC  A 1 8  ? 11.769  -11.445 1.579   1.00 168.17 ? 8   DC  A "C5'" 1 
ATOM   150 C  "C4'" . DC  A 1 8  ? 11.573  -10.453 0.455   1.00 163.58 ? 8   DC  A "C4'" 1 
ATOM   151 O  "O4'" . DC  A 1 8  ? 10.625  -10.973 -0.496  1.00 160.05 ? 8   DC  A "O4'" 1 
ATOM   152 C  "C3'" . DC  A 1 8  ? 11.021  -9.093  0.890   1.00 154.10 ? 8   DC  A "C3'" 1 
ATOM   153 O  "O3'" . DC  A 1 8  ? 12.038  -8.105  0.792   1.00 156.40 ? 8   DC  A "O3'" 1 
ATOM   154 C  "C2'" . DC  A 1 8  ? 9.862   -8.817  -0.086  1.00 148.40 ? 8   DC  A "C2'" 1 
ATOM   155 C  "C1'" . DC  A 1 8  ? 10.047  -9.885  -1.157  1.00 154.49 ? 8   DC  A "C1'" 1 
ATOM   156 N  N1    . DC  A 1 8  ? 8.773   -10.331 -1.787  1.00 153.12 ? 8   DC  A N1    1 
ATOM   157 C  C2    . DC  A 1 8  ? 8.478   -9.944  -3.100  1.00 146.63 ? 8   DC  A C2    1 
ATOM   158 O  O2    . DC  A 1 8  ? 9.284   -9.228  -3.709  1.00 155.91 ? 8   DC  A O2    1 
ATOM   159 N  N3    . DC  A 1 8  ? 7.314   -10.358 -3.661  1.00 138.22 ? 8   DC  A N3    1 
ATOM   160 C  C4    . DC  A 1 8  ? 6.474   -11.127 -2.963  1.00 142.36 ? 8   DC  A C4    1 
ATOM   161 N  N4    . DC  A 1 8  ? 5.340   -11.517 -3.555  1.00 144.99 ? 8   DC  A N4    1 
ATOM   162 C  C5    . DC  A 1 8  ? 6.760   -11.532 -1.625  1.00 146.96 ? 8   DC  A C5    1 
ATOM   163 C  C6    . DC  A 1 8  ? 7.908   -11.114 -1.082  1.00 150.97 ? 8   DC  A C6    1 
ATOM   164 P  P     . DC  A 1 9  ? 11.698  -6.560  1.083   1.00 158.80 ? 9   DC  A P     1 
ATOM   165 O  OP1   . DC  A 1 9  ? 12.952  -5.905  1.514   1.00 164.06 ? 9   DC  A OP1   1 
ATOM   166 O  OP2   . DC  A 1 9  ? 10.504  -6.508  1.954   1.00 180.03 ? 9   DC  A OP2   1 
ATOM   167 O  "O5'" . DC  A 1 9  ? 11.302  -5.983  -0.353  1.00 145.75 ? 9   DC  A "O5'" 1 
ATOM   168 C  "C5'" . DC  A 1 9  ? 12.112  -6.292  -1.477  1.00 139.41 ? 9   DC  A "C5'" 1 
ATOM   169 C  "C4'" . DC  A 1 9  ? 11.549  -5.679  -2.747  1.00 139.02 ? 9   DC  A "C4'" 1 
ATOM   170 O  "O4'" . DC  A 1 9  ? 10.395  -6.438  -3.191  1.00 136.08 ? 9   DC  A "O4'" 1 
ATOM   171 C  "C3'" . DC  A 1 9  ? 11.080  -4.228  -2.619  1.00 134.72 ? 9   DC  A "C3'" 1 
ATOM   172 O  "O3'" . DC  A 1 9  ? 11.488  -3.496  -3.769  1.00 138.55 ? 9   DC  A "O3'" 1 
ATOM   173 C  "C2'" . DC  A 1 9  ? 9.559   -4.367  -2.553  1.00 133.10 ? 9   DC  A "C2'" 1 
ATOM   174 C  "C1'" . DC  A 1 9  ? 9.345   -5.548  -3.483  1.00 137.69 ? 9   DC  A "C1'" 1 
ATOM   175 N  N1    . DC  A 1 9  ? 8.056   -6.270  -3.285  1.00 139.75 ? 9   DC  A N1    1 
ATOM   176 C  C2    . DC  A 1 9  ? 7.102   -6.283  -4.313  1.00 125.22 ? 9   DC  A C2    1 
ATOM   177 O  O2    . DC  A 1 9  ? 7.342   -5.676  -5.365  1.00 121.24 ? 9   DC  A O2    1 
ATOM   178 N  N3    . DC  A 1 9  ? 5.941   -6.960  -4.120  1.00 121.81 ? 9   DC  A N3    1 
ATOM   179 C  C4    . DC  A 1 9  ? 5.724   -7.602  -2.970  1.00 129.93 ? 9   DC  A C4    1 
ATOM   180 N  N4    . DC  A 1 9  ? 4.567   -8.256  -2.822  1.00 127.84 ? 9   DC  A N4    1 
ATOM   181 C  C5    . DC  A 1 9  ? 6.685   -7.599  -1.914  1.00 141.62 ? 9   DC  A C5    1 
ATOM   182 C  C6    . DC  A 1 9  ? 7.825   -6.930  -2.115  1.00 144.84 ? 9   DC  A C6    1 
ATOM   183 P  P     . DT  A 1 10 ? 11.281  -1.904  -3.838  1.00 152.97 ? 10  DT  A P     1 
ATOM   184 O  OP1   . DT  A 1 10 ? 12.240  -1.371  -4.831  1.00 142.20 ? 10  DT  A OP1   1 
ATOM   185 O  OP2   . DT  A 1 10 ? 11.290  -1.383  -2.453  1.00 145.19 ? 10  DT  A OP2   1 
ATOM   186 O  "O5'" . DT  A 1 10 ? 9.810   -1.742  -4.442  1.00 141.06 ? 10  DT  A "O5'" 1 
ATOM   187 C  "C5'" . DT  A 1 10 ? 9.433   -2.503  -5.586  1.00 136.05 ? 10  DT  A "C5'" 1 
ATOM   188 C  "C4'" . DT  A 1 10 ? 8.730   -1.635  -6.613  1.00 132.94 ? 10  DT  A "C4'" 1 
ATOM   189 O  "O4'" . DT  A 1 10 ? 7.420   -2.188  -6.896  1.00 134.65 ? 10  DT  A "O4'" 1 
ATOM   190 C  "C3'" . DT  A 1 10 ? 8.469   -0.207  -6.175  1.00 135.69 ? 10  DT  A "C3'" 1 
ATOM   191 O  "O3'" . DT  A 1 10 ? 8.360   0.632   -7.317  1.00 137.16 ? 10  DT  A "O3'" 1 
ATOM   192 C  "C2'" . DT  A 1 10 ? 7.136   -0.340  -5.446  1.00 127.46 ? 10  DT  A "C2'" 1 
ATOM   193 C  "C1'" . DT  A 1 10 ? 6.418   -1.402  -6.276  1.00 129.69 ? 10  DT  A "C1'" 1 
ATOM   194 N  N1    . DT  A 1 10 ? 5.568   -2.303  -5.462  1.00 120.50 ? 10  DT  A N1    1 
ATOM   195 C  C2    . DT  A 1 10 ? 4.358   -2.718  -5.960  1.00 109.78 ? 10  DT  A C2    1 
ATOM   196 O  O2    . DT  A 1 10 ? 3.931   -2.380  -7.049  1.00 112.50 ? 10  DT  A O2    1 
ATOM   197 N  N3    . DT  A 1 10 ? 3.658   -3.551  -5.129  1.00 103.29 ? 10  DT  A N3    1 
ATOM   198 C  C4    . DT  A 1 10 ? 4.039   -4.000  -3.879  1.00 110.29 ? 10  DT  A C4    1 
ATOM   199 O  O4    . DT  A 1 10 ? 3.338   -4.748  -3.207  1.00 112.19 ? 10  DT  A O4    1 
ATOM   200 C  C5    . DT  A 1 10 ? 5.319   -3.526  -3.419  1.00 117.34 ? 10  DT  A C5    1 
ATOM   201 C  C7    . DT  A 1 10 ? 5.840   -3.944  -2.078  1.00 127.89 ? 10  DT  A C7    1 
ATOM   202 C  C6    . DT  A 1 10 ? 6.014   -2.711  -4.224  1.00 118.26 ? 10  DT  A C6    1 
ATOM   203 P  P     . DG  A 1 11 ? 8.302   2.231   -7.153  1.00 133.73 ? 11  DG  A P     1 
ATOM   204 O  OP1   . DG  A 1 11 ? 9.446   2.799   -7.900  1.00 144.10 ? 11  DG  A OP1   1 
ATOM   205 O  OP2   . DG  A 1 11 ? 8.140   2.552   -5.718  1.00 127.25 ? 11  DG  A OP2   1 
ATOM   206 O  "O5'" . DG  A 1 11 ? 6.955   2.635   -7.912  1.00 122.68 ? 11  DG  A "O5'" 1 
ATOM   207 C  "C5'" . DG  A 1 11 ? 6.824   2.366   -9.303  1.00 124.23 ? 11  DG  A "C5'" 1 
ATOM   208 C  "C4'" . DG  A 1 11 ? 5.389   2.546   -9.770  1.00 121.54 ? 11  DG  A "C4'" 1 
ATOM   209 O  "O4'" . DG  A 1 11 ? 4.529   1.599   -9.090  1.00 120.49 ? 11  DG  A "O4'" 1 
ATOM   210 C  "C3'" . DG  A 1 11 ? 4.780   3.920   -9.518  1.00 125.59 ? 11  DG  A "C3'" 1 
ATOM   211 O  "O3'" . DG  A 1 11 ? 3.894   4.236   -10.579 1.00 126.20 ? 11  DG  A "O3'" 1 
ATOM   212 C  "C2'" . DG  A 1 11 ? 4.038   3.728   -8.196  1.00 116.16 ? 11  DG  A "C2'" 1 
ATOM   213 C  "C1'" . DG  A 1 11 ? 3.569   2.282   -8.303  1.00 117.98 ? 11  DG  A "C1'" 1 
ATOM   214 N  N9    . DG  A 1 11 ? 3.482   1.593   -7.017  1.00 120.32 ? 11  DG  A N9    1 
ATOM   215 C  C8    . DG  A 1 11 ? 4.448   1.536   -6.043  1.00 120.44 ? 11  DG  A C8    1 
ATOM   216 N  N7    . DG  A 1 11 ? 4.101   0.825   -5.005  1.00 111.35 ? 11  DG  A N7    1 
ATOM   217 C  C5    . DG  A 1 11 ? 2.825   0.375   -5.313  1.00 109.09 ? 11  DG  A C5    1 
ATOM   218 C  C6    . DG  A 1 11 ? 1.941   -0.442  -4.567  1.00 102.76 ? 11  DG  A C6    1 
ATOM   219 O  O6    . DG  A 1 11 ? 2.121   -0.941  -3.447  1.00 100.67 ? 11  DG  A O6    1 
ATOM   220 N  N1    . DG  A 1 11 ? 0.746   -0.659  -5.243  1.00 100.90 ? 11  DG  A N1    1 
ATOM   221 C  C2    . DG  A 1 11 ? 0.443   -0.155  -6.488  1.00 102.24 ? 11  DG  A C2    1 
ATOM   222 N  N2    . DG  A 1 11 ? -0.760  -0.468  -6.984  1.00 102.59 ? 11  DG  A N2    1 
ATOM   223 N  N3    . DG  A 1 11 ? 1.261   0.612   -7.197  1.00 99.44  ? 11  DG  A N3    1 
ATOM   224 C  C4    . DG  A 1 11 ? 2.429   0.834   -6.552  1.00 111.30 ? 11  DG  A C4    1 
ATOM   225 P  P     . DA  A 1 12 ? 3.032   5.590   -10.554 1.00 124.72 ? 12  DA  A P     1 
ATOM   226 O  OP1   . DA  A 1 12 ? 2.868   6.017   -11.960 1.00 119.06 ? 12  DA  A OP1   1 
ATOM   227 O  OP2   . DA  A 1 12 ? 3.644   6.512   -9.571  1.00 118.50 ? 12  DA  A OP2   1 
ATOM   228 O  "O5'" . DA  A 1 12 ? 1.606   5.120   -10.000 1.00 127.87 ? 12  DA  A "O5'" 1 
ATOM   229 C  "C5'" . DA  A 1 12 ? 0.888   4.090   -10.679 1.00 113.41 ? 12  DA  A "C5'" 1 
ATOM   230 C  "C4'" . DA  A 1 12 ? -0.507  3.923   -10.101 1.00 116.08 ? 12  DA  A "C4'" 1 
ATOM   231 O  "O4'" . DA  A 1 12 ? -0.448  3.111   -8.899  1.00 117.03 ? 12  DA  A "O4'" 1 
ATOM   232 C  "C3'" . DA  A 1 12 ? -1.205  5.223   -9.701  1.00 117.83 ? 12  DA  A "C3'" 1 
ATOM   233 O  "O3'" . DA  A 1 12 ? -2.582  5.160   -10.044 1.00 118.89 ? 12  DA  A "O3'" 1 
ATOM   234 C  "C2'" . DA  A 1 12 ? -1.007  5.268   -8.189  1.00 110.16 ? 12  DA  A "C2'" 1 
ATOM   235 C  "C1'" . DA  A 1 12 ? -1.067  3.791   -7.831  1.00 109.47 ? 12  DA  A "C1'" 1 
ATOM   236 N  N9    . DA  A 1 12 ? -0.344  3.466   -6.606  1.00 108.53 ? 12  DA  A N9    1 
ATOM   237 C  C8    . DA  A 1 12 ? 0.912   3.879   -6.261  1.00 111.05 ? 12  DA  A C8    1 
ATOM   238 N  N7    . DA  A 1 12 ? 1.315   3.433   -5.095  1.00 102.57 ? 12  DA  A N7    1 
ATOM   239 C  C5    . DA  A 1 12 ? 0.251   2.671   -4.646  1.00 98.12  ? 12  DA  A C5    1 
ATOM   240 C  C6    . DA  A 1 12 ? 0.052   1.929   -3.468  1.00 95.54  ? 12  DA  A C6    1 
ATOM   241 N  N6    . DA  A 1 12 ? 0.967   1.835   -2.501  1.00 103.46 ? 12  DA  A N6    1 
ATOM   242 N  N1    . DA  A 1 12 ? -1.125  1.282   -3.323  1.00 84.17  ? 12  DA  A N1    1 
ATOM   243 C  C2    . DA  A 1 12 ? -2.035  1.377   -4.300  1.00 94.57  ? 12  DA  A C2    1 
ATOM   244 N  N3    . DA  A 1 12 ? -1.964  2.049   -5.451  1.00 92.02  ? 12  DA  A N3    1 
ATOM   245 C  C4    . DA  A 1 12 ? -0.782  2.678   -5.563  1.00 96.91  ? 12  DA  A C4    1 
ATOM   246 P  P     . DC  A 1 13 ? -3.437  6.510   -10.205 1.00 139.46 ? 13  DC  A P     1 
ATOM   247 O  OP1   . DC  A 1 13 ? -3.954  6.550   -11.590 1.00 132.10 ? 13  DC  A OP1   1 
ATOM   248 O  OP2   . DC  A 1 13 ? -2.607  7.626   -9.695  1.00 135.13 ? 13  DC  A OP2   1 
ATOM   249 O  "O5'" . DC  A 1 13 ? -4.669  6.307   -9.206  1.00 131.86 ? 13  DC  A "O5'" 1 
ATOM   250 C  "C5'" . DC  A 1 13 ? -4.442  6.290   -7.808  1.00 113.28 ? 13  DC  A "C5'" 1 
ATOM   251 C  "C4'" . DC  A 1 13 ? -5.322  5.257   -7.129  1.00 108.11 ? 13  DC  A "C4'" 1 
ATOM   252 O  "O4'" . DC  A 1 13 ? -4.478  4.328   -6.410  1.00 106.88 ? 13  DC  A "O4'" 1 
ATOM   253 C  "C3'" . DC  A 1 13 ? -6.320  5.835   -6.129  1.00 111.32 ? 13  DC  A "C3'" 1 
ATOM   254 O  "O3'" . DC  A 1 13 ? -7.636  5.351   -6.365  1.00 120.56 ? 13  DC  A "O3'" 1 
ATOM   255 C  "C2'" . DC  A 1 13 ? -5.818  5.397   -4.763  1.00 104.34 ? 13  DC  A "C2'" 1 
ATOM   256 C  "C1'" . DC  A 1 13 ? -4.794  4.306   -5.038  1.00 96.61  ? 13  DC  A "C1'" 1 
ATOM   257 N  N1    . DC  A 1 13 ? -3.549  4.519   -4.255  1.00 93.71  ? 13  DC  A N1    1 
ATOM   258 C  C2    . DC  A 1 13 ? -3.441  3.961   -2.976  1.00 93.11  ? 13  DC  A C2    1 
ATOM   259 O  O2    . DC  A 1 13 ? -4.372  3.272   -2.547  1.00 88.87  ? 13  DC  A O2    1 
ATOM   260 N  N3    . DC  A 1 13 ? -2.315  4.176   -2.259  1.00 91.41  ? 13  DC  A N3    1 
ATOM   261 C  C4    . DC  A 1 13 ? -1.337  4.925   -2.769  1.00 93.13  ? 13  DC  A C4    1 
ATOM   262 N  N4    . DC  A 1 13 ? -0.244  5.112   -2.027  1.00 97.32  ? 13  DC  A N4    1 
ATOM   263 C  C5    . DC  A 1 13 ? -1.436  5.518   -4.064  1.00 93.59  ? 13  DC  A C5    1 
ATOM   264 C  C6    . DC  A 1 13 ? -2.552  5.297   -4.762  1.00 94.08  ? 13  DC  A C6    1 
ATOM   265 P  P     . DT  A 1 14 ? -8.877  6.031   -5.596  1.00 131.82 ? 14  DT  A P     1 
ATOM   266 O  OP1   . DT  A 1 14 ? -10.115 5.656   -6.312  1.00 134.32 ? 14  DT  A OP1   1 
ATOM   267 O  OP2   . DT  A 1 14 ? -8.542  7.460   -5.418  1.00 120.64 ? 14  DT  A OP2   1 
ATOM   268 O  "O5'" . DT  A 1 14 ? -8.871  5.353   -4.142  1.00 104.24 ? 14  DT  A "O5'" 1 
ATOM   269 C  "C5'" . DT  A 1 14 ? -8.906  3.937   -4.012  1.00 106.34 ? 14  DT  A "C5'" 1 
ATOM   270 C  "C4'" . DT  A 1 14 ? -9.010  3.525   -2.552  1.00 113.81 ? 14  DT  A "C4'" 1 
ATOM   271 O  "O4'" . DT  A 1 14 ? -7.715  3.630   -1.906  1.00 104.75 ? 14  DT  A "O4'" 1 
ATOM   272 C  "C3'" . DT  A 1 14 ? -9.979  4.348   -1.704  1.00 113.97 ? 14  DT  A "C3'" 1 
ATOM   273 O  "O3'" . DT  A 1 14 ? -10.750 3.469   -0.901  1.00 112.67 ? 14  DT  A "O3'" 1 
ATOM   274 C  "C2'" . DT  A 1 14 ? -9.054  5.232   -0.858  1.00 112.48 ? 14  DT  A "C2'" 1 
ATOM   275 C  "C1'" . DT  A 1 14 ? -7.841  4.332   -0.688  1.00 107.71 ? 14  DT  A "C1'" 1 
ATOM   276 N  N1    . DT  A 1 14 ? -6.549  5.060   -0.449  1.00 104.60 ? 14  DT  A N1    1 
ATOM   277 C  C2    . DT  A 1 14 ? -5.886  4.893   0.750   1.00 96.34  ? 14  DT  A C2    1 
ATOM   278 O  O2    . DT  A 1 14 ? -6.312  4.206   1.663   1.00 92.65  ? 14  DT  A O2    1 
ATOM   279 N  N3    . DT  A 1 14 ? -4.708  5.593   0.850   1.00 88.06  ? 14  DT  A N3    1 
ATOM   280 C  C4    . DT  A 1 14 ? -4.131  6.400   -0.108  1.00 94.01  ? 14  DT  A C4    1 
ATOM   281 O  O4    . DT  A 1 14 ? -3.070  6.984   0.076   1.00 94.83  ? 14  DT  A O4    1 
ATOM   282 C  C5    . DT  A 1 14 ? -4.866  6.519   -1.340  1.00 104.56 ? 14  DT  A C5    1 
ATOM   283 C  C7    . DT  A 1 14 ? -4.329  7.378   -2.446  1.00 109.94 ? 14  DT  A C7    1 
ATOM   284 C  C6    . DT  A 1 14 ? -6.024  5.849   -1.453  1.00 100.94 ? 14  DT  A C6    1 
ATOM   285 P  P     . DG  A 1 15 ? -11.907 4.039   0.056   1.00 128.19 ? 15  DG  A P     1 
ATOM   286 O  OP1   . DG  A 1 15 ? -12.960 3.002   0.144   1.00 127.35 ? 15  DG  A OP1   1 
ATOM   287 O  OP2   . DG  A 1 15 ? -12.244 5.405   -0.398  1.00 127.00 ? 15  DG  A OP2   1 
ATOM   288 O  "O5'" . DG  A 1 15 ? -11.197 4.142   1.481   1.00 123.01 ? 15  DG  A "O5'" 1 
ATOM   289 C  "C5'" . DG  A 1 15 ? -10.710 2.965   2.110   1.00 117.01 ? 15  DG  A "C5'" 1 
ATOM   290 C  "C4'" . DG  A 1 15 ? -10.418 3.211   3.580   1.00 123.28 ? 15  DG  A "C4'" 1 
ATOM   291 O  "O4'" . DG  A 1 15 ? -9.088  3.769   3.725   1.00 124.25 ? 15  DG  A "O4'" 1 
ATOM   292 C  "C3'" . DG  A 1 15 ? -11.360 4.188   4.279   1.00 134.52 ? 15  DG  A "C3'" 1 
ATOM   293 O  "O3'" . DG  A 1 15 ? -11.539 3.798   5.635   1.00 143.24 ? 15  DG  A "O3'" 1 
ATOM   294 C  "C2'" . DG  A 1 15 ? -10.602 5.508   4.178   1.00 125.08 ? 15  DG  A "C2'" 1 
ATOM   295 C  "C1'" . DG  A 1 15 ? -9.161  5.041   4.336   1.00 117.45 ? 15  DG  A "C1'" 1 
ATOM   296 N  N9    . DG  A 1 15 ? -8.190  5.911   3.683   1.00 113.70 ? 15  DG  A N9    1 
ATOM   297 C  C8    . DG  A 1 15 ? -8.270  6.440   2.418   1.00 112.09 ? 15  DG  A C8    1 
ATOM   298 N  N7    . DG  A 1 15 ? -7.245  7.179   2.097   1.00 100.97 ? 15  DG  A N7    1 
ATOM   299 C  C5    . DG  A 1 15 ? -6.428  7.130   3.219   1.00 93.08  ? 15  DG  A C5    1 
ATOM   300 C  C6    . DG  A 1 15 ? -5.176  7.739   3.457   1.00 90.30  ? 15  DG  A C6    1 
ATOM   301 O  O6    . DG  A 1 15 ? -4.521  8.464   2.697   1.00 100.04 ? 15  DG  A O6    1 
ATOM   302 N  N1    . DG  A 1 15 ? -4.689  7.436   4.728   1.00 80.51  ? 15  DG  A N1    1 
ATOM   303 C  C2    . DG  A 1 15 ? -5.337  6.642   5.649   1.00 91.92  ? 15  DG  A C2    1 
ATOM   304 N  N2    . DG  A 1 15 ? -4.722  6.457   6.825   1.00 85.80  ? 15  DG  A N2    1 
ATOM   305 N  N3    . DG  A 1 15 ? -6.511  6.067   5.434   1.00 96.72  ? 15  DG  A N3    1 
ATOM   306 C  C4    . DG  A 1 15 ? -6.995  6.353   4.203   1.00 101.79 ? 15  DG  A C4    1 
ATOM   307 P  P     . DC  A 1 16 ? -12.871 4.212   6.431   1.00 133.09 ? 16  DC  A P     1 
ATOM   308 O  OP1   . DC  A 1 16 ? -13.756 3.025   6.469   1.00 144.87 ? 16  DC  A OP1   1 
ATOM   309 O  OP2   . DC  A 1 16 ? -13.358 5.483   5.851   1.00 130.40 ? 16  DC  A OP2   1 
ATOM   310 O  "O5'" . DC  A 1 16 ? -12.340 4.529   7.904   1.00 129.07 ? 16  DC  A "O5'" 1 
ATOM   311 C  "C5'" . DC  A 1 16 ? -11.073 4.032   8.319   1.00 120.29 ? 16  DC  A "C5'" 1 
ATOM   312 C  "C4'" . DC  A 1 16 ? -10.387 5.003   9.265   1.00 128.53 ? 16  DC  A "C4'" 1 
ATOM   313 O  "O4'" . DC  A 1 16 ? -9.411  5.797   8.539   1.00 124.86 ? 16  DC  A "O4'" 1 
ATOM   314 C  "C3'" . DC  A 1 16 ? -11.310 6.013   9.950   1.00 132.13 ? 16  DC  A "C3'" 1 
ATOM   315 O  "O3'" . DC  A 1 16 ? -10.859 6.223   11.275  1.00 143.14 ? 16  DC  A "O3'" 1 
ATOM   316 C  "C2'" . DC  A 1 16 ? -11.109 7.264   9.099   1.00 121.01 ? 16  DC  A "C2'" 1 
ATOM   317 C  "C1'" . DC  A 1 16 ? -9.623  7.158   8.832   1.00 116.72 ? 16  DC  A "C1'" 1 
ATOM   318 N  N1    . DC  A 1 16 ? -9.139  7.959   7.683   1.00 115.53 ? 16  DC  A N1    1 
ATOM   319 C  C2    . DC  A 1 16 ? -7.909  8.611   7.781   1.00 108.05 ? 16  DC  A C2    1 
ATOM   320 O  O2    . DC  A 1 16 ? -7.270  8.519   8.836   1.00 100.07 ? 16  DC  A O2    1 
ATOM   321 N  N3    . DC  A 1 16 ? -7.459  9.329   6.721   1.00 103.42 ? 16  DC  A N3    1 
ATOM   322 C  C4    . DC  A 1 16 ? -8.191  9.399   5.603   1.00 109.05 ? 16  DC  A C4    1 
ATOM   323 N  N4    . DC  A 1 16 ? -7.710  10.117  4.582   1.00 111.52 ? 16  DC  A N4    1 
ATOM   324 C  C5    . DC  A 1 16 ? -9.448  8.731   5.485   1.00 115.30 ? 16  DC  A C5    1 
ATOM   325 C  C6    . DC  A 1 16 ? -9.878  8.029   6.539   1.00 117.89 ? 16  DC  A C6    1 
ATOM   326 P  P     . DA  A 1 17 ? -11.838 6.850   12.384  1.00 149.07 ? 17  DA  A P     1 
ATOM   327 O  OP1   . DA  A 1 17 ? -12.502 5.725   13.081  1.00 151.26 ? 17  DA  A OP1   1 
ATOM   328 O  OP2   . DA  A 1 17 ? -12.646 7.907   11.737  1.00 142.91 ? 17  DA  A OP2   1 
ATOM   329 O  "O5'" . DA  A 1 17 ? -10.831 7.567   13.396  1.00 136.82 ? 17  DA  A "O5'" 1 
ATOM   330 C  "C5'" . DA  A 1 17 ? -9.700  6.854   13.882  1.00 126.08 ? 17  DA  A "C5'" 1 
ATOM   331 C  "C4'" . DA  A 1 17 ? -8.564  7.795   14.259  1.00 127.63 ? 17  DA  A "C4'" 1 
ATOM   332 O  "O4'" . DA  A 1 17 ? -8.047  8.459   13.079  1.00 129.73 ? 17  DA  A "O4'" 1 
ATOM   333 C  "C3'" . DA  A 1 17 ? -8.920  8.909   15.227  1.00 131.90 ? 17  DA  A "C3'" 1 
ATOM   334 O  "O3'" . DA  A 1 17 ? -7.786  9.202   16.031  1.00 136.03 ? 17  DA  A "O3'" 1 
ATOM   335 C  "C2'" . DA  A 1 17 ? -9.273  10.070  14.294  1.00 122.96 ? 17  DA  A "C2'" 1 
ATOM   336 C  "C1'" . DA  A 1 17 ? -8.295  9.855   13.145  1.00 121.20 ? 17  DA  A "C1'" 1 
ATOM   337 N  N9    . DA  A 1 17 ? -8.803  10.252  11.835  1.00 122.23 ? 17  DA  A N9    1 
ATOM   338 C  C8    . DA  A 1 17 ? -9.989  9.877   11.266  1.00 119.21 ? 17  DA  A C8    1 
ATOM   339 N  N7    . DA  A 1 17 ? -10.167 10.348  10.054  1.00 116.21 ? 17  DA  A N7    1 
ATOM   340 C  C5    . DA  A 1 17 ? -9.008  11.065  9.799   1.00 115.98 ? 17  DA  A C5    1 
ATOM   341 C  C6    . DA  A 1 17 ? -8.576  11.809  8.678   1.00 113.88 ? 17  DA  A C6    1 
ATOM   342 N  N6    . DA  A 1 17 ? -9.305  11.948  7.565   1.00 108.70 ? 17  DA  A N6    1 
ATOM   343 N  N1    . DA  A 1 17 ? -7.363  12.406  8.747   1.00 111.20 ? 17  DA  A N1    1 
ATOM   344 C  C2    . DA  A 1 17 ? -6.637  12.259  9.866   1.00 109.47 ? 17  DA  A C2    1 
ATOM   345 N  N3    . DA  A 1 17 ? -6.941  11.588  10.984  1.00 107.46 ? 17  DA  A N3    1 
ATOM   346 C  C4    . DA  A 1 17 ? -8.149  11.008  10.883  1.00 117.51 ? 17  DA  A C4    1 
ATOM   347 P  P     . DC  A 1 18 ? -7.875  10.300  17.198  1.00 151.19 ? 18  DC  A P     1 
ATOM   348 O  OP1   . DC  A 1 18 ? -6.754  10.046  18.131  1.00 138.29 ? 18  DC  A OP1   1 
ATOM   349 O  OP2   . DC  A 1 18 ? -9.269  10.308  17.694  1.00 139.43 ? 18  DC  A OP2   1 
ATOM   350 O  "O5'" . DC  A 1 18 ? -7.597  11.681  16.443  1.00 132.03 ? 18  DC  A "O5'" 1 
ATOM   351 C  "C5'" . DC  A 1 18 ? -6.784  12.662  17.055  1.00 127.77 ? 18  DC  A "C5'" 1 
ATOM   352 C  "C4'" . DC  A 1 18 ? -6.176  13.579  16.015  1.00 125.44 ? 18  DC  A "C4'" 1 
ATOM   353 O  "O4'" . DC  A 1 18 ? -6.753  13.307  14.728  1.00 127.41 ? 18  DC  A "O4'" 1 
ATOM   354 C  "C3'" . DC  A 1 18 ? -6.394  15.064  16.270  1.00 129.37 ? 18  DC  A "C3'" 1 
ATOM   355 O  "O3'" . DC  A 1 18 ? -5.166  15.626  16.745  1.00 139.17 ? 18  DC  A "O3'" 1 
ATOM   356 C  "C2'" . DC  A 1 18 ? -6.850  15.640  14.906  1.00 131.67 ? 18  DC  A "C2'" 1 
ATOM   357 C  "C1'" . DC  A 1 18 ? -6.691  14.470  13.944  1.00 123.39 ? 18  DC  A "C1'" 1 
ATOM   358 N  N1    . DC  A 1 18 ? -7.759  14.347  12.892  1.00 119.81 ? 18  DC  A N1    1 
ATOM   359 C  C2    . DC  A 1 18 ? -7.546  14.852  11.596  1.00 121.33 ? 18  DC  A C2    1 
ATOM   360 O  O2    . DC  A 1 18 ? -6.490  15.444  11.334  1.00 119.34 ? 18  DC  A O2    1 
ATOM   361 N  N3    . DC  A 1 18 ? -8.521  14.685  10.661  1.00 119.39 ? 18  DC  A N3    1 
ATOM   362 C  C4    . DC  A 1 18 ? -9.650  14.042  10.974  1.00 122.86 ? 18  DC  A C4    1 
ATOM   363 N  N4    . DC  A 1 18 ? -10.581 13.899  10.025  1.00 120.95 ? 18  DC  A N4    1 
ATOM   364 C  C5    . DC  A 1 18 ? -9.874  13.513  12.278  1.00 122.01 ? 18  DC  A C5    1 
ATOM   365 C  C6    . DC  A 1 18 ? -8.911  13.678  13.190  1.00 119.45 ? 18  DC  A C6    1 
ATOM   366 P  P     . DT  A 1 19 ? -4.792  17.171  16.523  1.00 164.13 ? 19  DT  A P     1 
ATOM   367 O  OP1   . DT  A 1 19 ? -3.682  17.480  17.452  1.00 171.51 ? 19  DT  A OP1   1 
ATOM   368 O  OP2   . DT  A 1 19 ? -6.020  17.992  16.613  1.00 154.42 ? 19  DT  A OP2   1 
ATOM   369 O  "O5'" . DT  A 1 19 ? -4.209  17.199  15.033  1.00 142.75 ? 19  DT  A "O5'" 1 
ATOM   370 C  "C5'" . DT  A 1 19 ? -3.264  18.181  14.652  1.00 148.43 ? 19  DT  A "C5'" 1 
ATOM   371 C  "C4'" . DT  A 1 19 ? -3.945  19.313  13.917  1.00 150.98 ? 19  DT  A "C4'" 1 
ATOM   372 O  "O4'" . DT  A 1 19 ? -4.893  18.769  12.984  1.00 142.67 ? 19  DT  A "O4'" 1 
ATOM   373 C  "C3'" . DT  A 1 19 ? -4.763  20.238  14.801  1.00 160.50 ? 19  DT  A "C3'" 1 
ATOM   374 O  "O3'" . DT  A 1 19 ? -3.965  21.346  15.296  1.00 168.54 ? 19  DT  A "O3'" 1 
ATOM   375 C  "C2'" . DT  A 1 19 ? -5.910  20.708  13.897  1.00 159.84 ? 19  DT  A "C2'" 1 
ATOM   376 C  "C1'" . DT  A 1 19 ? -5.876  19.740  12.711  1.00 148.64 ? 19  DT  A "C1'" 1 
ATOM   377 N  N1    . DT  A 1 19 ? -7.176  19.048  12.461  1.00 143.38 ? 19  DT  A N1    1 
ATOM   378 C  C2    . DT  A 1 19 ? -7.622  18.921  11.172  1.00 143.94 ? 19  DT  A C2    1 
ATOM   379 O  O2    . DT  A 1 19 ? -7.004  19.347  10.212  1.00 146.10 ? 19  DT  A O2    1 
ATOM   380 N  N3    . DT  A 1 19 ? -8.819  18.268  11.039  1.00 139.45 ? 19  DT  A N3    1 
ATOM   381 C  C4    . DT  A 1 19 ? -9.603  17.744  12.051  1.00 134.91 ? 19  DT  A C4    1 
ATOM   382 O  O4    . DT  A 1 19 ? -10.667 17.175  11.828  1.00 139.34 ? 19  DT  A O4    1 
ATOM   383 C  C5    . DT  A 1 19 ? -9.082  17.915  13.384  1.00 131.77 ? 19  DT  A C5    1 
ATOM   384 C  C7    . DT  A 1 19 ? -9.850  17.389  14.563  1.00 125.17 ? 19  DT  A C7    1 
ATOM   385 C  C6    . DT  A 1 19 ? -7.909  18.555  13.526  1.00 139.20 ? 19  DT  A C6    1 
ATOM   386 P  P     . DC  A 1 20 ? -2.765  22.000  14.437  1.00 183.30 ? 20  DC  A P     1 
ATOM   387 O  OP1   . DC  A 1 20 ? -1.590  21.103  14.478  1.00 168.67 ? 20  DC  A OP1   1 
ATOM   388 O  OP2   . DC  A 1 20 ? -2.587  23.377  14.947  1.00 178.76 ? 20  DC  A OP2   1 
ATOM   389 O  "O5'" . DC  A 1 20 ? -3.335  22.098  12.944  1.00 173.05 ? 20  DC  A "O5'" 1 
ATOM   390 C  "C5'" . DC  A 1 20 ? -2.826  23.072  12.046  1.00 179.24 ? 20  DC  A "C5'" 1 
ATOM   391 C  "C4'" . DC  A 1 20 ? -3.900  24.084  11.698  1.00 184.34 ? 20  DC  A "C4'" 1 
ATOM   392 O  "O4'" . DC  A 1 20 ? -5.155  23.404  11.527  1.00 176.08 ? 20  DC  A "O4'" 1 
ATOM   393 C  "C3'" . DC  A 1 20 ? -4.158  25.149  12.765  1.00 188.23 ? 20  DC  A "C3'" 1 
ATOM   394 O  "O3'" . DC  A 1 20 ? -3.520  26.400  12.402  1.00 206.84 ? 20  DC  A "O3'" 1 
ATOM   395 C  "C2'" . DC  A 1 20 ? -5.694  25.257  12.862  1.00 183.59 ? 20  DC  A "C2'" 1 
ATOM   396 C  "C1'" . DC  A 1 20 ? -6.193  24.319  11.765  1.00 179.86 ? 20  DC  A "C1'" 1 
ATOM   397 N  N1    . DC  A 1 20 ? -7.415  23.557  12.138  1.00 173.98 ? 20  DC  A N1    1 
ATOM   398 C  C2    . DC  A 1 20 ? -8.210  22.994  11.136  1.00 173.82 ? 20  DC  A C2    1 
ATOM   399 O  O2    . DC  A 1 20 ? -7.882  23.142  9.951   1.00 173.18 ? 20  DC  A O2    1 
ATOM   400 N  N3    . DC  A 1 20 ? -9.319  22.298  11.492  1.00 168.31 ? 20  DC  A N3    1 
ATOM   401 C  C4    . DC  A 1 20 ? -9.638  22.159  12.781  1.00 166.63 ? 20  DC  A C4    1 
ATOM   402 N  N4    . DC  A 1 20 ? -10.741 21.465  13.082  1.00 159.86 ? 20  DC  A N4    1 
ATOM   403 C  C5    . DC  A 1 20 ? -8.840  22.727  13.817  1.00 168.97 ? 20  DC  A C5    1 
ATOM   404 C  C6    . DC  A 1 20 ? -7.751  23.415  13.454  1.00 170.85 ? 20  DC  A C6    1 
ATOM   405 P  P     . DA  A 1 21 ? -4.199  27.457  11.390  1.00 203.62 ? 21  DA  A P     1 
ATOM   406 O  OP1   . DA  A 1 21 ? -3.101  28.307  10.881  1.00 204.31 ? 21  DA  A OP1   1 
ATOM   407 O  OP2   . DA  A 1 21 ? -5.343  28.114  12.061  1.00 197.34 ? 21  DA  A OP2   1 
ATOM   408 O  "O5'" . DA  A 1 21 ? -4.735  26.571  10.168  1.00 197.00 ? 21  DA  A "O5'" 1 
ATOM   409 C  "C5'" . DA  A 1 21 ? -4.810  27.119  8.857   1.00 196.12 ? 21  DA  A "C5'" 1 
ATOM   410 C  "C4'" . DA  A 1 21 ? -6.216  27.601  8.548   1.00 195.33 ? 21  DA  A "C4'" 1 
ATOM   411 O  "O4'" . DA  A 1 21 ? -7.174  26.706  9.147   1.00 190.10 ? 21  DA  A "O4'" 1 
ATOM   412 C  "C3'" . DA  A 1 21 ? -6.568  28.961  9.117   1.00 197.06 ? 21  DA  A "C3'" 1 
ATOM   413 O  "O3'" . DA  A 1 21 ? -6.126  29.989  8.233   1.00 196.88 ? 21  DA  A "O3'" 1 
ATOM   414 C  "C2'" . DA  A 1 21 ? -8.096  28.903  9.194   1.00 192.27 ? 21  DA  A "C2'" 1 
ATOM   415 C  "C1'" . DA  A 1 21 ? -8.382  27.406  9.385   1.00 188.10 ? 21  DA  A "C1'" 1 
ATOM   416 N  N9    . DA  A 1 21 ? -8.872  27.059  10.718  1.00 185.43 ? 21  DA  A N9    1 
ATOM   417 C  C8    . DA  A 1 21 ? -8.326  27.418  11.921  1.00 184.51 ? 21  DA  A C8    1 
ATOM   418 N  N7    . DA  A 1 21 ? -8.984  26.956  12.960  1.00 178.68 ? 21  DA  A N7    1 
ATOM   419 C  C5    . DA  A 1 21 ? -10.032 26.243  12.400  1.00 180.71 ? 21  DA  A C5    1 
ATOM   420 C  C6    . DA  A 1 21 ? -11.092 25.505  12.967  1.00 178.87 ? 21  DA  A C6    1 
ATOM   421 N  N6    . DA  A 1 21 ? -11.273 25.372  14.286  1.00 175.60 ? 21  DA  A N6    1 
ATOM   422 N  N1    . DA  A 1 21 ? -11.969 24.917  12.124  1.00 180.49 ? 21  DA  A N1    1 
ATOM   423 C  C2    . DA  A 1 21 ? -11.787 25.058  10.805  1.00 182.75 ? 21  DA  A C2    1 
ATOM   424 N  N3    . DA  A 1 21 ? -10.830 25.722  10.156  1.00 184.79 ? 21  DA  A N3    1 
ATOM   425 C  C4    . DA  A 1 21 ? -9.977  26.297  11.020  1.00 183.59 ? 21  DA  A C4    1 
ATOM   426 P  P     . DA  B 2 1  ? 4.098   2.276   6.609   1.00 126.97 ? 1   DA  B P     1 
ATOM   427 O  OP1   . DA  B 2 1  ? 4.019   3.542   5.850   1.00 107.58 ? 1   DA  B OP1   1 
ATOM   428 O  OP2   . DA  B 2 1  ? 3.814   0.996   5.924   1.00 131.78 ? 1   DA  B OP2   1 
ATOM   429 O  "O5'" . DA  B 2 1  ? 3.119   2.380   7.871   1.00 119.10 ? 1   DA  B "O5'" 1 
ATOM   430 C  "C5'" . DA  B 2 1  ? 2.411   3.587   8.122   1.00 94.87  ? 1   DA  B "C5'" 1 
ATOM   431 C  "C4'" . DA  B 2 1  ? 1.012   3.298   8.623   1.00 93.40  ? 1   DA  B "C4'" 1 
ATOM   432 O  "O4'" . DA  B 2 1  ? 0.213   4.500   8.492   1.00 103.25 ? 1   DA  B "O4'" 1 
ATOM   433 C  "C3'" . DA  B 2 1  ? 0.272   2.214   7.843   1.00 98.20  ? 1   DA  B "C3'" 1 
ATOM   434 O  "O3'" . DA  B 2 1  ? 0.302   0.986   8.557   1.00 99.07  ? 1   DA  B "O3'" 1 
ATOM   435 C  "C2'" . DA  B 2 1  ? -1.150  2.750   7.747   1.00 86.56  ? 1   DA  B "C2'" 1 
ATOM   436 C  "C1'" . DA  B 2 1  ? -0.927  4.240   7.698   1.00 89.39  ? 1   DA  B "C1'" 1 
ATOM   437 N  N9    . DA  B 2 1  ? -0.705  4.760   6.349   1.00 93.72  ? 1   DA  B N9    1 
ATOM   438 C  C8    . DA  B 2 1  ? 0.426   5.363   5.876   1.00 96.10  ? 1   DA  B C8    1 
ATOM   439 N  N7    . DA  B 2 1  ? 0.341   5.744   4.622   1.00 92.73  ? 1   DA  B N7    1 
ATOM   440 C  C5    . DA  B 2 1  ? -0.934  5.360   4.241   1.00 94.62  ? 1   DA  B C5    1 
ATOM   441 C  C6    . DA  B 2 1  ? -1.635  5.480   3.025   1.00 85.27  ? 1   DA  B C6    1 
ATOM   442 N  N6    . DA  B 2 1  ? -1.113  6.046   1.933   1.00 93.03  ? 1   DA  B N6    1 
ATOM   443 N  N1    . DA  B 2 1  ? -2.893  4.994   2.974   1.00 86.29  ? 1   DA  B N1    1 
ATOM   444 C  C2    . DA  B 2 1  ? -3.409  4.429   4.071   1.00 85.55  ? 1   DA  B C2    1 
ATOM   445 N  N3    . DA  B 2 1  ? -2.848  4.259   5.272   1.00 88.10  ? 1   DA  B N3    1 
ATOM   446 C  C4    . DA  B 2 1  ? -1.597  4.750   5.290   1.00 95.79  ? 1   DA  B C4    1 
ATOM   447 P  P     . DG  B 2 2  ? 0.419   -0.405  7.759   1.00 112.49 ? 2   DG  B P     1 
ATOM   448 O  OP1   . DG  B 2 2  ? 1.565   -1.143  8.344   1.00 123.39 ? 2   DG  B OP1   1 
ATOM   449 O  OP2   . DG  B 2 2  ? 0.414   -0.100  6.311   1.00 80.41  ? 2   DG  B OP2   1 
ATOM   450 O  "O5'" . DG  B 2 2  ? -0.937  -1.190  8.108   1.00 88.09  ? 2   DG  B "O5'" 1 
ATOM   451 C  "C5'" . DG  B 2 2  ? -2.189  -0.501  8.178   1.00 93.05  ? 2   DG  B "C5'" 1 
ATOM   452 C  "C4'" . DG  B 2 2  ? -2.901  -0.494  6.830   1.00 94.50  ? 2   DG  B "C4'" 1 
ATOM   453 O  "O4'" . DG  B 2 2  ? -2.470  0.625   6.045   1.00 95.25  ? 2   DG  B "O4'" 1 
ATOM   454 C  "C3'" . DG  B 2 2  ? -2.640  -1.701  5.954   1.00 98.91  ? 2   DG  B "C3'" 1 
ATOM   455 O  "O3'" . DG  B 2 2  ? -3.641  -2.681  6.202   1.00 106.19 ? 2   DG  B "O3'" 1 
ATOM   456 C  "C2'" . DG  B 2 2  ? -2.720  -1.143  4.514   1.00 87.05  ? 2   DG  B "C2'" 1 
ATOM   457 C  "C1'" . DG  B 2 2  ? -2.795  0.372   4.704   1.00 83.27  ? 2   DG  B "C1'" 1 
ATOM   458 N  N9    . DG  B 2 2  ? -1.871  1.127   3.856   1.00 92.88  ? 2   DG  B N9    1 
ATOM   459 C  C8    . DG  B 2 2  ? -0.580  1.494   4.158   1.00 93.65  ? 2   DG  B C8    1 
ATOM   460 N  N7    . DG  B 2 2  ? 0.003   2.176   3.209   1.00 88.76  ? 2   DG  B N7    1 
ATOM   461 C  C5    . DG  B 2 2  ? -0.963  2.273   2.218   1.00 94.58  ? 2   DG  B C5    1 
ATOM   462 C  C6    . DG  B 2 2  ? -0.909  2.900   0.949   1.00 95.85  ? 2   DG  B C6    1 
ATOM   463 O  O6    . DG  B 2 2  ? 0.042   3.516   0.439   1.00 94.64  ? 2   DG  B O6    1 
ATOM   464 N  N1    . DG  B 2 2  ? -2.111  2.766   0.252   1.00 91.23  ? 2   DG  B N1    1 
ATOM   465 C  C2    . DG  B 2 2  ? -3.225  2.104   0.726   1.00 88.27  ? 2   DG  B C2    1 
ATOM   466 N  N2    . DG  B 2 2  ? -4.296  2.074   -0.083  1.00 94.23  ? 2   DG  B N2    1 
ATOM   467 N  N3    . DG  B 2 2  ? -3.286  1.511   1.913   1.00 77.94  ? 2   DG  B N3    1 
ATOM   468 C  C4    . DG  B 2 2  ? -2.127  1.635   2.601   1.00 90.97  ? 2   DG  B C4    1 
ATOM   469 P  P     . DT  B 2 3  ? -3.874  -3.902  5.188   1.00 135.21 ? 3   DT  B P     1 
ATOM   470 O  OP1   . DT  B 2 3  ? -4.563  -4.958  5.963   1.00 117.65 ? 3   DT  B OP1   1 
ATOM   471 O  OP2   . DT  B 2 3  ? -2.588  -4.221  4.518   1.00 106.66 ? 3   DT  B OP2   1 
ATOM   472 O  "O5'" . DT  B 2 3  ? -4.891  -3.314  4.099   1.00 117.52 ? 3   DT  B "O5'" 1 
ATOM   473 C  "C5'" . DT  B 2 3  ? -5.500  -4.180  3.164   1.00 105.53 ? 3   DT  B "C5'" 1 
ATOM   474 C  "C4'" . DT  B 2 3  ? -5.813  -3.444  1.881   1.00 102.20 ? 3   DT  B "C4'" 1 
ATOM   475 O  "O4'" . DT  B 2 3  ? -4.860  -2.381  1.694   1.00 105.56 ? 3   DT  B "O4'" 1 
ATOM   476 C  "C3'" . DT  B 2 3  ? -5.745  -4.306  0.626   1.00 107.51 ? 3   DT  B "C3'" 1 
ATOM   477 O  "O3'" . DT  B 2 3  ? -7.047  -4.479  0.089   1.00 110.41 ? 3   DT  B "O3'" 1 
ATOM   478 C  "C2'" . DT  B 2 3  ? -4.826  -3.535  -0.336  1.00 103.15 ? 3   DT  B "C2'" 1 
ATOM   479 C  "C1'" . DT  B 2 3  ? -4.675  -2.171  0.321   1.00 104.02 ? 3   DT  B "C1'" 1 
ATOM   480 N  N1    . DT  B 2 3  ? -3.326  -1.551  0.129   1.00 100.41 ? 3   DT  B N1    1 
ATOM   481 C  C2    . DT  B 2 3  ? -3.076  -0.796  -0.998  1.00 102.32 ? 3   DT  B C2    1 
ATOM   482 O  O2    . DT  B 2 3  ? -3.898  -0.612  -1.875  1.00 101.13 ? 3   DT  B O2    1 
ATOM   483 N  N3    . DT  B 2 3  ? -1.813  -0.266  -1.059  1.00 98.33  ? 3   DT  B N3    1 
ATOM   484 C  C4    . DT  B 2 3  ? -0.800  -0.407  -0.128  1.00 95.92  ? 3   DT  B C4    1 
ATOM   485 O  O4    . DT  B 2 3  ? 0.302   0.107   -0.272  1.00 97.49  ? 3   DT  B O4    1 
ATOM   486 C  C5    . DT  B 2 3  ? -1.131  -1.205  1.029   1.00 91.58  ? 3   DT  B C5    1 
ATOM   487 C  C7    . DT  B 2 3  ? -0.111  -1.431  2.107   1.00 86.53  ? 3   DT  B C7    1 
ATOM   488 C  C6    . DT  B 2 3  ? -2.363  -1.729  1.101   1.00 96.66  ? 3   DT  B C6    1 
ATOM   489 P  P     . DC  B 2 4  ? -7.364  -5.760  -0.822  1.00 97.08  ? 4   DC  B P     1 
ATOM   490 O  OP1   . DC  B 2 4  ? -8.830  -5.970  -0.833  1.00 111.84 ? 4   DC  B OP1   1 
ATOM   491 O  OP2   . DC  B 2 4  ? -6.461  -6.841  -0.367  1.00 102.58 ? 4   DC  B OP2   1 
ATOM   492 O  "O5'" . DC  B 2 4  ? -6.881  -5.313  -2.281  1.00 98.72  ? 4   DC  B "O5'" 1 
ATOM   493 C  "C5'" . DC  B 2 4  ? -7.499  -4.204  -2.920  1.00 96.42  ? 4   DC  B "C5'" 1 
ATOM   494 C  "C4'" . DC  B 2 4  ? -6.772  -3.830  -4.204  1.00 94.04  ? 4   DC  B "C4'" 1 
ATOM   495 O  "O4'" . DC  B 2 4  ? -5.495  -3.209  -3.897  1.00 99.44  ? 4   DC  B "O4'" 1 
ATOM   496 C  "C3'" . DC  B 2 4  ? -6.455  -4.994  -5.150  1.00 110.34 ? 4   DC  B "C3'" 1 
ATOM   497 O  "O3'" . DC  B 2 4  ? -6.745  -4.602  -6.487  1.00 115.11 ? 4   DC  B "O3'" 1 
ATOM   498 C  "C2'" . DC  B 2 4  ? -4.951  -5.196  -4.948  1.00 107.75 ? 4   DC  B "C2'" 1 
ATOM   499 C  "C1'" . DC  B 2 4  ? -4.514  -3.761  -4.744  1.00 112.34 ? 4   DC  B "C1'" 1 
ATOM   500 N  N1    . DC  B 2 4  ? -3.183  -3.592  -4.092  1.00 110.72 ? 4   DC  B N1    1 
ATOM   501 C  C2    . DC  B 2 4  ? -2.227  -2.766  -4.692  1.00 105.07 ? 4   DC  B C2    1 
ATOM   502 O  O2    . DC  B 2 4  ? -2.501  -2.219  -5.764  1.00 102.37 ? 4   DC  B O2    1 
ATOM   503 N  N3    . DC  B 2 4  ? -1.028  -2.601  -4.085  1.00 102.02 ? 4   DC  B N3    1 
ATOM   504 C  C4    . DC  B 2 4  ? -0.778  -3.212  -2.926  1.00 106.79 ? 4   DC  B C4    1 
ATOM   505 N  N4    . DC  B 2 4  ? 0.417   -3.021  -2.361  1.00 105.24 ? 4   DC  B N4    1 
ATOM   506 C  C5    . DC  B 2 4  ? -1.746  -4.051  -2.293  1.00 108.13 ? 4   DC  B C5    1 
ATOM   507 C  C6    . DC  B 2 4  ? -2.920  -4.212  -2.908  1.00 103.80 ? 4   DC  B C6    1 
ATOM   508 P  P     . DA  B 2 5  ? -7.546  -5.590  -7.468  1.00 123.72 ? 5   DA  B P     1 
ATOM   509 O  OP1   . DA  B 2 5  ? -8.693  -4.824  -8.008  1.00 110.02 ? 5   DA  B OP1   1 
ATOM   510 O  OP2   . DA  B 2 5  ? -7.765  -6.859  -6.741  1.00 92.13  ? 5   DA  B OP2   1 
ATOM   511 O  "O5'" . DA  B 2 5  ? -6.522  -5.869  -8.665  1.00 110.59 ? 5   DA  B "O5'" 1 
ATOM   512 C  "C5'" . DA  B 2 5  ? -6.270  -4.847  -9.622  1.00 97.53  ? 5   DA  B "C5'" 1 
ATOM   513 C  "C4'" . DA  B 2 5  ? -4.806  -4.817  -10.021 1.00 96.91  ? 5   DA  B "C4'" 1 
ATOM   514 O  "O4'" . DA  B 2 5  ? -3.965  -4.724  -8.839  1.00 98.09  ? 5   DA  B "O4'" 1 
ATOM   515 C  "C3'" . DA  B 2 5  ? -4.317  -6.052  -10.789 1.00 90.46  ? 5   DA  B "C3'" 1 
ATOM   516 O  "O3'" . DA  B 2 5  ? -3.654  -5.650  -11.978 1.00 80.34  ? 5   DA  B "O3'" 1 
ATOM   517 C  "C2'" . DA  B 2 5  ? -3.347  -6.719  -9.810  1.00 101.15 ? 5   DA  B "C2'" 1 
ATOM   518 C  "C1'" . DA  B 2 5  ? -2.824  -5.506  -9.074  1.00 100.56 ? 5   DA  B "C1'" 1 
ATOM   519 N  N9    . DA  B 2 5  ? -2.147  -5.804  -7.812  1.00 109.30 ? 5   DA  B N9    1 
ATOM   520 C  C8    . DA  B 2 5  ? -2.581  -6.617  -6.800  1.00 110.14 ? 5   DA  B C8    1 
ATOM   521 N  N7    . DA  B 2 5  ? -1.743  -6.694  -5.787  1.00 105.41 ? 5   DA  B N7    1 
ATOM   522 C  C5    . DA  B 2 5  ? -0.686  -5.881  -6.169  1.00 104.22 ? 5   DA  B C5    1 
ATOM   523 C  C6    . DA  B 2 5  ? 0.527   -5.534  -5.537  1.00 103.15 ? 5   DA  B C6    1 
ATOM   524 N  N6    . DA  B 2 5  ? 0.888   -5.988  -4.334  1.00 103.43 ? 5   DA  B N6    1 
ATOM   525 N  N1    . DA  B 2 5  ? 1.357   -4.697  -6.198  1.00 103.79 ? 5   DA  B N1    1 
ATOM   526 C  C2    . DA  B 2 5  ? 0.992   -4.242  -7.401  1.00 105.75 ? 5   DA  B C2    1 
ATOM   527 N  N3    . DA  B 2 5  ? -0.115  -4.498  -8.093  1.00 102.92 ? 5   DA  B N3    1 
ATOM   528 C  C4    . DA  B 2 5  ? -0.920  -5.330  -7.415  1.00 106.62 ? 5   DA  B C4    1 
ATOM   529 O  "O5'" . DT  C 3 1  ? -18.045 24.687  24.480  1.00 179.98 ? 1   DT  C "O5'" 1 
ATOM   530 C  "C5'" . DT  C 3 1  ? -18.230 23.436  23.838  1.00 181.64 ? 1   DT  C "C5'" 1 
ATOM   531 C  "C4'" . DT  C 3 1  ? -19.262 23.554  22.737  1.00 184.86 ? 1   DT  C "C4'" 1 
ATOM   532 O  "O4'" . DT  C 3 1  ? -18.993 24.747  21.952  1.00 180.34 ? 1   DT  C "O4'" 1 
ATOM   533 C  "C3'" . DT  C 3 1  ? -19.287 22.385  21.752  1.00 188.97 ? 1   DT  C "C3'" 1 
ATOM   534 O  "O3'" . DT  C 3 1  ? -20.629 21.995  21.484  1.00 196.70 ? 1   DT  C "O3'" 1 
ATOM   535 C  "C2'" . DT  C 3 1  ? -18.606 22.956  20.511  1.00 184.78 ? 1   DT  C "C2'" 1 
ATOM   536 C  "C1'" . DT  C 3 1  ? -19.008 24.420  20.585  1.00 180.71 ? 1   DT  C "C1'" 1 
ATOM   537 N  N1    . DT  C 3 1  ? -18.071 25.332  19.869  1.00 179.64 ? 1   DT  C N1    1 
ATOM   538 C  C2    . DT  C 3 1  ? -18.547 26.101  18.834  1.00 182.96 ? 1   DT  C C2    1 
ATOM   539 O  O2    . DT  C 3 1  ? -19.706 26.074  18.460  1.00 182.06 ? 1   DT  C O2    1 
ATOM   540 N  N3    . DT  C 3 1  ? -17.607 26.901  18.237  1.00 184.03 ? 1   DT  C N3    1 
ATOM   541 C  C4    . DT  C 3 1  ? -16.269 27.010  18.571  1.00 181.44 ? 1   DT  C C4    1 
ATOM   542 O  O4    . DT  C 3 1  ? -15.503 27.760  17.976  1.00 180.73 ? 1   DT  C O4    1 
ATOM   543 C  C5    . DT  C 3 1  ? -15.839 26.179  19.669  1.00 179.13 ? 1   DT  C C5    1 
ATOM   544 C  C7    . DT  C 3 1  ? -14.412 26.211  20.122  1.00 176.80 ? 1   DT  C C7    1 
ATOM   545 C  C6    . DT  C 3 1  ? -16.749 25.390  20.258  1.00 179.18 ? 1   DT  C C6    1 
ATOM   546 P  P     . DC  C 3 2  ? -20.938 20.569  20.808  1.00 206.99 ? 2   DC  C P     1 
ATOM   547 O  OP1   . DC  C 3 2  ? -22.375 20.272  21.004  1.00 227.93 ? 2   DC  C OP1   1 
ATOM   548 O  OP2   . DC  C 3 2  ? -19.915 19.612  21.280  1.00 221.48 ? 2   DC  C OP2   1 
ATOM   549 O  "O5'" . DC  C 3 2  ? -20.672 20.820  19.254  1.00 195.83 ? 2   DC  C "O5'" 1 
ATOM   550 C  "C5'" . DC  C 3 2  ? -21.120 19.876  18.293  1.00 197.37 ? 2   DC  C "C5'" 1 
ATOM   551 C  "C4'" . DC  C 3 2  ? -21.978 20.557  17.242  1.00 199.36 ? 2   DC  C "C4'" 1 
ATOM   552 O  "O4'" . DC  C 3 2  ? -21.540 21.932  17.086  1.00 195.59 ? 2   DC  C "O4'" 1 
ATOM   553 C  "C3'" . DC  C 3 2  ? -21.898 19.944  15.851  1.00 204.29 ? 2   DC  C "C3'" 1 
ATOM   554 O  "O3'" . DC  C 3 2  ? -23.123 20.148  15.152  1.00 215.11 ? 2   DC  C "O3'" 1 
ATOM   555 C  "C2'" . DC  C 3 2  ? -20.758 20.732  15.223  1.00 200.03 ? 2   DC  C "C2'" 1 
ATOM   556 C  "C1'" . DC  C 3 2  ? -20.997 22.122  15.794  1.00 195.75 ? 2   DC  C "C1'" 1 
ATOM   557 N  N1    . DC  C 3 2  ? -19.752 22.915  15.919  1.00 191.67 ? 2   DC  C N1    1 
ATOM   558 C  C2    . DC  C 3 2  ? -19.376 23.778  14.885  1.00 193.78 ? 2   DC  C C2    1 
ATOM   559 O  O2    . DC  C 3 2  ? -20.097 23.871  13.884  1.00 193.41 ? 2   DC  C O2    1 
ATOM   560 N  N3    . DC  C 3 2  ? -18.228 24.490  15.012  1.00 193.49 ? 2   DC  C N3    1 
ATOM   561 C  C4    . DC  C 3 2  ? -17.480 24.360  16.108  1.00 189.52 ? 2   DC  C C4    1 
ATOM   562 N  N4    . DC  C 3 2  ? -16.358 25.080  16.186  1.00 185.91 ? 2   DC  C N4    1 
ATOM   563 C  C5    . DC  C 3 2  ? -17.845 23.480  17.168  1.00 185.27 ? 2   DC  C C5    1 
ATOM   564 C  C6    . DC  C 3 2  ? -18.980 22.787  17.034  1.00 187.91 ? 2   DC  C C6    1 
ATOM   565 P  P     . DT  C 3 3  ? -23.485 19.248  13.869  1.00 244.93 ? 3   DT  C P     1 
ATOM   566 O  OP1   . DT  C 3 3  ? -24.407 20.035  13.020  1.00 244.92 ? 3   DT  C OP1   1 
ATOM   567 O  OP2   . DT  C 3 3  ? -23.895 17.914  14.361  1.00 234.61 ? 3   DT  C OP2   1 
ATOM   568 O  "O5'" . DT  C 3 3  ? -22.085 19.078  13.112  1.00 221.14 ? 3   DT  C "O5'" 1 
ATOM   569 C  "C5'" . DT  C 3 3  ? -22.047 18.809  11.723  1.00 215.86 ? 3   DT  C "C5'" 1 
ATOM   570 C  "C4'" . DT  C 3 3  ? -21.709 20.064  10.934  1.00 214.11 ? 3   DT  C "C4'" 1 
ATOM   571 O  "O4'" . DT  C 3 3  ? -20.772 20.888  11.680  1.00 203.47 ? 3   DT  C "O4'" 1 
ATOM   572 C  "C3'" . DT  C 3 3  ? -21.057 19.808  9.569   1.00 218.72 ? 3   DT  C "C3'" 1 
ATOM   573 O  "O3'" . DT  C 3 3  ? -21.828 20.411  8.530   1.00 227.38 ? 3   DT  C "O3'" 1 
ATOM   574 C  "C2'" . DT  C 3 3  ? -19.670 20.451  9.695   1.00 211.94 ? 3   DT  C "C2'" 1 
ATOM   575 C  "C1'" . DT  C 3 3  ? -19.909 21.501  10.758  1.00 203.63 ? 3   DT  C "C1'" 1 
ATOM   576 N  N1    . DT  C 3 3  ? -18.661 21.939  11.454  1.00 199.49 ? 3   DT  C N1    1 
ATOM   577 C  C2    . DT  C 3 3  ? -17.836 22.844  10.828  1.00 198.34 ? 3   DT  C C2    1 
ATOM   578 O  O2    . DT  C 3 3  ? -18.072 23.314  9.728   1.00 199.53 ? 3   DT  C O2    1 
ATOM   579 N  N3    . DT  C 3 3  ? -16.716 23.187  11.540  1.00 195.09 ? 3   DT  C N3    1 
ATOM   580 C  C4    . DT  C 3 3  ? -16.346 22.722  12.788  1.00 190.63 ? 3   DT  C C4    1 
ATOM   581 O  O4    . DT  C 3 3  ? -15.319 23.091  13.346  1.00 185.01 ? 3   DT  C O4    1 
ATOM   582 C  C5    . DT  C 3 3  ? -17.254 21.772  13.387  1.00 193.25 ? 3   DT  C C5    1 
ATOM   583 C  C7    . DT  C 3 3  ? -16.955 21.195  14.737  1.00 190.62 ? 3   DT  C C7    1 
ATOM   584 C  C6    . DT  C 3 3  ? -18.354 21.429  12.699  1.00 197.18 ? 3   DT  C C6    1 
ATOM   585 P  P     . DG  C 3 4  ? -21.228 20.540  7.043   1.00 241.00 ? 4   DG  C P     1 
ATOM   586 O  OP1   . DG  C 3 4  ? -20.536 21.849  6.978   1.00 224.28 ? 4   DG  C OP1   1 
ATOM   587 O  OP2   . DG  C 3 4  ? -22.328 20.261  6.090   1.00 268.19 ? 4   DG  C OP2   1 
ATOM   588 O  "O5'" . DG  C 3 4  ? -20.176 19.331  6.942   1.00 222.69 ? 4   DG  C "O5'" 1 
ATOM   589 C  "C5'" . DG  C 3 4  ? -19.474 19.082  5.731   1.00 214.13 ? 4   DG  C "C5'" 1 
ATOM   590 C  "C4'" . DG  C 3 4  ? -18.501 20.205  5.427   1.00 207.90 ? 4   DG  C "C4'" 1 
ATOM   591 O  "O4'" . DG  C 3 4  ? -17.943 20.722  6.667   1.00 208.19 ? 4   DG  C "O4'" 1 
ATOM   592 C  "C3'" . DG  C 3 4  ? -17.311 19.810  4.563   1.00 200.99 ? 4   DG  C "C3'" 1 
ATOM   593 O  "O3'" . DG  C 3 4  ? -17.011 20.862  3.666   1.00 198.83 ? 4   DG  C "O3'" 1 
ATOM   594 C  "C2'" . DG  C 3 4  ? -16.199 19.609  5.589   1.00 194.54 ? 4   DG  C "C2'" 1 
ATOM   595 C  "C1'" . DG  C 3 4  ? -16.534 20.694  6.598   1.00 200.26 ? 4   DG  C "C1'" 1 
ATOM   596 N  N9    . DG  C 3 4  ? -16.007 20.438  7.938   1.00 202.55 ? 4   DG  C N9    1 
ATOM   597 C  C8    . DG  C 3 4  ? -16.554 19.622  8.898   1.00 197.77 ? 4   DG  C C8    1 
ATOM   598 N  N7    . DG  C 3 4  ? -15.868 19.589  10.007  1.00 193.54 ? 4   DG  C N7    1 
ATOM   599 C  C5    . DG  C 3 4  ? -14.792 20.434  9.767   1.00 191.08 ? 4   DG  C C5    1 
ATOM   600 C  C6    . DG  C 3 4  ? -13.710 20.792  10.606  1.00 181.39 ? 4   DG  C C6    1 
ATOM   601 O  O6    . DG  C 3 4  ? -13.483 20.418  11.765  1.00 173.51 ? 4   DG  C O6    1 
ATOM   602 N  N1    . DG  C 3 4  ? -12.838 21.676  9.974   1.00 178.41 ? 4   DG  C N1    1 
ATOM   603 C  C2    . DG  C 3 4  ? -12.994 22.154  8.694   1.00 181.20 ? 4   DG  C C2    1 
ATOM   604 N  N2    . DG  C 3 4  ? -12.049 22.999  8.256   1.00 177.39 ? 4   DG  C N2    1 
ATOM   605 N  N3    . DG  C 3 4  ? -14.004 21.826  7.896   1.00 191.03 ? 4   DG  C N3    1 
ATOM   606 C  C4    . DG  C 3 4  ? -14.862 20.965  8.498   1.00 196.51 ? 4   DG  C C4    1 
ATOM   607 P  P     . DA  C 3 5  ? -16.141 20.575  2.349   1.00 197.38 ? 5   DA  C P     1 
ATOM   608 O  OP1   . DA  C 3 5  ? -16.228 21.770  1.485   1.00 205.02 ? 5   DA  C OP1   1 
ATOM   609 O  OP2   . DA  C 3 5  ? -16.534 19.248  1.825   1.00 206.68 ? 5   DA  C OP2   1 
ATOM   610 O  "O5'" . DA  C 3 5  ? -14.649 20.458  2.903   1.00 183.81 ? 5   DA  C "O5'" 1 
ATOM   611 C  "C5'" . DA  C 3 5  ? -14.061 21.555  3.587   1.00 181.35 ? 5   DA  C "C5'" 1 
ATOM   612 C  "C4'" . DA  C 3 5  ? -12.685 21.864  3.029   1.00 175.30 ? 5   DA  C "C4'" 1 
ATOM   613 O  "O4'" . DA  C 3 5  ? -11.682 21.591  4.029   1.00 175.17 ? 5   DA  C "O4'" 1 
ATOM   614 C  "C3'" . DA  C 3 5  ? -12.269 21.028  1.837   1.00 172.39 ? 5   DA  C "C3'" 1 
ATOM   615 O  "O3'" . DA  C 3 5  ? -11.306 21.760  1.060   1.00 172.53 ? 5   DA  C "O3'" 1 
ATOM   616 C  "C2'" . DA  C 3 5  ? -11.682 19.770  2.497   1.00 161.59 ? 5   DA  C "C2'" 1 
ATOM   617 C  "C1'" . DA  C 3 5  ? -11.179 20.279  3.854   1.00 160.76 ? 5   DA  C "C1'" 1 
ATOM   618 N  N9    . DA  C 3 5  ? -11.631 19.479  4.989   1.00 163.83 ? 5   DA  C N9    1 
ATOM   619 C  C8    . DA  C 3 5  ? -12.753 18.699  5.060   1.00 165.20 ? 5   DA  C C8    1 
ATOM   620 N  N7    . DA  C 3 5  ? -12.910 18.103  6.222   1.00 162.30 ? 5   DA  C N7    1 
ATOM   621 C  C5    . DA  C 3 5  ? -11.819 18.528  6.963   1.00 158.53 ? 5   DA  C C5    1 
ATOM   622 C  C6    . DA  C 3 5  ? -11.398 18.257  8.284   1.00 152.18 ? 5   DA  C C6    1 
ATOM   623 N  N6    . DA  C 3 5  ? -12.064 17.453  9.124   1.00 149.23 ? 5   DA  C N6    1 
ATOM   624 N  N1    . DA  C 3 5  ? -10.258 18.847  8.709   1.00 147.50 ? 5   DA  C N1    1 
ATOM   625 C  C2    . DA  C 3 5  ? -9.597  19.650  7.868   1.00 147.37 ? 5   DA  C C2    1 
ATOM   626 N  N3    . DA  C 3 5  ? -9.893  19.979  6.613   1.00 150.93 ? 5   DA  C N3    1 
ATOM   627 C  C4    . DA  C 3 5  ? -11.025 19.379  6.217   1.00 158.31 ? 5   DA  C C4    1 
ATOM   628 P  P     . DG  C 3 6  ? -10.158 21.016  0.216   1.00 170.01 ? 6   DG  C P     1 
ATOM   629 O  OP1   . DG  C 3 6  ? -9.553  22.034  -0.672  1.00 166.16 ? 6   DG  C OP1   1 
ATOM   630 O  OP2   . DG  C 3 6  ? -10.722 19.785  -0.384  1.00 168.82 ? 6   DG  C OP2   1 
ATOM   631 O  "O5'" . DG  C 3 6  ? -9.076  20.629  1.324   1.00 159.78 ? 6   DG  C "O5'" 1 
ATOM   632 C  "C5'" . DG  C 3 6  ? -7.824  20.107  0.949   1.00 151.99 ? 6   DG  C "C5'" 1 
ATOM   633 C  "C4'" . DG  C 3 6  ? -6.848  20.204  2.104   1.00 145.05 ? 6   DG  C "C4'" 1 
ATOM   634 O  "O4'" . DG  C 3 6  ? -7.518  19.845  3.344   1.00 143.02 ? 6   DG  C "O4'" 1 
ATOM   635 C  "C3'" . DG  C 3 6  ? -5.643  19.286  1.992   1.00 136.50 ? 6   DG  C "C3'" 1 
ATOM   636 O  "O3'" . DG  C 3 6  ? -4.480  19.951  2.463   1.00 144.58 ? 6   DG  C "O3'" 1 
ATOM   637 C  "C2'" . DG  C 3 6  ? -6.022  18.106  2.882   1.00 133.15 ? 6   DG  C "C2'" 1 
ATOM   638 C  "C1'" . DG  C 3 6  ? -6.832  18.783  3.975   1.00 130.41 ? 6   DG  C "C1'" 1 
ATOM   639 N  N9    . DG  C 3 6  ? -7.824  17.899  4.589   1.00 133.59 ? 6   DG  C N9    1 
ATOM   640 C  C8    . DG  C 3 6  ? -8.956  17.398  3.992   1.00 138.32 ? 6   DG  C C8    1 
ATOM   641 N  N7    . DG  C 3 6  ? -9.662  16.633  4.775   1.00 136.82 ? 6   DG  C N7    1 
ATOM   642 C  C5    . DG  C 3 6  ? -8.958  16.622  5.972   1.00 132.41 ? 6   DG  C C5    1 
ATOM   643 C  C6    . DG  C 3 6  ? -9.245  15.959  7.190   1.00 128.01 ? 6   DG  C C6    1 
ATOM   644 O  O6    . DG  C 3 6  ? -10.211 15.230  7.452   1.00 121.59 ? 6   DG  C O6    1 
ATOM   645 N  N1    . DG  C 3 6  ? -8.276  16.210  8.160   1.00 123.94 ? 6   DG  C N1    1 
ATOM   646 C  C2    . DG  C 3 6  ? -7.165  17.004  7.975   1.00 126.04 ? 6   DG  C C2    1 
ATOM   647 N  N2    . DG  C 3 6  ? -6.335  17.129  9.024   1.00 124.75 ? 6   DG  C N2    1 
ATOM   648 N  N3    . DG  C 3 6  ? -6.884  17.633  6.833   1.00 125.63 ? 6   DG  C N3    1 
ATOM   649 C  C4    . DG  C 3 6  ? -7.821  17.397  5.878   1.00 130.61 ? 6   DG  C C4    1 
ATOM   650 P  P     . DT  C 3 7  ? -3.169  20.022  1.535   1.00 162.43 ? 7   DT  C P     1 
ATOM   651 O  OP1   . DT  C 3 7  ? -2.654  21.405  1.580   1.00 167.19 ? 7   DT  C OP1   1 
ATOM   652 O  OP2   . DT  C 3 7  ? -3.515  19.417  0.231   1.00 154.39 ? 7   DT  C OP2   1 
ATOM   653 O  "O5'" . DT  C 3 7  ? -2.124  19.059  2.268   1.00 145.51 ? 7   DT  C "O5'" 1 
ATOM   654 C  "C5'" . DT  C 3 7  ? -2.543  17.789  2.750   1.00 137.78 ? 7   DT  C "C5'" 1 
ATOM   655 C  "C4'" . DT  C 3 7  ? -2.284  17.669  4.239   1.00 127.48 ? 7   DT  C "C4'" 1 
ATOM   656 O  "O4'" . DT  C 3 7  ? -3.500  17.247  4.920   1.00 127.11 ? 7   DT  C "O4'" 1 
ATOM   657 C  "C3'" . DT  C 3 7  ? -1.221  16.650  4.616   1.00 124.15 ? 7   DT  C "C3'" 1 
ATOM   658 O  "O3'" . DT  C 3 7  ? -0.499  17.104  5.762   1.00 132.92 ? 7   DT  C "O3'" 1 
ATOM   659 C  "C2'" . DT  C 3 7  ? -2.057  15.410  4.924   1.00 120.87 ? 7   DT  C "C2'" 1 
ATOM   660 C  "C1'" . DT  C 3 7  ? -3.268  16.030  5.601   1.00 120.67 ? 7   DT  C "C1'" 1 
ATOM   661 N  N1    . DT  C 3 7  ? -4.525  15.197  5.524   1.00 113.85 ? 7   DT  C N1    1 
ATOM   662 C  C2    . DT  C 3 7  ? -4.977  14.531  6.649   1.00 113.66 ? 7   DT  C C2    1 
ATOM   663 O  O2    . DT  C 3 7  ? -4.401  14.562  7.722   1.00 110.28 ? 7   DT  C O2    1 
ATOM   664 N  N3    . DT  C 3 7  ? -6.137  13.817  6.461   1.00 112.37 ? 7   DT  C N3    1 
ATOM   665 C  C4    . DT  C 3 7  ? -6.874  13.711  5.294   1.00 119.57 ? 7   DT  C C4    1 
ATOM   666 O  O4    . DT  C 3 7  ? -7.902  13.047  5.224   1.00 120.75 ? 7   DT  C O4    1 
ATOM   667 C  C5    . DT  C 3 7  ? -6.348  14.436  4.160   1.00 121.08 ? 7   DT  C C5    1 
ATOM   668 C  C7    . DT  C 3 7  ? -7.061  14.395  2.837   1.00 128.71 ? 7   DT  C C7    1 
ATOM   669 C  C6    . DT  C 3 7  ? -5.215  15.134  4.330   1.00 111.06 ? 7   DT  C C6    1 
ATOM   670 P  P     . DG  C 3 8  ? 1.110   17.064  5.775   1.00 147.94 ? 8   DG  C P     1 
ATOM   671 O  OP1   . DG  C 3 8  ? 1.605   18.393  6.191   1.00 166.78 ? 8   DG  C OP1   1 
ATOM   672 O  OP2   . DG  C 3 8  ? 1.557   16.497  4.485   1.00 135.56 ? 8   DG  C OP2   1 
ATOM   673 O  "O5'" . DG  C 3 8  ? 1.446   16.009  6.926   1.00 126.38 ? 8   DG  C "O5'" 1 
ATOM   674 C  "C5'" . DG  C 3 8  ? 0.637   14.859  7.061   1.00 116.50 ? 8   DG  C "C5'" 1 
ATOM   675 C  "C4'" . DG  C 3 8  ? 0.738   14.265  8.448   1.00 115.69 ? 8   DG  C "C4'" 1 
ATOM   676 O  "O4'" . DG  C 3 8  ? -0.460  13.511  8.722   1.00 119.79 ? 8   DG  C "O4'" 1 
ATOM   677 C  "C3'" . DG  C 3 8  ? 1.820   13.233  8.603   1.00 111.65 ? 8   DG  C "C3'" 1 
ATOM   678 O  "O3'" . DG  C 3 8  ? 1.978   12.949  9.979   1.00 109.52 ? 8   DG  C "O3'" 1 
ATOM   679 C  "C2'" . DG  C 3 8  ? 1.196   12.053  7.855   1.00 108.26 ? 8   DG  C "C2'" 1 
ATOM   680 C  "C1'" . DG  C 3 8  ? -0.281  12.179  8.259   1.00 114.20 ? 8   DG  C "C1'" 1 
ATOM   681 N  N9    . DG  C 3 8  ? -1.227  11.964  7.165   1.00 108.24 ? 8   DG  C N9    1 
ATOM   682 C  C8    . DG  C 3 8  ? -1.140  12.451  5.882   1.00 105.81 ? 8   DG  C C8    1 
ATOM   683 N  N7    . DG  C 3 8  ? -2.152  12.126  5.130   1.00 101.24 ? 8   DG  C N7    1 
ATOM   684 C  C5    . DG  C 3 8  ? -2.966  11.377  5.964   1.00 105.05 ? 8   DG  C C5    1 
ATOM   685 C  C6    . DG  C 3 8  ? -4.205  10.750  5.701   1.00 99.46  ? 8   DG  C C6    1 
ATOM   686 O  O6    . DG  C 3 8  ? -4.849  10.738  4.643   1.00 98.29  ? 8   DG  C O6    1 
ATOM   687 N  N1    . DG  C 3 8  ? -4.697  10.091  6.824   1.00 93.05  ? 8   DG  C N1    1 
ATOM   688 C  C2    . DG  C 3 8  ? -4.067  10.045  8.047   1.00 94.00  ? 8   DG  C C2    1 
ATOM   689 N  N2    . DG  C 3 8  ? -4.687  9.360   9.016   1.00 92.38  ? 8   DG  C N2    1 
ATOM   690 N  N3    . DG  C 3 8  ? -2.905  10.626  8.305   1.00 94.53  ? 8   DG  C N3    1 
ATOM   691 C  C4    . DG  C 3 8  ? -2.415  11.272  7.222   1.00 103.12 ? 8   DG  C C4    1 
ATOM   692 P  P     . DC  C 3 9  ? 3.146   11.967  10.476  1.00 125.87 ? 9   DC  C P     1 
ATOM   693 O  OP1   . DC  C 3 9  ? 3.295   12.165  11.935  1.00 129.38 ? 9   DC  C OP1   1 
ATOM   694 O  OP2   . DC  C 3 9  ? 4.309   12.171  9.584   1.00 98.62  ? 9   DC  C OP2   1 
ATOM   695 O  "O5'" . DC  C 3 9  ? 2.554   10.504  10.215  1.00 114.78 ? 9   DC  C "O5'" 1 
ATOM   696 C  "C5'" . DC  C 3 9  ? 1.313   10.127  10.803  1.00 108.71 ? 9   DC  C "C5'" 1 
ATOM   697 C  "C4'" . DC  C 3 9  ? 0.865   8.774   10.288  1.00 106.64 ? 9   DC  C "C4'" 1 
ATOM   698 O  "O4'" . DC  C 3 9  ? -0.022  8.935   9.145   1.00 110.10 ? 9   DC  C "O4'" 1 
ATOM   699 C  "C3'" . DC  C 3 9  ? 2.002   7.857   9.816   1.00 100.10 ? 9   DC  C "C3'" 1 
ATOM   700 O  "O3'" . DC  C 3 9  ? 1.869   6.575   10.411  1.00 91.97  ? 9   DC  C "O3'" 1 
ATOM   701 C  "C2'" . DC  C 3 9  ? 1.798   7.793   8.300   1.00 101.53 ? 9   DC  C "C2'" 1 
ATOM   702 C  "C1'" . DC  C 3 9  ? 0.291   7.930   8.217   1.00 104.04 ? 9   DC  C "C1'" 1 
ATOM   703 N  N1    . DC  C 3 9  ? -0.236  8.309   6.865   1.00 101.53 ? 9   DC  C N1    1 
ATOM   704 C  C2    . DC  C 3 9  ? -1.501  7.862   6.490   1.00 95.88  ? 9   DC  C C2    1 
ATOM   705 O  O2    . DC  C 3 9  ? -2.144  7.174   7.292   1.00 84.92  ? 9   DC  C O2    1 
ATOM   706 N  N3    . DC  C 3 9  ? -1.984  8.194   5.264   1.00 93.30  ? 9   DC  C N3    1 
ATOM   707 C  C4    . DC  C 3 9  ? -1.246  8.939   4.436   1.00 100.93 ? 9   DC  C C4    1 
ATOM   708 N  N4    . DC  C 3 9  ? -1.761  9.246   3.238   1.00 100.47 ? 9   DC  C N4    1 
ATOM   709 C  C5    . DC  C 3 9  ? 0.056   9.401   4.801   1.00 102.15 ? 9   DC  C C5    1 
ATOM   710 C  C6    . DC  C 3 9  ? 0.519   9.063   6.012   1.00 99.54  ? 9   DC  C C6    1 
ATOM   711 P  P     . DG  D 4 1  ? -1.277  -10.709 -11.676 1.00 125.28 ? 10  DG  D P     1 
ATOM   712 O  OP1   . DG  D 4 1  ? -1.908  -10.940 -12.994 1.00 113.51 ? 10  DG  D OP1   1 
ATOM   713 O  OP2   . DG  D 4 1  ? -1.785  -11.443 -10.495 1.00 111.70 ? 10  DG  D OP2   1 
ATOM   714 O  "O5'" . DG  D 4 1  ? -1.311  -9.142  -11.345 1.00 102.97 ? 10  DG  D "O5'" 1 
ATOM   715 C  "C5'" . DG  D 4 1  ? -1.278  -8.192  -12.405 1.00 108.83 ? 10  DG  D "C5'" 1 
ATOM   716 C  "C4'" . DG  D 4 1  ? -0.047  -7.307  -12.304 1.00 112.16 ? 10  DG  D "C4'" 1 
ATOM   717 O  "O4'" . DG  D 4 1  ? -0.032  -6.639  -11.025 1.00 108.08 ? 10  DG  D "O4'" 1 
ATOM   718 C  "C3'" . DG  D 4 1  ? 1.279   -8.036  -12.369 1.00 110.88 ? 10  DG  D "C3'" 1 
ATOM   719 O  "O3'" . DG  D 4 1  ? 1.662   -8.209  -13.709 1.00 121.18 ? 10  DG  D "O3'" 1 
ATOM   720 C  "C2'" . DG  D 4 1  ? 2.209   -7.067  -11.657 1.00 105.81 ? 10  DG  D "C2'" 1 
ATOM   721 C  "C1'" . DG  D 4 1  ? 1.306   -6.500  -10.575 1.00 105.86 ? 10  DG  D "C1'" 1 
ATOM   722 N  N9    . DG  D 4 1  ? 1.438   -7.181  -9.296  1.00 108.52 ? 10  DG  D N9    1 
ATOM   723 C  C8    . DG  D 4 1  ? 0.578   -8.108  -8.761  1.00 103.61 ? 10  DG  D C8    1 
ATOM   724 N  N7    . DG  D 4 1  ? 0.949   -8.540  -7.589  1.00 105.24 ? 10  DG  D N7    1 
ATOM   725 C  C5    . DG  D 4 1  ? 2.128   -7.854  -7.329  1.00 104.31 ? 10  DG  D C5    1 
ATOM   726 C  C6    . DG  D 4 1  ? 2.984   -7.908  -6.206  1.00 100.62 ? 10  DG  D C6    1 
ATOM   727 O  O6    . DG  D 4 1  ? 2.864   -8.598  -5.185  1.00 97.63  ? 10  DG  D O6    1 
ATOM   728 N  N1    . DG  D 4 1  ? 4.074   -7.050  -6.344  1.00 99.24  ? 10  DG  D N1    1 
ATOM   729 C  C2    . DG  D 4 1  ? 4.307   -6.239  -7.434  1.00 109.26 ? 10  DG  D C2    1 
ATOM   730 N  N2    . DG  D 4 1  ? 5.411   -5.476  -7.391  1.00 116.21 ? 10  DG  D N2    1 
ATOM   731 N  N3    . DG  D 4 1  ? 3.509   -6.180  -8.493  1.00 106.38 ? 10  DG  D N3    1 
ATOM   732 C  C4    . DG  D 4 1  ? 2.444   -7.013  -8.372  1.00 108.49 ? 10  DG  D C4    1 
ATOM   733 P  P     . DG  D 4 2  ? 2.737   -9.335  -14.086 1.00 124.09 ? 11  DG  D P     1 
ATOM   734 O  OP1   . DG  D 4 2  ? 2.844   -9.365  -15.561 1.00 126.84 ? 11  DG  D OP1   1 
ATOM   735 O  OP2   . DG  D 4 2  ? 2.356   -10.545 -13.325 1.00 122.41 ? 11  DG  D OP2   1 
ATOM   736 O  "O5'" . DG  D 4 2  ? 4.113   -8.780  -13.482 1.00 111.82 ? 11  DG  D "O5'" 1 
ATOM   737 C  "C5'" . DG  D 4 2  ? 4.701   -7.600  -14.023 1.00 119.76 ? 11  DG  D "C5'" 1 
ATOM   738 C  "C4'" . DG  D 4 2  ? 5.970   -7.239  -13.277 1.00 118.30 ? 11  DG  D "C4'" 1 
ATOM   739 O  "O4'" . DG  D 4 2  ? 5.651   -6.937  -11.900 1.00 114.96 ? 11  DG  D "O4'" 1 
ATOM   740 C  "C3'" . DG  D 4 2  ? 7.006   -8.346  -13.222 1.00 128.55 ? 11  DG  D "C3'" 1 
ATOM   741 O  "O3'" . DG  D 4 2  ? 7.861   -8.243  -14.357 1.00 131.76 ? 11  DG  D "O3'" 1 
ATOM   742 C  "C2'" . DG  D 4 2  ? 7.749   -8.049  -11.922 1.00 125.92 ? 11  DG  D "C2'" 1 
ATOM   743 C  "C1'" . DG  D 4 2  ? 6.662   -7.435  -11.043 1.00 115.86 ? 11  DG  D "C1'" 1 
ATOM   744 N  N9    . DG  D 4 2  ? 6.043   -8.366  -10.104 1.00 110.43 ? 11  DG  D N9    1 
ATOM   745 C  C8    . DG  D 4 2  ? 4.915   -9.122  -10.314 1.00 110.41 ? 11  DG  D C8    1 
ATOM   746 N  N7    . DG  D 4 2  ? 4.579   -9.852  -9.287  1.00 109.67 ? 11  DG  D N7    1 
ATOM   747 C  C5    . DG  D 4 2  ? 5.540   -9.553  -8.327  1.00 107.69 ? 11  DG  D C5    1 
ATOM   748 C  C6    . DG  D 4 2  ? 5.691   -10.042 -7.006  1.00 113.73 ? 11  DG  D C6    1 
ATOM   749 O  O6    . DG  D 4 2  ? 4.980   -10.862 -6.407  1.00 108.64 ? 11  DG  D O6    1 
ATOM   750 N  N1    . DG  D 4 2  ? 6.799   -9.483  -6.371  1.00 119.38 ? 11  DG  D N1    1 
ATOM   751 C  C2    . DG  D 4 2  ? 7.655   -8.567  -6.942  1.00 119.68 ? 11  DG  D C2    1 
ATOM   752 N  N2    . DG  D 4 2  ? 8.671   -8.137  -6.179  1.00 126.66 ? 11  DG  D N2    1 
ATOM   753 N  N3    . DG  D 4 2  ? 7.522   -8.101  -8.180  1.00 111.88 ? 11  DG  D N3    1 
ATOM   754 C  C4    . DG  D 4 2  ? 6.446   -8.637  -8.811  1.00 110.96 ? 11  DG  D C4    1 
ATOM   755 P  P     . DT  D 4 3  ? 9.260   -9.030  -14.408 1.00 149.75 ? 12  DT  D P     1 
ATOM   756 O  OP1   . DT  D 4 3  ? 9.648   -9.130  -15.832 1.00 151.30 ? 12  DT  D OP1   1 
ATOM   757 O  OP2   . DT  D 4 3  ? 9.137   -10.264 -13.598 1.00 135.78 ? 12  DT  D OP2   1 
ATOM   758 O  "O5'" . DT  D 4 3  ? 10.279  -8.041  -13.671 1.00 138.55 ? 12  DT  D "O5'" 1 
ATOM   759 C  "C5'" . DT  D 4 3  ? 11.634  -8.418  -13.507 1.00 141.80 ? 12  DT  D "C5'" 1 
ATOM   760 C  "C4'" . DT  D 4 3  ? 12.042  -8.365  -12.044 1.00 143.16 ? 12  DT  D "C4'" 1 
ATOM   761 O  "O4'" . DT  D 4 3  ? 10.923  -8.745  -11.207 1.00 124.63 ? 12  DT  D "O4'" 1 
ATOM   762 C  "C3'" . DT  D 4 3  ? 13.197  -9.300  -11.670 1.00 149.75 ? 12  DT  D "C3'" 1 
ATOM   763 O  "O3'" . DT  D 4 3  ? 14.314  -8.550  -11.211 1.00 166.09 ? 12  DT  D "O3'" 1 
ATOM   764 C  "C2'" . DT  D 4 3  ? 12.626  -10.201 -10.567 1.00 139.90 ? 12  DT  D "C2'" 1 
ATOM   765 C  "C1'" . DT  D 4 3  ? 11.409  -9.428  -10.081 1.00 131.46 ? 12  DT  D "C1'" 1 
ATOM   766 N  N1    . DT  D 4 3  ? 10.320  -10.310 -9.572  1.00 120.83 ? 12  DT  D N1    1 
ATOM   767 C  C2    . DT  D 4 3  ? 10.322  -10.714 -8.250  1.00 126.86 ? 12  DT  D C2    1 
ATOM   768 O  O2    . DT  D 4 3  ? 11.178  -10.384 -7.451  1.00 132.26 ? 12  DT  D O2    1 
ATOM   769 N  N3    . DT  D 4 3  ? 9.270   -11.525 -7.903  1.00 121.44 ? 12  DT  D N3    1 
ATOM   770 C  C4    . DT  D 4 3  ? 8.245   -11.960 -8.728  1.00 121.11 ? 12  DT  D C4    1 
ATOM   771 O  O4    . DT  D 4 3  ? 7.343   -12.687 -8.332  1.00 116.74 ? 12  DT  D O4    1 
ATOM   772 C  C5    . DT  D 4 3  ? 8.313   -11.501 -10.095 1.00 119.73 ? 12  DT  D C5    1 
ATOM   773 C  C7    . DT  D 4 3  ? 7.257   -11.907 -11.084 1.00 116.08 ? 12  DT  D C7    1 
ATOM   774 C  C6    . DT  D 4 3  ? 9.334   -10.711 -10.444 1.00 116.55 ? 12  DT  D C6    1 
ATOM   775 P  P     . DC  D 4 4  ? 15.784  -9.197  -11.254 1.00 173.09 ? 13  DC  D P     1 
ATOM   776 O  OP1   . DC  D 4 4  ? 16.769  -8.104  -11.100 1.00 156.18 ? 13  DC  D OP1   1 
ATOM   777 O  OP2   . DC  D 4 4  ? 15.835  -10.085 -12.436 1.00 190.34 ? 13  DC  D OP2   1 
ATOM   778 O  "O5'" . DC  D 4 4  ? 15.834  -10.123 -9.951  1.00 159.85 ? 13  DC  D "O5'" 1 
ATOM   779 C  "C5'" . DC  D 4 4  ? 15.541  -9.567  -8.678  1.00 151.87 ? 13  DC  D "C5'" 1 
ATOM   780 C  "C4'" . DC  D 4 4  ? 15.600  -10.632 -7.601  1.00 157.62 ? 13  DC  D "C4'" 1 
ATOM   781 O  "O4'" . DC  D 4 4  ? 14.301  -11.247 -7.445  1.00 149.25 ? 13  DC  D "O4'" 1 
ATOM   782 C  "C3'" . DC  D 4 4  ? 16.585  -11.771 -7.876  1.00 165.46 ? 13  DC  D "C3'" 1 
ATOM   783 O  "O3'" . DC  D 4 4  ? 17.505  -11.880 -6.801  1.00 175.13 ? 13  DC  D "O3'" 1 
ATOM   784 C  "C2'" . DC  D 4 4  ? 15.700  -13.019 -7.999  1.00 158.22 ? 13  DC  D "C2'" 1 
ATOM   785 C  "C1'" . DC  D 4 4  ? 14.468  -12.621 -7.206  1.00 152.77 ? 13  DC  D "C1'" 1 
ATOM   786 N  N1    . DC  D 4 4  ? 13.226  -13.307 -7.645  1.00 147.08 ? 13  DC  D N1    1 
ATOM   787 C  C2    . DC  D 4 4  ? 12.478  -14.057 -6.726  1.00 150.14 ? 13  DC  D C2    1 
ATOM   788 O  O2    . DC  D 4 4  ? 12.877  -14.152 -5.558  1.00 151.78 ? 13  DC  D O2    1 
ATOM   789 N  N3    . DC  D 4 4  ? 11.338  -14.663 -7.150  1.00 148.61 ? 13  DC  D N3    1 
ATOM   790 C  C4    . DC  D 4 4  ? 10.946  -14.532 -8.422  1.00 145.31 ? 13  DC  D C4    1 
ATOM   791 N  N4    . DC  D 4 4  ? 9.820   -15.144 -8.801  1.00 152.00 ? 13  DC  D N4    1 
ATOM   792 C  C5    . DC  D 4 4  ? 11.695  -13.768 -9.364  1.00 135.38 ? 13  DC  D C5    1 
ATOM   793 C  C6    . DC  D 4 4  ? 12.813  -13.180 -8.936  1.00 139.58 ? 13  DC  D C6    1 
ATOM   794 P  P     . DT  D 4 5  ? 18.752  -12.887 -6.902  1.00 180.97 ? 14  DT  D P     1 
ATOM   795 O  OP1   . DT  D 4 5  ? 19.853  -12.309 -6.099  1.00 184.35 ? 14  DT  D OP1   1 
ATOM   796 O  OP2   . DT  D 4 5  ? 18.974  -13.188 -8.334  1.00 179.53 ? 14  DT  D OP2   1 
ATOM   797 O  "O5'" . DT  D 4 5  ? 18.224  -14.212 -6.179  1.00 174.66 ? 14  DT  D "O5'" 1 
ATOM   798 C  "C5'" . DT  D 4 5  ? 17.623  -14.121 -4.893  1.00 176.31 ? 14  DT  D "C5'" 1 
ATOM   799 C  "C4'" . DT  D 4 5  ? 17.152  -15.481 -4.412  1.00 181.86 ? 14  DT  D "C4'" 1 
ATOM   800 O  "O4'" . DT  D 4 5  ? 15.872  -15.800 -5.012  1.00 174.66 ? 14  DT  D "O4'" 1 
ATOM   801 C  "C3'" . DT  D 4 5  ? 18.086  -16.651 -4.743  1.00 191.49 ? 14  DT  D "C3'" 1 
ATOM   802 O  "O3'" . DT  D 4 5  ? 18.330  -17.417 -3.571  1.00 220.42 ? 14  DT  D "O3'" 1 
ATOM   803 C  "C2'" . DT  D 4 5  ? 17.300  -17.456 -5.783  1.00 181.90 ? 14  DT  D "C2'" 1 
ATOM   804 C  "C1'" . DT  D 4 5  ? 15.869  -17.157 -5.371  1.00 175.61 ? 14  DT  D "C1'" 1 
ATOM   805 N  N1    . DT  D 4 5  ? 14.869  -17.354 -6.455  1.00 169.43 ? 14  DT  D N1    1 
ATOM   806 C  C2    . DT  D 4 5  ? 13.722  -18.061 -6.185  1.00 169.03 ? 14  DT  D C2    1 
ATOM   807 O  O2    . DT  D 4 5  ? 13.479  -18.548 -5.095  1.00 166.46 ? 14  DT  D O2    1 
ATOM   808 N  N3    . DT  D 4 5  ? 12.861  -18.180 -7.244  1.00 165.20 ? 14  DT  D N3    1 
ATOM   809 C  C4    . DT  D 4 5  ? 13.030  -17.672 -8.520  1.00 161.80 ? 14  DT  D C4    1 
ATOM   810 O  O4    . DT  D 4 5  ? 12.197  -17.834 -9.404  1.00 158.65 ? 14  DT  D O4    1 
ATOM   811 C  C5    . DT  D 4 5  ? 14.256  -16.939 -8.736  1.00 163.15 ? 14  DT  D C5    1 
ATOM   812 C  C7    . DT  D 4 5  ? 14.551  -16.341 -10.080 1.00 156.77 ? 14  DT  D C7    1 
ATOM   813 C  C6    . DT  D 4 5  ? 15.105  -16.817 -7.705  1.00 165.31 ? 14  DT  D C6    1 
ATOM   814 P  P     . DG  D 4 6  ? 19.799  -17.997 -3.271  1.00 227.16 ? 15  DG  D P     1 
ATOM   815 O  OP1   . DG  D 4 6  ? 20.386  -17.187 -2.180  1.00 213.53 ? 15  DG  D OP1   1 
ATOM   816 O  OP2   . DG  D 4 6  ? 20.504  -18.116 -4.567  1.00 211.16 ? 15  DG  D OP2   1 
ATOM   817 O  "O5'" . DG  D 4 6  ? 19.522  -19.478 -2.737  1.00 198.14 ? 15  DG  D "O5'" 1 
ATOM   818 C  "C5'" . DG  D 4 6  ? 18.910  -20.434 -3.592  1.00 188.20 ? 15  DG  D "C5'" 1 
ATOM   819 C  "C4'" . DG  D 4 6  ? 17.727  -21.091 -2.909  1.00 185.49 ? 15  DG  D "C4'" 1 
ATOM   820 O  "O4'" . DG  D 4 6  ? 16.507  -20.742 -3.612  1.00 180.09 ? 15  DG  D "O4'" 1 
ATOM   821 C  "C3'" . DG  D 4 6  ? 17.765  -22.611 -2.889  1.00 186.01 ? 15  DG  D "C3'" 1 
ATOM   822 O  "O3'" . DG  D 4 6  ? 17.087  -23.104 -1.744  1.00 191.96 ? 15  DG  D "O3'" 1 
ATOM   823 C  "C2'" . DG  D 4 6  ? 17.031  -22.974 -4.172  1.00 180.45 ? 15  DG  D "C2'" 1 
ATOM   824 C  "C1'" . DG  D 4 6  ? 15.964  -21.887 -4.243  1.00 180.84 ? 15  DG  D "C1'" 1 
ATOM   825 N  N9    . DG  D 4 6  ? 15.602  -21.529 -5.611  1.00 177.86 ? 15  DG  D N9    1 
ATOM   826 C  C8    . DG  D 4 6  ? 16.368  -20.820 -6.505  1.00 175.37 ? 15  DG  D C8    1 
ATOM   827 N  N7    . DG  D 4 6  ? 15.793  -20.650 -7.663  1.00 173.43 ? 15  DG  D N7    1 
ATOM   828 C  C5    . DG  D 4 6  ? 14.564  -21.287 -7.531  1.00 180.03 ? 15  DG  D C5    1 
ATOM   829 C  C6    . DG  D 4 6  ? 13.508  -21.433 -8.463  1.00 178.14 ? 15  DG  D C6    1 
ATOM   830 O  O6    . DG  D 4 6  ? 13.451  -21.011 -9.627  1.00 175.63 ? 15  DG  D O6    1 
ATOM   831 N  N1    . DG  D 4 6  ? 12.438  -22.150 -7.928  1.00 174.87 ? 15  DG  D N1    1 
ATOM   832 C  C2    . DG  D 4 6  ? 12.395  -22.663 -6.650  1.00 175.25 ? 15  DG  D C2    1 
ATOM   833 N  N2    . DG  D 4 6  ? 11.278  -23.329 -6.307  1.00 173.95 ? 15  DG  D N2    1 
ATOM   834 N  N3    . DG  D 4 6  ? 13.381  -22.533 -5.766  1.00 179.52 ? 15  DG  D N3    1 
ATOM   835 C  C4    . DG  D 4 6  ? 14.431  -21.836 -6.274  1.00 181.26 ? 15  DG  D C4    1 
ATOM   836 P  P     . DC  D 4 7  ? 17.318  -24.621 -1.268  1.00 201.04 ? 16  DC  D P     1 
ATOM   837 O  OP1   . DC  D 4 7  ? 17.001  -24.703 0.175   1.00 197.56 ? 16  DC  D OP1   1 
ATOM   838 O  OP2   . DC  D 4 7  ? 18.650  -25.042 -1.755  1.00 196.65 ? 16  DC  D OP2   1 
ATOM   839 O  "O5'" . DC  D 4 7  ? 16.219  -25.449 -2.081  1.00 187.25 ? 16  DC  D "O5'" 1 
ATOM   840 C  "C5'" . DC  D 4 7  ? 14.839  -25.245 -1.815  1.00 186.11 ? 16  DC  D "C5'" 1 
ATOM   841 C  "C4'" . DC  D 4 7  ? 13.990  -26.237 -2.587  1.00 185.99 ? 16  DC  D "C4'" 1 
ATOM   842 O  "O4'" . DC  D 4 7  ? 13.713  -25.715 -3.912  1.00 183.48 ? 16  DC  D "O4'" 1 
ATOM   843 C  "C3'" . DC  D 4 7  ? 14.633  -27.608 -2.792  1.00 182.62 ? 16  DC  D "C3'" 1 
ATOM   844 O  "O3'" . DC  D 4 7  ? 13.673  -28.631 -2.568  1.00 182.68 ? 16  DC  D "O3'" 1 
ATOM   845 C  "C2'" . DC  D 4 7  ? 15.090  -27.571 -4.250  1.00 178.75 ? 16  DC  D "C2'" 1 
ATOM   846 C  "C1'" . DC  D 4 7  ? 14.025  -26.689 -4.880  1.00 178.71 ? 16  DC  D "C1'" 1 
ATOM   847 N  N1    . DC  D 4 7  ? 14.478  -25.990 -6.112  1.00 177.41 ? 16  DC  D N1    1 
ATOM   848 C  C2    . DC  D 4 7  ? 13.614  -25.897 -7.206  1.00 178.32 ? 16  DC  D C2    1 
ATOM   849 O  O2    . DC  D 4 7  ? 12.493  -26.410 -7.124  1.00 176.96 ? 16  DC  D O2    1 
ATOM   850 N  N3    . DC  D 4 7  ? 14.035  -25.250 -8.322  1.00 180.26 ? 16  DC  D N3    1 
ATOM   851 C  C4    . DC  D 4 7  ? 15.260  -24.716 -8.363  1.00 178.36 ? 16  DC  D C4    1 
ATOM   852 N  N4    . DC  D 4 7  ? 15.634  -24.088 -9.485  1.00 176.11 ? 16  DC  D N4    1 
ATOM   853 C  C5    . DC  D 4 7  ? 16.152  -24.799 -7.254  1.00 176.29 ? 16  DC  D C5    1 
ATOM   854 C  C6    . DC  D 4 7  ? 15.723  -25.438 -6.161  1.00 177.34 ? 16  DC  D C6    1 
HETATM 855 AS AS    . CAC E 5 .  ? 3.563   3.049   2.387   1.00 109.43 ? 101 CAC B AS    1 
HETATM 856 MG MG    . MG  F 6 .  ? -3.294  12.609  0.857   1.00 91.46  ? 101 MG  C MG    1 
HETATM 857 AS AS    . CAC G 5 .  ? 1.239   -12.967 -7.591  1.00 235.43 ? 101 CAC D AS    1 
# 
loop_
_pdbx_poly_seq_scheme.asym_id 
_pdbx_poly_seq_scheme.entity_id 
_pdbx_poly_seq_scheme.seq_id 
_pdbx_poly_seq_scheme.mon_id 
_pdbx_poly_seq_scheme.ndb_seq_num 
_pdbx_poly_seq_scheme.pdb_seq_num 
_pdbx_poly_seq_scheme.auth_seq_num 
_pdbx_poly_seq_scheme.pdb_mon_id 
_pdbx_poly_seq_scheme.auth_mon_id 
_pdbx_poly_seq_scheme.pdb_strand_id 
_pdbx_poly_seq_scheme.pdb_ins_code 
_pdbx_poly_seq_scheme.hetero 
A 1 1  DA 1  1  1  DA DA A . n 
A 1 2  DA 2  2  2  DA DA A . n 
A 1 3  DG 3  3  3  DG DG A . n 
A 1 4  DC 4  4  4  DC DC A . n 
A 1 5  DA 5  5  5  DA DA A . n 
A 1 6  DG 6  6  6  DG DG A . n 
A 1 7  DA 7  7  7  DA DA A . n 
A 1 8  DC 8  8  8  DC DC A . n 
A 1 9  DC 9  9  9  DC DC A . n 
A 1 10 DT 10 10 10 DT DT A . n 
A 1 11 DG 11 11 11 DG DG A . n 
A 1 12 DA 12 12 12 DA DA A . n 
A 1 13 DC 13 13 13 DC DC A . n 
A 1 14 DT 14 14 14 DT DT A . n 
A 1 15 DG 15 15 15 DG DG A . n 
A 1 16 DC 16 16 16 DC DC A . n 
A 1 17 DA 17 17 17 DA DA A . n 
A 1 18 DC 18 18 18 DC DC A . n 
A 1 19 DT 19 19 19 DT DT A . n 
A 1 20 DC 20 20 20 DC DC A . n 
A 1 21 DA 21 21 21 DA DA A . n 
B 2 1  DA 1  1  1  DA DA B . n 
B 2 2  DG 2  2  2  DG DG B . n 
B 2 3  DT 3  3  3  DT DT B . n 
B 2 4  DC 4  4  4  DC DC B . n 
B 2 5  DA 5  5  5  DA DA B . n 
C 3 1  DT 1  1  1  DT DT C . n 
C 3 2  DC 2  2  2  DC DC C . n 
C 3 3  DT 3  3  3  DT DT C . n 
C 3 4  DG 4  4  4  DG DG C . n 
C 3 5  DA 5  5  5  DA DA C . n 
C 3 6  DG 6  6  6  DG DG C . n 
C 3 7  DT 7  7  7  DT DT C . n 
C 3 8  DG 8  8  8  DG DG C . n 
C 3 9  DC 9  9  9  DC DC C . n 
D 4 1  DG 1  10 10 DG DG D . n 
D 4 2  DG 2  11 11 DG DG D . n 
D 4 3  DT 3  12 12 DT DT D . n 
D 4 4  DC 4  13 13 DC DC D . n 
D 4 5  DT 5  14 14 DT DT D . n 
D 4 6  DG 6  15 15 DG DG D . n 
D 4 7  DC 7  16 16 DC DC D . n 
# 
loop_
_pdbx_nonpoly_scheme.asym_id 
_pdbx_nonpoly_scheme.entity_id 
_pdbx_nonpoly_scheme.mon_id 
_pdbx_nonpoly_scheme.ndb_seq_num 
_pdbx_nonpoly_scheme.pdb_seq_num 
_pdbx_nonpoly_scheme.auth_seq_num 
_pdbx_nonpoly_scheme.pdb_mon_id 
_pdbx_nonpoly_scheme.auth_mon_id 
_pdbx_nonpoly_scheme.pdb_strand_id 
_pdbx_nonpoly_scheme.pdb_ins_code 
E 5 CAC 1 101 1 CAC AS B . 
F 6 MG  1 101 1 MG  MG C . 
G 5 CAC 1 101 2 CAC AS D . 
# 
_pdbx_struct_assembly.id                   1 
_pdbx_struct_assembly.details              author_defined_assembly 
_pdbx_struct_assembly.method_details       ? 
_pdbx_struct_assembly.oligomeric_details   tetrameric 
_pdbx_struct_assembly.oligomeric_count     4 
# 
_pdbx_struct_assembly_gen.assembly_id       1 
_pdbx_struct_assembly_gen.oper_expression   1 
_pdbx_struct_assembly_gen.asym_id_list      A,B,C,D,E,F,G 
# 
_pdbx_struct_oper_list.id                   1 
_pdbx_struct_oper_list.type                 'identity operation' 
_pdbx_struct_oper_list.name                 1_555 
_pdbx_struct_oper_list.symmetry_operation   x,y,z 
_pdbx_struct_oper_list.matrix[1][1]         1.0000000000 
_pdbx_struct_oper_list.matrix[1][2]         0.0000000000 
_pdbx_struct_oper_list.matrix[1][3]         0.0000000000 
_pdbx_struct_oper_list.vector[1]            0.0000000000 
_pdbx_struct_oper_list.matrix[2][1]         0.0000000000 
_pdbx_struct_oper_list.matrix[2][2]         1.0000000000 
_pdbx_struct_oper_list.matrix[2][3]         0.0000000000 
_pdbx_struct_oper_list.vector[2]            0.0000000000 
_pdbx_struct_oper_list.matrix[3][1]         0.0000000000 
_pdbx_struct_oper_list.matrix[3][2]         0.0000000000 
_pdbx_struct_oper_list.matrix[3][3]         1.0000000000 
_pdbx_struct_oper_list.vector[3]            0.0000000000 
# 
loop_
_pdbx_audit_revision_history.ordinal 
_pdbx_audit_revision_history.data_content_type 
_pdbx_audit_revision_history.major_revision 
_pdbx_audit_revision_history.minor_revision 
_pdbx_audit_revision_history.revision_date 
1 'Structure model' 1 0 2021-07-14 
2 'Structure model' 1 1 2022-07-06 
3 'Structure model' 1 2 2023-10-18 
# 
_pdbx_audit_revision_details.ordinal             1 
_pdbx_audit_revision_details.revision_ordinal    1 
_pdbx_audit_revision_details.data_content_type   'Structure model' 
_pdbx_audit_revision_details.provider            repository 
_pdbx_audit_revision_details.type                'Initial release' 
_pdbx_audit_revision_details.description         ? 
_pdbx_audit_revision_details.details             ? 
# 
loop_
_pdbx_audit_revision_group.ordinal 
_pdbx_audit_revision_group.revision_ordinal 
_pdbx_audit_revision_group.data_content_type 
_pdbx_audit_revision_group.group 
1 2 'Structure model' 'Database references'    
2 3 'Structure model' 'Data collection'        
3 3 'Structure model' 'Refinement description' 
# 
loop_
_pdbx_audit_revision_category.ordinal 
_pdbx_audit_revision_category.revision_ordinal 
_pdbx_audit_revision_category.data_content_type 
_pdbx_audit_revision_category.category 
1 2 'Structure model' citation                      
2 2 'Structure model' citation_author               
3 2 'Structure model' database_2                    
4 3 'Structure model' chem_comp_atom                
5 3 'Structure model' chem_comp_bond                
6 3 'Structure model' pdbx_initial_refinement_model 
# 
loop_
_pdbx_audit_revision_item.ordinal 
_pdbx_audit_revision_item.revision_ordinal 
_pdbx_audit_revision_item.data_content_type 
_pdbx_audit_revision_item.item 
1  2 'Structure model' '_citation.country'                   
2  2 'Structure model' '_citation.journal_abbrev'            
3  2 'Structure model' '_citation.journal_id_CSD'            
4  2 'Structure model' '_citation.journal_id_ISSN'           
5  2 'Structure model' '_citation.journal_volume'            
6  2 'Structure model' '_citation.page_first'                
7  2 'Structure model' '_citation.page_last'                 
8  2 'Structure model' '_citation.pdbx_database_id_DOI'      
9  2 'Structure model' '_citation.pdbx_database_id_PubMed'   
10 2 'Structure model' '_citation.title'                     
11 2 'Structure model' '_citation.year'                      
12 2 'Structure model' '_database_2.pdbx_DOI'                
13 2 'Structure model' '_database_2.pdbx_database_accession' 
# 
loop_
_software.citation_id 
_software.classification 
_software.compiler_name 
_software.compiler_version 
_software.contact_author 
_software.contact_author_email 
_software.date 
_software.description 
_software.dependencies 
_software.hardware 
_software.language 
_software.location 
_software.mods 
_software.name 
_software.os 
_software.os_version 
_software.type 
_software.version 
_software.pdbx_ordinal 
? 'data reduction'  ? ? ? ? ? ? ? ? ? ? ? HKL-2000    ? ? ? .           1 
? 'data scaling'    ? ? ? ? ? ? ? ? ? ? ? HKL-2000    ? ? ? .           2 
? refinement        ? ? ? ? ? ? ? ? ? ? ? PHENIX      ? ? ? 1.11.1_2575 3 
? 'data extraction' ? ? ? ? ? ? ? ? ? ? ? PDB_EXTRACT ? ? ? 3.25        4 
? phasing           ? ? ? ? ? ? ? ? ? ? ? PHASER      ? ? ? .           5 
# 
_pdbx_entry_details.entry_id                 6WSW 
_pdbx_entry_details.has_ligand_of_interest   N 
_pdbx_entry_details.compound_details         ? 
_pdbx_entry_details.source_details           ? 
_pdbx_entry_details.nonpolymer_details       ? 
_pdbx_entry_details.sequence_details         ? 
# 
_pdbx_validate_symm_contact.id                1 
_pdbx_validate_symm_contact.PDB_model_num     1 
_pdbx_validate_symm_contact.auth_atom_id_1    "O5'" 
_pdbx_validate_symm_contact.auth_asym_id_1    C 
_pdbx_validate_symm_contact.auth_comp_id_1    DT 
_pdbx_validate_symm_contact.auth_seq_id_1     1 
_pdbx_validate_symm_contact.PDB_ins_code_1    ? 
_pdbx_validate_symm_contact.label_alt_id_1    ? 
_pdbx_validate_symm_contact.site_symmetry_1   1_555 
_pdbx_validate_symm_contact.auth_atom_id_2    "O3'" 
_pdbx_validate_symm_contact.auth_asym_id_2    D 
_pdbx_validate_symm_contact.auth_comp_id_2    DC 
_pdbx_validate_symm_contact.auth_seq_id_2     16 
_pdbx_validate_symm_contact.PDB_ins_code_2    ? 
_pdbx_validate_symm_contact.label_alt_id_2    ? 
_pdbx_validate_symm_contact.site_symmetry_2   1_665 
_pdbx_validate_symm_contact.dist              2.18 
# 
_pdbx_validate_rmsd_angle.id                         1 
_pdbx_validate_rmsd_angle.PDB_model_num              1 
_pdbx_validate_rmsd_angle.auth_atom_id_1             "O4'" 
_pdbx_validate_rmsd_angle.auth_asym_id_1             B 
_pdbx_validate_rmsd_angle.auth_comp_id_1             DA 
_pdbx_validate_rmsd_angle.auth_seq_id_1              5 
_pdbx_validate_rmsd_angle.PDB_ins_code_1             ? 
_pdbx_validate_rmsd_angle.label_alt_id_1             ? 
_pdbx_validate_rmsd_angle.auth_atom_id_2             "C1'" 
_pdbx_validate_rmsd_angle.auth_asym_id_2             B 
_pdbx_validate_rmsd_angle.auth_comp_id_2             DA 
_pdbx_validate_rmsd_angle.auth_seq_id_2              5 
_pdbx_validate_rmsd_angle.PDB_ins_code_2             ? 
_pdbx_validate_rmsd_angle.label_alt_id_2             ? 
_pdbx_validate_rmsd_angle.auth_atom_id_3             N9 
_pdbx_validate_rmsd_angle.auth_asym_id_3             B 
_pdbx_validate_rmsd_angle.auth_comp_id_3             DA 
_pdbx_validate_rmsd_angle.auth_seq_id_3              5 
_pdbx_validate_rmsd_angle.PDB_ins_code_3             ? 
_pdbx_validate_rmsd_angle.label_alt_id_3             ? 
_pdbx_validate_rmsd_angle.angle_value                110.19 
_pdbx_validate_rmsd_angle.angle_target_value         108.30 
_pdbx_validate_rmsd_angle.angle_deviation            1.89 
_pdbx_validate_rmsd_angle.angle_standard_deviation   0.30 
_pdbx_validate_rmsd_angle.linker_flag                N 
# 
loop_
_pdbx_unobs_or_zero_occ_atoms.id 
_pdbx_unobs_or_zero_occ_atoms.PDB_model_num 
_pdbx_unobs_or_zero_occ_atoms.polymer_flag 
_pdbx_unobs_or_zero_occ_atoms.occupancy_flag 
_pdbx_unobs_or_zero_occ_atoms.auth_asym_id 
_pdbx_unobs_or_zero_occ_atoms.auth_comp_id 
_pdbx_unobs_or_zero_occ_atoms.auth_seq_id 
_pdbx_unobs_or_zero_occ_atoms.PDB_ins_code 
_pdbx_unobs_or_zero_occ_atoms.auth_atom_id 
_pdbx_unobs_or_zero_occ_atoms.label_alt_id 
_pdbx_unobs_or_zero_occ_atoms.label_asym_id 
_pdbx_unobs_or_zero_occ_atoms.label_comp_id 
_pdbx_unobs_or_zero_occ_atoms.label_seq_id 
_pdbx_unobs_or_zero_occ_atoms.label_atom_id 
1 1 N 1 B CAC 101 ? O1 ? E CAC 1 O1 
2 1 N 1 B CAC 101 ? O2 ? E CAC 1 O2 
3 1 N 1 B CAC 101 ? C1 ? E CAC 1 C1 
4 1 N 1 B CAC 101 ? C2 ? E CAC 1 C2 
5 1 N 1 D CAC 101 ? O1 ? G CAC 1 O1 
6 1 N 1 D CAC 101 ? O2 ? G CAC 1 O2 
7 1 N 1 D CAC 101 ? C1 ? G CAC 1 C1 
8 1 N 1 D CAC 101 ? C2 ? G CAC 1 C2 
# 
loop_
_chem_comp_atom.comp_id 
_chem_comp_atom.atom_id 
_chem_comp_atom.type_symbol 
_chem_comp_atom.pdbx_aromatic_flag 
_chem_comp_atom.pdbx_stereo_config 
_chem_comp_atom.pdbx_ordinal 
CAC AS     AS N N 1   
CAC O1     O  N N 2   
CAC O2     O  N N 3   
CAC C1     C  N N 4   
CAC C2     C  N N 5   
CAC H11    H  N N 6   
CAC H12    H  N N 7   
CAC H13    H  N N 8   
CAC H21    H  N N 9   
CAC H22    H  N N 10  
CAC H23    H  N N 11  
DA  OP3    O  N N 12  
DA  P      P  N N 13  
DA  OP1    O  N N 14  
DA  OP2    O  N N 15  
DA  "O5'"  O  N N 16  
DA  "C5'"  C  N N 17  
DA  "C4'"  C  N R 18  
DA  "O4'"  O  N N 19  
DA  "C3'"  C  N S 20  
DA  "O3'"  O  N N 21  
DA  "C2'"  C  N N 22  
DA  "C1'"  C  N R 23  
DA  N9     N  Y N 24  
DA  C8     C  Y N 25  
DA  N7     N  Y N 26  
DA  C5     C  Y N 27  
DA  C6     C  Y N 28  
DA  N6     N  N N 29  
DA  N1     N  Y N 30  
DA  C2     C  Y N 31  
DA  N3     N  Y N 32  
DA  C4     C  Y N 33  
DA  HOP3   H  N N 34  
DA  HOP2   H  N N 35  
DA  "H5'"  H  N N 36  
DA  "H5''" H  N N 37  
DA  "H4'"  H  N N 38  
DA  "H3'"  H  N N 39  
DA  "HO3'" H  N N 40  
DA  "H2'"  H  N N 41  
DA  "H2''" H  N N 42  
DA  "H1'"  H  N N 43  
DA  H8     H  N N 44  
DA  H61    H  N N 45  
DA  H62    H  N N 46  
DA  H2     H  N N 47  
DC  OP3    O  N N 48  
DC  P      P  N N 49  
DC  OP1    O  N N 50  
DC  OP2    O  N N 51  
DC  "O5'"  O  N N 52  
DC  "C5'"  C  N N 53  
DC  "C4'"  C  N R 54  
DC  "O4'"  O  N N 55  
DC  "C3'"  C  N S 56  
DC  "O3'"  O  N N 57  
DC  "C2'"  C  N N 58  
DC  "C1'"  C  N R 59  
DC  N1     N  N N 60  
DC  C2     C  N N 61  
DC  O2     O  N N 62  
DC  N3     N  N N 63  
DC  C4     C  N N 64  
DC  N4     N  N N 65  
DC  C5     C  N N 66  
DC  C6     C  N N 67  
DC  HOP3   H  N N 68  
DC  HOP2   H  N N 69  
DC  "H5'"  H  N N 70  
DC  "H5''" H  N N 71  
DC  "H4'"  H  N N 72  
DC  "H3'"  H  N N 73  
DC  "HO3'" H  N N 74  
DC  "H2'"  H  N N 75  
DC  "H2''" H  N N 76  
DC  "H1'"  H  N N 77  
DC  H41    H  N N 78  
DC  H42    H  N N 79  
DC  H5     H  N N 80  
DC  H6     H  N N 81  
DG  OP3    O  N N 82  
DG  P      P  N N 83  
DG  OP1    O  N N 84  
DG  OP2    O  N N 85  
DG  "O5'"  O  N N 86  
DG  "C5'"  C  N N 87  
DG  "C4'"  C  N R 88  
DG  "O4'"  O  N N 89  
DG  "C3'"  C  N S 90  
DG  "O3'"  O  N N 91  
DG  "C2'"  C  N N 92  
DG  "C1'"  C  N R 93  
DG  N9     N  Y N 94  
DG  C8     C  Y N 95  
DG  N7     N  Y N 96  
DG  C5     C  Y N 97  
DG  C6     C  N N 98  
DG  O6     O  N N 99  
DG  N1     N  N N 100 
DG  C2     C  N N 101 
DG  N2     N  N N 102 
DG  N3     N  N N 103 
DG  C4     C  Y N 104 
DG  HOP3   H  N N 105 
DG  HOP2   H  N N 106 
DG  "H5'"  H  N N 107 
DG  "H5''" H  N N 108 
DG  "H4'"  H  N N 109 
DG  "H3'"  H  N N 110 
DG  "HO3'" H  N N 111 
DG  "H2'"  H  N N 112 
DG  "H2''" H  N N 113 
DG  "H1'"  H  N N 114 
DG  H8     H  N N 115 
DG  H1     H  N N 116 
DG  H21    H  N N 117 
DG  H22    H  N N 118 
DT  OP3    O  N N 119 
DT  P      P  N N 120 
DT  OP1    O  N N 121 
DT  OP2    O  N N 122 
DT  "O5'"  O  N N 123 
DT  "C5'"  C  N N 124 
DT  "C4'"  C  N R 125 
DT  "O4'"  O  N N 126 
DT  "C3'"  C  N S 127 
DT  "O3'"  O  N N 128 
DT  "C2'"  C  N N 129 
DT  "C1'"  C  N R 130 
DT  N1     N  N N 131 
DT  C2     C  N N 132 
DT  O2     O  N N 133 
DT  N3     N  N N 134 
DT  C4     C  N N 135 
DT  O4     O  N N 136 
DT  C5     C  N N 137 
DT  C7     C  N N 138 
DT  C6     C  N N 139 
DT  HOP3   H  N N 140 
DT  HOP2   H  N N 141 
DT  "H5'"  H  N N 142 
DT  "H5''" H  N N 143 
DT  "H4'"  H  N N 144 
DT  "H3'"  H  N N 145 
DT  "HO3'" H  N N 146 
DT  "H2'"  H  N N 147 
DT  "H2''" H  N N 148 
DT  "H1'"  H  N N 149 
DT  H3     H  N N 150 
DT  H71    H  N N 151 
DT  H72    H  N N 152 
DT  H73    H  N N 153 
DT  H6     H  N N 154 
MG  MG     MG N N 155 
# 
loop_
_chem_comp_bond.comp_id 
_chem_comp_bond.atom_id_1 
_chem_comp_bond.atom_id_2 
_chem_comp_bond.value_order 
_chem_comp_bond.pdbx_aromatic_flag 
_chem_comp_bond.pdbx_stereo_config 
_chem_comp_bond.pdbx_ordinal 
CAC AS    O1     doub N N 1   
CAC AS    O2     sing N N 2   
CAC AS    C1     sing N N 3   
CAC AS    C2     sing N N 4   
CAC C1    H11    sing N N 5   
CAC C1    H12    sing N N 6   
CAC C1    H13    sing N N 7   
CAC C2    H21    sing N N 8   
CAC C2    H22    sing N N 9   
CAC C2    H23    sing N N 10  
DA  OP3   P      sing N N 11  
DA  OP3   HOP3   sing N N 12  
DA  P     OP1    doub N N 13  
DA  P     OP2    sing N N 14  
DA  P     "O5'"  sing N N 15  
DA  OP2   HOP2   sing N N 16  
DA  "O5'" "C5'"  sing N N 17  
DA  "C5'" "C4'"  sing N N 18  
DA  "C5'" "H5'"  sing N N 19  
DA  "C5'" "H5''" sing N N 20  
DA  "C4'" "O4'"  sing N N 21  
DA  "C4'" "C3'"  sing N N 22  
DA  "C4'" "H4'"  sing N N 23  
DA  "O4'" "C1'"  sing N N 24  
DA  "C3'" "O3'"  sing N N 25  
DA  "C3'" "C2'"  sing N N 26  
DA  "C3'" "H3'"  sing N N 27  
DA  "O3'" "HO3'" sing N N 28  
DA  "C2'" "C1'"  sing N N 29  
DA  "C2'" "H2'"  sing N N 30  
DA  "C2'" "H2''" sing N N 31  
DA  "C1'" N9     sing N N 32  
DA  "C1'" "H1'"  sing N N 33  
DA  N9    C8     sing Y N 34  
DA  N9    C4     sing Y N 35  
DA  C8    N7     doub Y N 36  
DA  C8    H8     sing N N 37  
DA  N7    C5     sing Y N 38  
DA  C5    C6     sing Y N 39  
DA  C5    C4     doub Y N 40  
DA  C6    N6     sing N N 41  
DA  C6    N1     doub Y N 42  
DA  N6    H61    sing N N 43  
DA  N6    H62    sing N N 44  
DA  N1    C2     sing Y N 45  
DA  C2    N3     doub Y N 46  
DA  C2    H2     sing N N 47  
DA  N3    C4     sing Y N 48  
DC  OP3   P      sing N N 49  
DC  OP3   HOP3   sing N N 50  
DC  P     OP1    doub N N 51  
DC  P     OP2    sing N N 52  
DC  P     "O5'"  sing N N 53  
DC  OP2   HOP2   sing N N 54  
DC  "O5'" "C5'"  sing N N 55  
DC  "C5'" "C4'"  sing N N 56  
DC  "C5'" "H5'"  sing N N 57  
DC  "C5'" "H5''" sing N N 58  
DC  "C4'" "O4'"  sing N N 59  
DC  "C4'" "C3'"  sing N N 60  
DC  "C4'" "H4'"  sing N N 61  
DC  "O4'" "C1'"  sing N N 62  
DC  "C3'" "O3'"  sing N N 63  
DC  "C3'" "C2'"  sing N N 64  
DC  "C3'" "H3'"  sing N N 65  
DC  "O3'" "HO3'" sing N N 66  
DC  "C2'" "C1'"  sing N N 67  
DC  "C2'" "H2'"  sing N N 68  
DC  "C2'" "H2''" sing N N 69  
DC  "C1'" N1     sing N N 70  
DC  "C1'" "H1'"  sing N N 71  
DC  N1    C2     sing N N 72  
DC  N1    C6     sing N N 73  
DC  C2    O2     doub N N 74  
DC  C2    N3     sing N N 75  
DC  N3    C4     doub N N 76  
DC  C4    N4     sing N N 77  
DC  C4    C5     sing N N 78  
DC  N4    H41    sing N N 79  
DC  N4    H42    sing N N 80  
DC  C5    C6     doub N N 81  
DC  C5    H5     sing N N 82  
DC  C6    H6     sing N N 83  
DG  OP3   P      sing N N 84  
DG  OP3   HOP3   sing N N 85  
DG  P     OP1    doub N N 86  
DG  P     OP2    sing N N 87  
DG  P     "O5'"  sing N N 88  
DG  OP2   HOP2   sing N N 89  
DG  "O5'" "C5'"  sing N N 90  
DG  "C5'" "C4'"  sing N N 91  
DG  "C5'" "H5'"  sing N N 92  
DG  "C5'" "H5''" sing N N 93  
DG  "C4'" "O4'"  sing N N 94  
DG  "C4'" "C3'"  sing N N 95  
DG  "C4'" "H4'"  sing N N 96  
DG  "O4'" "C1'"  sing N N 97  
DG  "C3'" "O3'"  sing N N 98  
DG  "C3'" "C2'"  sing N N 99  
DG  "C3'" "H3'"  sing N N 100 
DG  "O3'" "HO3'" sing N N 101 
DG  "C2'" "C1'"  sing N N 102 
DG  "C2'" "H2'"  sing N N 103 
DG  "C2'" "H2''" sing N N 104 
DG  "C1'" N9     sing N N 105 
DG  "C1'" "H1'"  sing N N 106 
DG  N9    C8     sing Y N 107 
DG  N9    C4     sing Y N 108 
DG  C8    N7     doub Y N 109 
DG  C8    H8     sing N N 110 
DG  N7    C5     sing Y N 111 
DG  C5    C6     sing N N 112 
DG  C5    C4     doub Y N 113 
DG  C6    O6     doub N N 114 
DG  C6    N1     sing N N 115 
DG  N1    C2     sing N N 116 
DG  N1    H1     sing N N 117 
DG  C2    N2     sing N N 118 
DG  C2    N3     doub N N 119 
DG  N2    H21    sing N N 120 
DG  N2    H22    sing N N 121 
DG  N3    C4     sing N N 122 
DT  OP3   P      sing N N 123 
DT  OP3   HOP3   sing N N 124 
DT  P     OP1    doub N N 125 
DT  P     OP2    sing N N 126 
DT  P     "O5'"  sing N N 127 
DT  OP2   HOP2   sing N N 128 
DT  "O5'" "C5'"  sing N N 129 
DT  "C5'" "C4'"  sing N N 130 
DT  "C5'" "H5'"  sing N N 131 
DT  "C5'" "H5''" sing N N 132 
DT  "C4'" "O4'"  sing N N 133 
DT  "C4'" "C3'"  sing N N 134 
DT  "C4'" "H4'"  sing N N 135 
DT  "O4'" "C1'"  sing N N 136 
DT  "C3'" "O3'"  sing N N 137 
DT  "C3'" "C2'"  sing N N 138 
DT  "C3'" "H3'"  sing N N 139 
DT  "O3'" "HO3'" sing N N 140 
DT  "C2'" "C1'"  sing N N 141 
DT  "C2'" "H2'"  sing N N 142 
DT  "C2'" "H2''" sing N N 143 
DT  "C1'" N1     sing N N 144 
DT  "C1'" "H1'"  sing N N 145 
DT  N1    C2     sing N N 146 
DT  N1    C6     sing N N 147 
DT  C2    O2     doub N N 148 
DT  C2    N3     sing N N 149 
DT  N3    C4     sing N N 150 
DT  N3    H3     sing N N 151 
DT  C4    O4     doub N N 152 
DT  C4    C5     sing N N 153 
DT  C5    C7     sing N N 154 
DT  C5    C6     doub N N 155 
DT  C7    H71    sing N N 156 
DT  C7    H72    sing N N 157 
DT  C7    H73    sing N N 158 
DT  C6    H6     sing N N 159 
# 
loop_
_ndb_struct_conf_na.entry_id 
_ndb_struct_conf_na.feature 
6WSW 'double helix'        
6WSW 'a-form double helix' 
6WSW 'b-form double helix' 
# 
loop_
_ndb_struct_na_base_pair.model_number 
_ndb_struct_na_base_pair.i_label_asym_id 
_ndb_struct_na_base_pair.i_label_comp_id 
_ndb_struct_na_base_pair.i_label_seq_id 
_ndb_struct_na_base_pair.i_symmetry 
_ndb_struct_na_base_pair.j_label_asym_id 
_ndb_struct_na_base_pair.j_label_comp_id 
_ndb_struct_na_base_pair.j_label_seq_id 
_ndb_struct_na_base_pair.j_symmetry 
_ndb_struct_na_base_pair.shear 
_ndb_struct_na_base_pair.stretch 
_ndb_struct_na_base_pair.stagger 
_ndb_struct_na_base_pair.buckle 
_ndb_struct_na_base_pair.propeller 
_ndb_struct_na_base_pair.opening 
_ndb_struct_na_base_pair.pair_number 
_ndb_struct_na_base_pair.pair_name 
_ndb_struct_na_base_pair.i_auth_asym_id 
_ndb_struct_na_base_pair.i_auth_seq_id 
_ndb_struct_na_base_pair.i_PDB_ins_code 
_ndb_struct_na_base_pair.j_auth_asym_id 
_ndb_struct_na_base_pair.j_auth_seq_id 
_ndb_struct_na_base_pair.j_PDB_ins_code 
_ndb_struct_na_base_pair.hbond_type_28 
_ndb_struct_na_base_pair.hbond_type_12 
1 A DG 3  1_555 D DC 7 1_555 -0.177 -0.221 0.681  -1.962 -4.590  0.148   1  A_DG3:DC16_D A 3  ? D 16 ? 19 1 
1 A DC 4  1_555 D DG 6 1_555 0.141  -0.201 0.749  -3.614 -3.767  -2.171  2  A_DC4:DG15_D A 4  ? D 15 ? 19 1 
1 A DA 5  1_555 D DT 5 1_555 0.125  -0.207 0.707  -1.085 -2.708  -0.411  3  A_DA5:DT14_D A 5  ? D 14 ? 20 1 
1 A DG 6  1_555 D DC 4 1_555 -0.168 -0.136 0.232  0.902  -5.051  -1.223  4  A_DG6:DC13_D A 6  ? D 13 ? 19 1 
1 A DA 7  1_555 D DT 3 1_555 0.145  -0.033 -0.092 -2.770 -5.923  -6.829  5  A_DA7:DT12_D A 7  ? D 12 ? 20 1 
1 A DC 8  1_555 D DG 2 1_555 0.208  -0.124 0.071  -1.497 -7.456  0.527   6  A_DC8:DG11_D A 8  ? D 11 ? 19 1 
1 A DC 9  1_555 D DG 1 1_555 0.175  -0.125 0.216  -3.006 -7.952  -0.567  7  A_DC9:DG10_D A 9  ? D 10 ? 19 1 
1 A DT 10 1_555 B DA 5 1_555 -0.112 -0.177 0.344  -0.193 -0.818  1.366   8  A_DT10:DA5_B A 10 ? B 5  ? 20 1 
1 A DG 11 1_555 B DC 4 1_555 -0.187 -0.177 0.376  -0.837 -4.317  -0.314  9  A_DG11:DC4_B A 11 ? B 4  ? 19 1 
1 A DA 12 1_555 B DT 3 1_555 0.161  -0.138 0.014  0.337  -4.253  -2.086  10 A_DA12:DT3_B A 12 ? B 3  ? 20 1 
1 A DC 13 1_555 B DG 2 1_555 0.212  -0.140 0.292  -0.551 -5.242  0.584   11 A_DC13:DG2_B A 13 ? B 2  ? 19 1 
1 A DT 14 1_555 B DA 1 1_555 -0.292 -0.196 0.655  -1.152 -10.700 -6.845  12 A_DT14:DA1_B A 14 ? B 1  ? 20 1 
1 A DG 15 1_555 C DC 9 1_555 -0.216 -0.176 0.300  -3.637 -0.749  1.113   13 A_DG15:DC9_C A 15 ? C 9  ? 19 1 
1 A DC 16 1_555 C DG 8 1_555 0.191  -0.232 0.682  -0.110 -4.397  0.085   14 A_DC16:DG8_C A 16 ? C 8  ? 19 1 
1 A DA 17 1_555 C DT 7 1_555 0.208  -0.030 0.218  -1.184 -9.014  -5.085  15 A_DA17:DT7_C A 17 ? C 7  ? 20 1 
1 A DC 18 1_555 C DG 6 1_555 0.169  -0.111 -0.404 3.184  -6.428  -0.668  16 A_DC18:DG6_C A 18 ? C 6  ? 19 1 
1 A DT 19 1_555 C DA 5 1_555 -0.109 -0.180 -0.833 11.595 -10.424 5.321   17 A_DT19:DA5_C A 19 ? C 5  ? 20 1 
1 A DC 20 1_555 C DG 4 1_555 -0.696 0.623  -1.197 10.714 -20.616 -13.479 18 A_DC20:DG4_C A 20 ? C 4  ? ?  ? 
# 
loop_
_ndb_struct_na_base_pair_step.model_number 
_ndb_struct_na_base_pair_step.i_label_asym_id_1 
_ndb_struct_na_base_pair_step.i_label_comp_id_1 
_ndb_struct_na_base_pair_step.i_label_seq_id_1 
_ndb_struct_na_base_pair_step.i_symmetry_1 
_ndb_struct_na_base_pair_step.j_label_asym_id_1 
_ndb_struct_na_base_pair_step.j_label_comp_id_1 
_ndb_struct_na_base_pair_step.j_label_seq_id_1 
_ndb_struct_na_base_pair_step.j_symmetry_1 
_ndb_struct_na_base_pair_step.i_label_asym_id_2 
_ndb_struct_na_base_pair_step.i_label_comp_id_2 
_ndb_struct_na_base_pair_step.i_label_seq_id_2 
_ndb_struct_na_base_pair_step.i_symmetry_2 
_ndb_struct_na_base_pair_step.j_label_asym_id_2 
_ndb_struct_na_base_pair_step.j_label_comp_id_2 
_ndb_struct_na_base_pair_step.j_label_seq_id_2 
_ndb_struct_na_base_pair_step.j_symmetry_2 
_ndb_struct_na_base_pair_step.shift 
_ndb_struct_na_base_pair_step.slide 
_ndb_struct_na_base_pair_step.rise 
_ndb_struct_na_base_pair_step.tilt 
_ndb_struct_na_base_pair_step.roll 
_ndb_struct_na_base_pair_step.twist 
_ndb_struct_na_base_pair_step.x_displacement 
_ndb_struct_na_base_pair_step.y_displacement 
_ndb_struct_na_base_pair_step.helical_rise 
_ndb_struct_na_base_pair_step.inclination 
_ndb_struct_na_base_pair_step.tip 
_ndb_struct_na_base_pair_step.helical_twist 
_ndb_struct_na_base_pair_step.step_number 
_ndb_struct_na_base_pair_step.step_name 
_ndb_struct_na_base_pair_step.i_auth_asym_id_1 
_ndb_struct_na_base_pair_step.i_auth_seq_id_1 
_ndb_struct_na_base_pair_step.i_PDB_ins_code_1 
_ndb_struct_na_base_pair_step.j_auth_asym_id_1 
_ndb_struct_na_base_pair_step.j_auth_seq_id_1 
_ndb_struct_na_base_pair_step.j_PDB_ins_code_1 
_ndb_struct_na_base_pair_step.i_auth_asym_id_2 
_ndb_struct_na_base_pair_step.i_auth_seq_id_2 
_ndb_struct_na_base_pair_step.i_PDB_ins_code_2 
_ndb_struct_na_base_pair_step.j_auth_asym_id_2 
_ndb_struct_na_base_pair_step.j_auth_seq_id_2 
_ndb_struct_na_base_pair_step.j_PDB_ins_code_2 
1 A DG 3  1_555 D DC 7 1_555 A DC 4  1_555 D DG 6 1_555 0.127  -0.615 3.364 -2.531 -0.918 35.301 -0.873 -0.592 3.361 -1.512 4.166  
35.400 1  AA_DG3DC4:DG15DC16_DD A 3  ? D 16 ? A 4  ? D 15 ? 
1 A DC 4  1_555 D DG 6 1_555 A DA 5  1_555 D DT 5 1_555 -0.315 -0.087 3.293 -1.142 2.187  35.817 -0.456 0.346  3.291 3.551  1.855  
35.899 2  AA_DC4DA5:DT14DG15_DD A 4  ? D 15 ? A 5  ? D 14 ? 
1 A DA 5  1_555 D DT 5 1_555 A DG 6  1_555 D DC 4 1_555 -0.467 -0.587 3.327 -1.300 1.925  30.755 -1.484 0.622  3.302 3.624  2.447  
30.840 3  AA_DA5DG6:DC13DT14_DD A 5  ? D 14 ? A 6  ? D 13 ? 
1 A DG 6  1_555 D DC 4 1_555 A DA 7  1_555 D DT 3 1_555 -0.300 -1.037 3.287 -0.753 0.251  36.241 -1.701 0.376  3.285 0.403  1.210  
36.249 4  AA_DG6DA7:DT12DC13_DD A 6  ? D 13 ? A 7  ? D 12 ? 
1 A DA 7  1_555 D DT 3 1_555 A DC 8  1_555 D DG 2 1_555 0.742  -0.919 3.251 -3.776 1.487  29.372 -2.102 -2.225 3.084 2.915  7.401  
29.645 5  AA_DA7DC8:DG11DT12_DD A 7  ? D 12 ? A 8  ? D 11 ? 
1 A DC 8  1_555 D DG 2 1_555 A DC 9  1_555 D DG 1 1_555 -0.046 -1.131 3.300 -4.512 -0.068 34.336 -1.890 -0.625 3.281 -0.114 7.601  
34.622 6  AA_DC8DC9:DG10DG11_DD A 8  ? D 11 ? A 9  ? D 10 ? 
1 A DC 9  1_555 D DG 1 1_555 A DT 10 1_555 B DA 5 1_555 -0.899 -1.453 3.228 -1.842 0.145  28.217 -3.007 1.415  3.271 0.296  3.773  
28.277 7  AA_DC9DT10:DA5DG10_BD A 9  ? D 10 ? A 10 ? B 5  ? 
1 A DT 10 1_555 B DA 5 1_555 A DG 11 1_555 B DC 4 1_555 -0.614 0.850  3.528 -3.712 2.470  36.398 0.980  0.419  3.619 3.935  5.915  
36.661 8  AA_DT10DG11:DC4DA5_BB A 10 ? B 5  ? A 11 ? B 4  ? 
1 A DG 11 1_555 B DC 4 1_555 A DA 12 1_555 B DT 3 1_555 -0.051 -0.531 3.316 -1.209 0.802  36.678 -0.953 -0.086 3.304 1.274  1.920  
36.706 9  AA_DG11DA12:DT3DC4_BB A 11 ? B 4  ? A 12 ? B 3  ? 
1 A DA 12 1_555 B DT 3 1_555 A DC 13 1_555 B DG 2 1_555 0.516  -1.065 3.241 -3.169 -1.391 33.726 -1.605 -1.389 3.220 -2.390 5.444  
33.898 10 AA_DA12DC13:DG2DT3_BB A 12 ? B 3  ? A 13 ? B 2  ? 
1 A DC 13 1_555 B DG 2 1_555 A DT 14 1_555 B DA 1 1_555 -0.847 -1.385 3.316 -4.979 -0.878 31.335 -2.365 0.598  3.442 -1.612 9.143  
31.730 11 AA_DC13DT14:DA1DG2_BB A 13 ? B 2  ? A 14 ? B 1  ? 
1 A DT 14 1_555 B DA 1 1_555 A DG 15 1_555 C DC 9 1_555 -0.418 -0.631 3.057 0.989  -2.729 32.707 -0.676 0.899  3.084 -4.835 -1.753 
32.832 12 AA_DT14DG15:DC9DA1_CB A 14 ? B 1  ? A 15 ? C 9  ? 
1 A DG 15 1_555 C DC 9 1_555 A DC 16 1_555 C DG 8 1_555 -0.909 -0.024 3.319 -2.424 3.319  29.174 -0.774 1.257  3.358 6.547  4.783  
29.456 13 AA_DG15DC16:DG8DC9_CC A 15 ? C 9  ? A 16 ? C 8  ? 
1 A DC 16 1_555 C DG 8 1_555 A DA 17 1_555 C DT 7 1_555 -0.411 0.886  3.407 -0.846 0.024  45.010 1.155  0.457  3.414 0.032  1.104  
45.017 14 AA_DC16DA17:DT7DG8_CC A 16 ? C 8  ? A 17 ? C 7  ? 
1 A DA 17 1_555 C DT 7 1_555 A DC 18 1_555 C DG 6 1_555 -0.039 -0.589 3.189 1.947  -0.303 31.584 -1.025 0.423  3.187 -0.555 -3.573 
31.643 15 AA_DA17DC18:DG6DT7_CC A 17 ? C 7  ? A 18 ? C 6  ? 
1 A DC 18 1_555 C DG 6 1_555 A DT 19 1_555 C DA 5 1_555 -0.090 -0.056 3.069 5.540  1.318  33.738 -0.289 0.972  3.012 2.251  -9.461 
34.202 16 AA_DC18DT19:DA5DG6_CC A 18 ? C 6  ? A 19 ? C 5  ? 
1 A DT 19 1_555 C DA 5 1_555 A DC 20 1_555 C DG 4 1_555 0.065  0.890  3.732 3.470  -0.227 35.667 1.484  0.462  3.716 -0.369 -5.648 
35.831 17 AA_DT19DC20:DG4DA5_CC A 19 ? C 5  ? A 20 ? C 4  ? 
# 
loop_
_pdbx_audit_support.funding_organization 
_pdbx_audit_support.country 
_pdbx_audit_support.grant_number 
_pdbx_audit_support.ordinal 
'National Science Foundation (NSF, United States)'                                         'United States' 1360635     1 
'National Institutes of Health/National Institute of General Medical Sciences (NIH/NIGMS)' 'United States' R01GM104960 2 
'National Science Foundation (NSF, United States)'                                         'United States' NSF2004250  3 
# 
loop_
_pdbx_entity_nonpoly.entity_id 
_pdbx_entity_nonpoly.name 
_pdbx_entity_nonpoly.comp_id 
5 'CACODYLATE ION' CAC 
6 'MAGNESIUM ION'  MG  
# 
_pdbx_initial_refinement_model.id               1 
_pdbx_initial_refinement_model.entity_id_list   ? 
_pdbx_initial_refinement_model.type             'experimental model' 
_pdbx_initial_refinement_model.source_name      PDB 
_pdbx_initial_refinement_model.accession_code   5KEK 
_pdbx_initial_refinement_model.details          ? 
# 
_pdbx_struct_assembly_auth_evidence.id                     1 
_pdbx_struct_assembly_auth_evidence.assembly_id            1 
_pdbx_struct_assembly_auth_evidence.experimental_support   none 
_pdbx_struct_assembly_auth_evidence.details                ? 
# 
